data_4D74
# 
_entry.id   4D74 
# 
_audit_conform.dict_name       mmcif_pdbx.dic 
_audit_conform.dict_version    5.383 
_audit_conform.dict_location   http://mmcif.pdb.org/dictionaries/ascii/mmcif_pdbx.dic 
# 
loop_
_database_2.database_id 
_database_2.database_code 
_database_2.pdbx_database_accession 
_database_2.pdbx_DOI 
PDB   4D74         pdb_00004d74 10.2210/pdb4d74/pdb 
PDBE  EBI-62346    ?            ?                   
WWPDB D_1290062346 ?            ?                   
# 
_pdbx_database_status.status_code                     REL 
_pdbx_database_status.entry_id                        4D74 
_pdbx_database_status.deposit_site                    PDBE 
_pdbx_database_status.process_site                    PDBE 
_pdbx_database_status.SG_entry                        . 
_pdbx_database_status.recvd_initial_deposition_date   2014-11-19 
_pdbx_database_status.pdb_format_compatible           Y 
_pdbx_database_status.status_code_sf                  REL 
_pdbx_database_status.status_code_mr                  ? 
_pdbx_database_status.status_code_cs                  ? 
_pdbx_database_status.methods_development_category    ? 
_pdbx_database_status.status_code_nmr_data            ? 
# 
loop_
_audit_author.name 
_audit_author.pdbx_ordinal 
'Benini, S.'          1 
'Salomone-Stagni, M.' 2 
'Caputi, L.'          3 
'Cianci, M.'          4 
# 
loop_
_citation.id 
_citation.title 
_citation.journal_abbrev 
_citation.journal_volume 
_citation.page_first 
_citation.page_last 
_citation.year 
_citation.journal_id_ASTM 
_citation.country 
_citation.journal_id_ISSN 
_citation.journal_id_CSD 
_citation.book_publisher 
_citation.pdbx_database_id_PubMed 
_citation.pdbx_database_id_DOI 
primary 'Characterization and 1.57 A Resolution Structure of the Key Fire Blight Phosphatase Amsi from Erwinia Amylovora' 
'Acta Crystallogr.,Sect.F' 72 903  ? 2016 ? DK 1744-3091 ? ? 27917839 10.1107/S2053230X16018781 
1       
;Cloning, Purification, Crystallization and 1.57 A Resolution X-Ray Data Analysis of Amsi, the Tyrosine Phosphatase Controlling Amylovoran Biosynthesis in the Plant Pathogen Erwinia Amylovora.
;
'Acta Crystallogr.,Sect.F' 70 1693 ? 2014 ? DK 1744-3091 ? ? 25484228 10.1107/S2053230X14024947 
# 
loop_
_citation_author.citation_id 
_citation_author.name 
_citation_author.ordinal 
_citation_author.identifier_ORCID 
primary 'Salomone-Stagni, M.' 1 ? 
primary 'Musiani, F.'         2 ? 
primary 'Benini, S.'          3 ? 
1       'Benini, S.'          4 ? 
1       'Caputi, L.'          5 ? 
1       'Cianci, M.'          6 ? 
# 
_cell.entry_id           4D74 
_cell.length_a           66.026 
_cell.length_b           66.026 
_cell.length_c           72.273 
_cell.angle_alpha        90.00 
_cell.angle_beta         90.00 
_cell.angle_gamma        120.00 
_cell.Z_PDB              6 
_cell.pdbx_unique_axis   ? 
# 
_symmetry.entry_id                         4D74 
_symmetry.space_group_name_H-M             'P 31 2 1' 
_symmetry.pdbx_full_space_group_name_H-M   ? 
_symmetry.cell_setting                     ? 
_symmetry.Int_Tables_number                152 
# 
loop_
_entity.id 
_entity.type 
_entity.src_method 
_entity.pdbx_description 
_entity.formula_weight 
_entity.pdbx_number_of_molecules 
_entity.pdbx_ec 
_entity.pdbx_mutation 
_entity.pdbx_fragment 
_entity.details 
1 polymer     man 'PROTEIN-TYROSINE-PHOSPHATASE AMSI' 18912.697 1   3.1.3.48 YES 'RESIDUES 1-144' ? 
2 non-polymer syn 'SULFATE ION'                       96.063    3   ?        ?   ?                ? 
3 water       nat water                               18.015    100 ?        ?   ?                ? 
# 
_entity_poly.entity_id                      1 
_entity_poly.type                           'polypeptide(L)' 
_entity_poly.nstd_linkage                   no 
_entity_poly.nstd_monomer                   no 
_entity_poly.pdbx_seq_one_letter_code       
;MKHHHHHHPMSDYDIPTTENLYFQGAMVNSILVVCIGNICRSPTGERLLKAALPERKIASAGLKAMVGGSADETASIVAN
EHGVSLQDHVAQQLTADMCRDSDLILVMEKKHIDLVCRINPSVRGKTMLFGHWINQQEIADPYKKSRDAFEAVYGVLENA
AQKWVNALSR
;
_entity_poly.pdbx_seq_one_letter_code_can   
;MKHHHHHHPMSDYDIPTTENLYFQGAMVNSILVVCIGNICRSPTGERLLKAALPERKIASAGLKAMVGGSADETASIVAN
EHGVSLQDHVAQQLTADMCRDSDLILVMEKKHIDLVCRINPSVRGKTMLFGHWINQQEIADPYKKSRDAFEAVYGVLENA
AQKWVNALSR
;
_entity_poly.pdbx_strand_id                 A 
_entity_poly.pdbx_target_identifier         ? 
# 
loop_
_entity_poly_seq.entity_id 
_entity_poly_seq.num 
_entity_poly_seq.mon_id 
_entity_poly_seq.hetero 
1 1   MET n 
1 2   LYS n 
1 3   HIS n 
1 4   HIS n 
1 5   HIS n 
1 6   HIS n 
1 7   HIS n 
1 8   HIS n 
1 9   PRO n 
1 10  MET n 
1 11  SER n 
1 12  ASP n 
1 13  TYR n 
1 14  ASP n 
1 15  ILE n 
1 16  PRO n 
1 17  THR n 
1 18  THR n 
1 19  GLU n 
1 20  ASN n 
1 21  LEU n 
1 22  TYR n 
1 23  PHE n 
1 24  GLN n 
1 25  GLY n 
1 26  ALA n 
1 27  MET n 
1 28  VAL n 
1 29  ASN n 
1 30  SER n 
1 31  ILE n 
1 32  LEU n 
1 33  VAL n 
1 34  VAL n 
1 35  CYS n 
1 36  ILE n 
1 37  GLY n 
1 38  ASN n 
1 39  ILE n 
1 40  CYS n 
1 41  ARG n 
1 42  SER n 
1 43  PRO n 
1 44  THR n 
1 45  GLY n 
1 46  GLU n 
1 47  ARG n 
1 48  LEU n 
1 49  LEU n 
1 50  LYS n 
1 51  ALA n 
1 52  ALA n 
1 53  LEU n 
1 54  PRO n 
1 55  GLU n 
1 56  ARG n 
1 57  LYS n 
1 58  ILE n 
1 59  ALA n 
1 60  SER n 
1 61  ALA n 
1 62  GLY n 
1 63  LEU n 
1 64  LYS n 
1 65  ALA n 
1 66  MET n 
1 67  VAL n 
1 68  GLY n 
1 69  GLY n 
1 70  SER n 
1 71  ALA n 
1 72  ASP n 
1 73  GLU n 
1 74  THR n 
1 75  ALA n 
1 76  SER n 
1 77  ILE n 
1 78  VAL n 
1 79  ALA n 
1 80  ASN n 
1 81  GLU n 
1 82  HIS n 
1 83  GLY n 
1 84  VAL n 
1 85  SER n 
1 86  LEU n 
1 87  GLN n 
1 88  ASP n 
1 89  HIS n 
1 90  VAL n 
1 91  ALA n 
1 92  GLN n 
1 93  GLN n 
1 94  LEU n 
1 95  THR n 
1 96  ALA n 
1 97  ASP n 
1 98  MET n 
1 99  CYS n 
1 100 ARG n 
1 101 ASP n 
1 102 SER n 
1 103 ASP n 
1 104 LEU n 
1 105 ILE n 
1 106 LEU n 
1 107 VAL n 
1 108 MET n 
1 109 GLU n 
1 110 LYS n 
1 111 LYS n 
1 112 HIS n 
1 113 ILE n 
1 114 ASP n 
1 115 LEU n 
1 116 VAL n 
1 117 CYS n 
1 118 ARG n 
1 119 ILE n 
1 120 ASN n 
1 121 PRO n 
1 122 SER n 
1 123 VAL n 
1 124 ARG n 
1 125 GLY n 
1 126 LYS n 
1 127 THR n 
1 128 MET n 
1 129 LEU n 
1 130 PHE n 
1 131 GLY n 
1 132 HIS n 
1 133 TRP n 
1 134 ILE n 
1 135 ASN n 
1 136 GLN n 
1 137 GLN n 
1 138 GLU n 
1 139 ILE n 
1 140 ALA n 
1 141 ASP n 
1 142 PRO n 
1 143 TYR n 
1 144 LYS n 
1 145 LYS n 
1 146 SER n 
1 147 ARG n 
1 148 ASP n 
1 149 ALA n 
1 150 PHE n 
1 151 GLU n 
1 152 ALA n 
1 153 VAL n 
1 154 TYR n 
1 155 GLY n 
1 156 VAL n 
1 157 LEU n 
1 158 GLU n 
1 159 ASN n 
1 160 ALA n 
1 161 ALA n 
1 162 GLN n 
1 163 LYS n 
1 164 TRP n 
1 165 VAL n 
1 166 ASN n 
1 167 ALA n 
1 168 LEU n 
1 169 SER n 
1 170 ARG n 
# 
_entity_src_gen.entity_id                          1 
_entity_src_gen.pdbx_src_id                        1 
_entity_src_gen.pdbx_alt_source_flag               sample 
_entity_src_gen.pdbx_seq_type                      ? 
_entity_src_gen.pdbx_beg_seq_num                   ? 
_entity_src_gen.pdbx_end_seq_num                   ? 
_entity_src_gen.gene_src_common_name               ? 
_entity_src_gen.gene_src_genus                     ? 
_entity_src_gen.pdbx_gene_src_gene                 ? 
_entity_src_gen.gene_src_species                   ? 
_entity_src_gen.gene_src_strain                    EA273 
_entity_src_gen.gene_src_tissue                    ? 
_entity_src_gen.gene_src_tissue_fraction           ? 
_entity_src_gen.gene_src_details                   ? 
_entity_src_gen.pdbx_gene_src_fragment             ? 
_entity_src_gen.pdbx_gene_src_scientific_name      'ERWINIA AMYLOVORA' 
_entity_src_gen.pdbx_gene_src_ncbi_taxonomy_id     716540 
_entity_src_gen.pdbx_gene_src_variant              ? 
_entity_src_gen.pdbx_gene_src_cell_line            ? 
_entity_src_gen.pdbx_gene_src_atcc                 'ATCC 49946' 
_entity_src_gen.pdbx_gene_src_organ                ? 
_entity_src_gen.pdbx_gene_src_organelle            ? 
_entity_src_gen.pdbx_gene_src_cell                 ? 
_entity_src_gen.pdbx_gene_src_cellular_location    ? 
_entity_src_gen.host_org_common_name               ? 
_entity_src_gen.pdbx_host_org_scientific_name      'Escherichia coli BL21(DE3)' 
_entity_src_gen.pdbx_host_org_ncbi_taxonomy_id     469008 
_entity_src_gen.host_org_genus                     ? 
_entity_src_gen.pdbx_host_org_gene                 ? 
_entity_src_gen.pdbx_host_org_organ                ? 
_entity_src_gen.host_org_species                   ? 
_entity_src_gen.pdbx_host_org_tissue               ? 
_entity_src_gen.pdbx_host_org_tissue_fraction      ? 
_entity_src_gen.pdbx_host_org_strain               ? 
_entity_src_gen.pdbx_host_org_variant              ? 
_entity_src_gen.pdbx_host_org_cell_line            ? 
_entity_src_gen.pdbx_host_org_atcc                 ? 
_entity_src_gen.pdbx_host_org_culture_collection   ? 
_entity_src_gen.pdbx_host_org_cell                 ? 
_entity_src_gen.pdbx_host_org_organelle            ? 
_entity_src_gen.pdbx_host_org_cellular_location    ? 
_entity_src_gen.pdbx_host_org_vector_type          PLASMID 
_entity_src_gen.pdbx_host_org_vector               ? 
_entity_src_gen.host_org_details                   ? 
_entity_src_gen.expression_system_id               ? 
_entity_src_gen.plasmid_name                       PETM-11AMSI 
_entity_src_gen.plasmid_details                    ? 
_entity_src_gen.pdbx_description                   ? 
# 
_struct_ref.id                         1 
_struct_ref.db_name                    UNP 
_struct_ref.db_code                    AMSI_ERWAM 
_struct_ref.entity_id                  1 
_struct_ref.pdbx_seq_one_letter_code   ? 
_struct_ref.pdbx_align_begin           ? 
_struct_ref.pdbx_db_accession          Q46630 
_struct_ref.pdbx_db_isoform            ? 
# 
_struct_ref_seq.align_id                      1 
_struct_ref_seq.ref_id                        1 
_struct_ref_seq.pdbx_PDB_id_code              4D74 
_struct_ref_seq.pdbx_strand_id                A 
_struct_ref_seq.seq_align_beg                 27 
_struct_ref_seq.pdbx_seq_align_beg_ins_code   ? 
_struct_ref_seq.seq_align_end                 170 
_struct_ref_seq.pdbx_seq_align_end_ins_code   ? 
_struct_ref_seq.pdbx_db_accession             Q46630 
_struct_ref_seq.db_align_beg                  1 
_struct_ref_seq.pdbx_db_align_beg_ins_code    ? 
_struct_ref_seq.db_align_end                  144 
_struct_ref_seq.pdbx_db_align_end_ins_code    ? 
_struct_ref_seq.pdbx_auth_seq_align_beg       1 
_struct_ref_seq.pdbx_auth_seq_align_end       144 
# 
loop_
_struct_ref_seq_dif.align_id 
_struct_ref_seq_dif.pdbx_pdb_id_code 
_struct_ref_seq_dif.mon_id 
_struct_ref_seq_dif.pdbx_pdb_strand_id 
_struct_ref_seq_dif.seq_num 
_struct_ref_seq_dif.pdbx_pdb_ins_code 
_struct_ref_seq_dif.pdbx_seq_db_name 
_struct_ref_seq_dif.pdbx_seq_db_accession_code 
_struct_ref_seq_dif.db_mon_id 
_struct_ref_seq_dif.pdbx_seq_db_seq_num 
_struct_ref_seq_dif.details 
_struct_ref_seq_dif.pdbx_auth_seq_num 
_struct_ref_seq_dif.pdbx_ordinal 
1 4D74 MET A 1  ? UNP Q46630 ?   ? 'expression tag'      -26 1  
1 4D74 LYS A 2  ? UNP Q46630 ?   ? 'expression tag'      -25 2  
1 4D74 HIS A 3  ? UNP Q46630 ?   ? 'expression tag'      -24 3  
1 4D74 HIS A 4  ? UNP Q46630 ?   ? 'expression tag'      -23 4  
1 4D74 HIS A 5  ? UNP Q46630 ?   ? 'expression tag'      -22 5  
1 4D74 HIS A 6  ? UNP Q46630 ?   ? 'expression tag'      -21 6  
1 4D74 HIS A 7  ? UNP Q46630 ?   ? 'expression tag'      -20 7  
1 4D74 HIS A 8  ? UNP Q46630 ?   ? 'expression tag'      -19 8  
1 4D74 PRO A 9  ? UNP Q46630 ?   ? 'expression tag'      -18 9  
1 4D74 MET A 10 ? UNP Q46630 ?   ? 'expression tag'      -17 10 
1 4D74 SER A 11 ? UNP Q46630 ?   ? 'expression tag'      -16 11 
1 4D74 ASP A 12 ? UNP Q46630 ?   ? 'expression tag'      -15 12 
1 4D74 TYR A 13 ? UNP Q46630 ?   ? 'expression tag'      -14 13 
1 4D74 ASP A 14 ? UNP Q46630 ?   ? 'expression tag'      -13 14 
1 4D74 ILE A 15 ? UNP Q46630 ?   ? 'expression tag'      -12 15 
1 4D74 PRO A 16 ? UNP Q46630 ?   ? 'expression tag'      -11 16 
1 4D74 THR A 17 ? UNP Q46630 ?   ? 'expression tag'      -10 17 
1 4D74 THR A 18 ? UNP Q46630 ?   ? 'expression tag'      -9  18 
1 4D74 GLU A 19 ? UNP Q46630 ?   ? 'expression tag'      -8  19 
1 4D74 ASN A 20 ? UNP Q46630 ?   ? 'expression tag'      -7  20 
1 4D74 LEU A 21 ? UNP Q46630 ?   ? 'expression tag'      -6  21 
1 4D74 TYR A 22 ? UNP Q46630 ?   ? 'expression tag'      -5  22 
1 4D74 PHE A 23 ? UNP Q46630 ?   ? 'expression tag'      -4  23 
1 4D74 GLN A 24 ? UNP Q46630 ?   ? 'expression tag'      -3  24 
1 4D74 GLY A 25 ? UNP Q46630 ?   ? 'expression tag'      -2  25 
1 4D74 ALA A 26 ? UNP Q46630 ?   ? 'expression tag'      -1  26 
1 4D74 VAL A 28 ? UNP Q46630 ILE 2 'engineered mutation' 2   27 
# 
loop_
_chem_comp.id 
_chem_comp.type 
_chem_comp.mon_nstd_flag 
_chem_comp.name 
_chem_comp.pdbx_synonyms 
_chem_comp.formula 
_chem_comp.formula_weight 
ALA 'L-peptide linking' y ALANINE         ? 'C3 H7 N O2'     89.093  
ARG 'L-peptide linking' y ARGININE        ? 'C6 H15 N4 O2 1' 175.209 
ASN 'L-peptide linking' y ASPARAGINE      ? 'C4 H8 N2 O3'    132.118 
ASP 'L-peptide linking' y 'ASPARTIC ACID' ? 'C4 H7 N O4'     133.103 
CYS 'L-peptide linking' y CYSTEINE        ? 'C3 H7 N O2 S'   121.158 
GLN 'L-peptide linking' y GLUTAMINE       ? 'C5 H10 N2 O3'   146.144 
GLU 'L-peptide linking' y 'GLUTAMIC ACID' ? 'C5 H9 N O4'     147.129 
GLY 'peptide linking'   y GLYCINE         ? 'C2 H5 N O2'     75.067  
HIS 'L-peptide linking' y HISTIDINE       ? 'C6 H10 N3 O2 1' 156.162 
HOH non-polymer         . WATER           ? 'H2 O'           18.015  
ILE 'L-peptide linking' y ISOLEUCINE      ? 'C6 H13 N O2'    131.173 
LEU 'L-peptide linking' y LEUCINE         ? 'C6 H13 N O2'    131.173 
LYS 'L-peptide linking' y LYSINE          ? 'C6 H15 N2 O2 1' 147.195 
MET 'L-peptide linking' y METHIONINE      ? 'C5 H11 N O2 S'  149.211 
PHE 'L-peptide linking' y PHENYLALANINE   ? 'C9 H11 N O2'    165.189 
PRO 'L-peptide linking' y PROLINE         ? 'C5 H9 N O2'     115.130 
SER 'L-peptide linking' y SERINE          ? 'C3 H7 N O3'     105.093 
SO4 non-polymer         . 'SULFATE ION'   ? 'O4 S -2'        96.063  
THR 'L-peptide linking' y THREONINE       ? 'C4 H9 N O3'     119.119 
TRP 'L-peptide linking' y TRYPTOPHAN      ? 'C11 H12 N2 O2'  204.225 
TYR 'L-peptide linking' y TYROSINE        ? 'C9 H11 N O3'    181.189 
VAL 'L-peptide linking' y VALINE          ? 'C5 H11 N O2'    117.146 
# 
_exptl.entry_id          4D74 
_exptl.method            'X-RAY DIFFRACTION' 
_exptl.crystals_number   1 
# 
_exptl_crystal.id                    1 
_exptl_crystal.density_meas          ? 
_exptl_crystal.density_Matthews      2.75 
_exptl_crystal.density_percent_sol   55.36 
_exptl_crystal.description           NONE 
_exptl_crystal.preparation           ? 
# 
_exptl_crystal_grow.crystal_id      1 
_exptl_crystal_grow.method          MICROBATCH 
_exptl_crystal_grow.temp            ? 
_exptl_crystal_grow.temp_details    ? 
_exptl_crystal_grow.pH              5.5 
_exptl_crystal_grow.pdbx_pH_range   ? 
_exptl_crystal_grow.pdbx_details    
'MICROBATCH UNDER OIL 1UL PROTEIN ADDED TO 1 UL AMMONIUM SULPHATE 1.7 M, 100MM SODIUM ACETATE PH 5.5.' 
# 
_diffrn.id                               1 
_diffrn.ambient_temp                     100 
_diffrn.ambient_temp_details             ? 
_diffrn.crystal_id                       1 
_diffrn.pdbx_serial_crystal_experiment   ? 
# 
_diffrn_detector.diffrn_id              1 
_diffrn_detector.detector               PIXEL 
_diffrn_detector.type                   'DECTRIS PILATUS 6M' 
_diffrn_detector.pdbx_collection_date   2014-01-10 
_diffrn_detector.details                ? 
# 
_diffrn_radiation.diffrn_id                        1 
_diffrn_radiation.wavelength_id                    1 
_diffrn_radiation.pdbx_monochromatic_or_laue_m_l   M 
_diffrn_radiation.monochromator                    'SI(111)' 
_diffrn_radiation.pdbx_diffrn_protocol             'SINGLE WAVELENGTH' 
_diffrn_radiation.pdbx_scattering_type             x-ray 
# 
_diffrn_radiation_wavelength.id           1 
_diffrn_radiation_wavelength.wavelength   1.033 
_diffrn_radiation_wavelength.wt           1.0 
# 
_diffrn_source.diffrn_id                   1 
_diffrn_source.source                      SYNCHROTRON 
_diffrn_source.type                        'PETRA III, EMBL c/o DESY BEAMLINE P13 (MX1)' 
_diffrn_source.pdbx_synchrotron_site       'PETRA III, EMBL c/o DESY' 
_diffrn_source.pdbx_synchrotron_beamline   'P13 (MX1)' 
_diffrn_source.pdbx_wavelength             1.033 
_diffrn_source.pdbx_wavelength_list        ? 
# 
_reflns.pdbx_diffrn_id               1 
_reflns.pdbx_ordinal                 1 
_reflns.entry_id                     4D74 
_reflns.observed_criterion_sigma_I   2.0 
_reflns.observed_criterion_sigma_F   ? 
_reflns.d_resolution_low             72.27 
_reflns.d_resolution_high            1.57 
_reflns.number_obs                   25949 
_reflns.number_all                   ? 
_reflns.percent_possible_obs         100.0 
_reflns.pdbx_Rmerge_I_obs            0.06 
_reflns.pdbx_Rsym_value              ? 
_reflns.pdbx_netI_over_sigmaI        23.20 
_reflns.B_iso_Wilson_estimate        16.85 
_reflns.pdbx_redundancy              19.7 
# 
_reflns_shell.pdbx_diffrn_id         1 
_reflns_shell.pdbx_ordinal           1 
_reflns_shell.d_res_high             1.57 
_reflns_shell.d_res_low              1.60 
_reflns_shell.percent_possible_all   100.0 
_reflns_shell.Rmerge_I_obs           0.58 
_reflns_shell.pdbx_Rsym_value        ? 
_reflns_shell.meanI_over_sigI_obs    5.50 
_reflns_shell.pdbx_redundancy        20.2 
# 
_refine.pdbx_refine_id                           'X-RAY DIFFRACTION' 
_refine.entry_id                                 4D74 
_refine.pdbx_diffrn_id                           1 
_refine.pdbx_TLS_residual_ADP_flag               ? 
_refine.ls_number_reflns_obs                     24575 
_refine.ls_number_reflns_all                     ? 
_refine.pdbx_ls_sigma_I                          ? 
_refine.pdbx_ls_sigma_F                          . 
_refine.pdbx_data_cutoff_high_absF               ? 
_refine.pdbx_data_cutoff_low_absF                ? 
_refine.pdbx_data_cutoff_high_rms_absF           ? 
_refine.ls_d_res_low                             57.18 
_refine.ls_d_res_high                            1.57 
_refine.ls_percent_reflns_obs                    99.90 
_refine.ls_R_factor_obs                          0.16934 
_refine.ls_R_factor_all                          ? 
_refine.ls_R_factor_R_work                       0.16881 
_refine.ls_R_factor_R_free                       0.17922 
_refine.ls_R_factor_R_free_error                 ? 
_refine.ls_R_factor_R_free_error_details         ? 
_refine.ls_percent_reflns_R_free                 5.1 
_refine.ls_number_reflns_R_free                  1318 
_refine.ls_number_parameters                     ? 
_refine.ls_number_restraints                     ? 
_refine.occupancy_min                            ? 
_refine.occupancy_max                            ? 
_refine.correlation_coeff_Fo_to_Fc               0.967 
_refine.correlation_coeff_Fo_to_Fc_free          0.967 
_refine.B_iso_mean                               23.483 
_refine.aniso_B[1][1]                            0.70 
_refine.aniso_B[2][2]                            0.70 
_refine.aniso_B[3][3]                            -2.29 
_refine.aniso_B[1][2]                            0.70 
_refine.aniso_B[1][3]                            0.00 
_refine.aniso_B[2][3]                            0.00 
_refine.solvent_model_details                    MASK 
_refine.solvent_model_param_ksol                 ? 
_refine.solvent_model_param_bsol                 ? 
_refine.pdbx_solvent_vdw_probe_radii             1.20 
_refine.pdbx_solvent_ion_probe_radii             0.80 
_refine.pdbx_solvent_shrinkage_radii             0.80 
_refine.pdbx_ls_cross_valid_method               THROUGHOUT 
_refine.details                                  
;HYDROGENS HAVE BEEN ADDED IN THE RIDING POSITIONS. U VALUES REFINED INDIVIDUALLY RESIDUES NLYFQGA AT THE BEGINNING OF CHAIN A ARE PART OF THE N-TERMINAL HIS-TAG WHICH WAS NOT CLEAVED BEFORE CRYSTALLIZATION
;
_refine.pdbx_starting_model                      'PDB ENTRY 2WMY' 
_refine.pdbx_method_to_determine_struct          'MOLECULAR REPLACEMENT' 
_refine.pdbx_isotropic_thermal_model             ? 
_refine.pdbx_stereochemistry_target_values       'MAXIMUM LIKELIHOOD' 
_refine.pdbx_stereochem_target_val_spec_case     ? 
_refine.pdbx_R_Free_selection_details            RANDOM 
_refine.pdbx_overall_ESU_R                       0.069 
_refine.pdbx_overall_ESU_R_Free                  0.065 
_refine.overall_SU_ML                            0.043 
_refine.pdbx_overall_phase_error                 ? 
_refine.overall_SU_B                             1.186 
_refine.overall_SU_R_Cruickshank_DPI             ? 
_refine.pdbx_overall_SU_R_free_Cruickshank_DPI   ? 
_refine.pdbx_overall_SU_R_Blow_DPI               ? 
_refine.pdbx_overall_SU_R_free_Blow_DPI          ? 
# 
_refine_hist.pdbx_refine_id                   'X-RAY DIFFRACTION' 
_refine_hist.cycle_id                         LAST 
_refine_hist.pdbx_number_atoms_protein        1157 
_refine_hist.pdbx_number_atoms_nucleic_acid   0 
_refine_hist.pdbx_number_atoms_ligand         15 
_refine_hist.number_atoms_solvent             100 
_refine_hist.number_atoms_total               1272 
_refine_hist.d_res_high                       1.57 
_refine_hist.d_res_low                        57.18 
# 
loop_
_refine_ls_restr.type 
_refine_ls_restr.dev_ideal 
_refine_ls_restr.dev_ideal_target 
_refine_ls_restr.weight 
_refine_ls_restr.number 
_refine_ls_restr.pdbx_refine_id 
_refine_ls_restr.pdbx_restraint_function 
r_bond_refined_d             0.012  0.019  ? 1200 'X-RAY DIFFRACTION' ? 
r_bond_other_d               0.001  0.020  ? 1172 'X-RAY DIFFRACTION' ? 
r_angle_refined_deg          1.591  1.964  ? 1625 'X-RAY DIFFRACTION' ? 
r_angle_other_deg            0.806  3.000  ? 2691 'X-RAY DIFFRACTION' ? 
r_dihedral_angle_1_deg       5.279  5.000  ? 155  'X-RAY DIFFRACTION' ? 
r_dihedral_angle_2_deg       39.822 24.615 ? 52   'X-RAY DIFFRACTION' ? 
r_dihedral_angle_3_deg       12.489 15.000 ? 216  'X-RAY DIFFRACTION' ? 
r_dihedral_angle_4_deg       14.434 15.000 ? 8    'X-RAY DIFFRACTION' ? 
r_chiral_restr               0.092  0.200  ? 188  'X-RAY DIFFRACTION' ? 
r_gen_planes_refined         0.006  0.020  ? 1357 'X-RAY DIFFRACTION' ? 
r_gen_planes_other           0.001  0.020  ? 267  'X-RAY DIFFRACTION' ? 
r_nbd_refined                ?      ?      ? ?    'X-RAY DIFFRACTION' ? 
r_nbd_other                  ?      ?      ? ?    'X-RAY DIFFRACTION' ? 
r_nbtor_refined              ?      ?      ? ?    'X-RAY DIFFRACTION' ? 
r_nbtor_other                ?      ?      ? ?    'X-RAY DIFFRACTION' ? 
r_xyhbond_nbd_refined        ?      ?      ? ?    'X-RAY DIFFRACTION' ? 
r_xyhbond_nbd_other          ?      ?      ? ?    'X-RAY DIFFRACTION' ? 
r_metal_ion_refined          ?      ?      ? ?    'X-RAY DIFFRACTION' ? 
r_metal_ion_other            ?      ?      ? ?    'X-RAY DIFFRACTION' ? 
r_symmetry_vdw_refined       ?      ?      ? ?    'X-RAY DIFFRACTION' ? 
r_symmetry_vdw_other         ?      ?      ? ?    'X-RAY DIFFRACTION' ? 
r_symmetry_hbond_refined     ?      ?      ? ?    'X-RAY DIFFRACTION' ? 
r_symmetry_hbond_other       ?      ?      ? ?    'X-RAY DIFFRACTION' ? 
r_symmetry_metal_ion_refined ?      ?      ? ?    'X-RAY DIFFRACTION' ? 
r_symmetry_metal_ion_other   ?      ?      ? ?    'X-RAY DIFFRACTION' ? 
r_mcbond_it                  ?      ?      ? ?    'X-RAY DIFFRACTION' ? 
r_mcbond_other               ?      ?      ? ?    'X-RAY DIFFRACTION' ? 
r_mcangle_it                 ?      ?      ? ?    'X-RAY DIFFRACTION' ? 
r_mcangle_other              ?      ?      ? ?    'X-RAY DIFFRACTION' ? 
r_scbond_it                  ?      ?      ? ?    'X-RAY DIFFRACTION' ? 
r_scbond_other               ?      ?      ? ?    'X-RAY DIFFRACTION' ? 
r_scangle_it                 ?      ?      ? ?    'X-RAY DIFFRACTION' ? 
r_scangle_other              ?      ?      ? ?    'X-RAY DIFFRACTION' ? 
r_long_range_B_refined       ?      ?      ? ?    'X-RAY DIFFRACTION' ? 
r_long_range_B_other         ?      ?      ? ?    'X-RAY DIFFRACTION' ? 
r_rigid_bond_restr           ?      ?      ? ?    'X-RAY DIFFRACTION' ? 
r_sphericity_free            ?      ?      ? ?    'X-RAY DIFFRACTION' ? 
r_sphericity_bonded          ?      ?      ? ?    'X-RAY DIFFRACTION' ? 
# 
_refine_ls_shell.pdbx_refine_id                   'X-RAY DIFFRACTION' 
_refine_ls_shell.pdbx_total_number_of_bins_used   20 
_refine_ls_shell.d_res_high                       1.570 
_refine_ls_shell.d_res_low                        1.611 
_refine_ls_shell.number_reflns_R_work             1785 
_refine_ls_shell.R_factor_R_work                  0.208 
_refine_ls_shell.percent_reflns_obs               99.63 
_refine_ls_shell.R_factor_R_free                  0.232 
_refine_ls_shell.R_factor_R_free_error            ? 
_refine_ls_shell.percent_reflns_R_free            ? 
_refine_ls_shell.number_reflns_R_free             97 
_refine_ls_shell.number_reflns_all                ? 
_refine_ls_shell.R_factor_all                     ? 
# 
_struct.entry_id                  4D74 
_struct.title                     '1.57 A crystal structure of erwinia amylovora tyrosine phosphatase amsI' 
_struct.pdbx_model_details        ? 
_struct.pdbx_CASP_flag            ? 
_struct.pdbx_model_type_details   ? 
# 
_struct_keywords.entry_id        4D74 
_struct_keywords.pdbx_keywords   HYDROLASE 
_struct_keywords.text            'HYDROLASE, AMYLOVORAN, TYROSINE PHOSPHATASE, PHOSPHATASE, AMSI, FIRE BLIGHT' 
# 
loop_
_struct_asym.id 
_struct_asym.pdbx_blank_PDB_chainid_flag 
_struct_asym.pdbx_modified 
_struct_asym.entity_id 
_struct_asym.details 
A N N 1 ? 
B N N 2 ? 
C N N 2 ? 
D N N 2 ? 
E N N 3 ? 
# 
loop_
_struct_conf.conf_type_id 
_struct_conf.id 
_struct_conf.pdbx_PDB_helix_id 
_struct_conf.beg_label_comp_id 
_struct_conf.beg_label_asym_id 
_struct_conf.beg_label_seq_id 
_struct_conf.pdbx_beg_PDB_ins_code 
_struct_conf.end_label_comp_id 
_struct_conf.end_label_asym_id 
_struct_conf.end_label_seq_id 
_struct_conf.pdbx_end_PDB_ins_code 
_struct_conf.beg_auth_comp_id 
_struct_conf.beg_auth_asym_id 
_struct_conf.beg_auth_seq_id 
_struct_conf.end_auth_comp_id 
_struct_conf.end_auth_asym_id 
_struct_conf.end_auth_seq_id 
_struct_conf.pdbx_PDB_helix_class 
_struct_conf.details 
_struct_conf.pdbx_PDB_helix_length 
HELX_P HELX_P1 1 CYS A 40  ? LEU A 53  ? CYS A 14  LEU A 27  1 ? 14 
HELX_P HELX_P2 2 ASP A 72  ? HIS A 82  ? ASP A 46  HIS A 56  1 ? 11 
HELX_P HELX_P3 3 THR A 95  ? SER A 102 ? THR A 69  SER A 76  1 ? 8  
HELX_P HELX_P4 4 LYS A 110 ? ASN A 120 ? LYS A 84  ASN A 94  1 ? 11 
HELX_P HELX_P5 5 PRO A 121 ? GLY A 125 ? PRO A 95  GLY A 99  5 ? 5  
HELX_P HELX_P6 6 SER A 146 ? ARG A 170 ? SER A 120 ARG A 144 1 ? 25 
# 
_struct_conf_type.id          HELX_P 
_struct_conf_type.criteria    ? 
_struct_conf_type.reference   ? 
# 
loop_
_struct_sheet.id 
_struct_sheet.type 
_struct_sheet.number_strands 
_struct_sheet.details 
AA ? 2 ? 
AB ? 4 ? 
# 
loop_
_struct_sheet_order.sheet_id 
_struct_sheet_order.range_id_1 
_struct_sheet_order.range_id_2 
_struct_sheet_order.offset 
_struct_sheet_order.sense 
AA 1 2 ? anti-parallel 
AB 1 2 ? parallel      
AB 2 3 ? parallel      
AB 3 4 ? parallel      
# 
loop_
_struct_sheet_range.sheet_id 
_struct_sheet_range.id 
_struct_sheet_range.beg_label_comp_id 
_struct_sheet_range.beg_label_asym_id 
_struct_sheet_range.beg_label_seq_id 
_struct_sheet_range.pdbx_beg_PDB_ins_code 
_struct_sheet_range.end_label_comp_id 
_struct_sheet_range.end_label_asym_id 
_struct_sheet_range.end_label_seq_id 
_struct_sheet_range.pdbx_end_PDB_ins_code 
_struct_sheet_range.beg_auth_comp_id 
_struct_sheet_range.beg_auth_asym_id 
_struct_sheet_range.beg_auth_seq_id 
_struct_sheet_range.end_auth_comp_id 
_struct_sheet_range.end_auth_asym_id 
_struct_sheet_range.end_auth_seq_id 
AA 1 TYR A 22  ? PHE A 23  ? TYR A -5  PHE A -4  
AA 2 ALA A 26  ? MET A 27  ? ALA A -1  MET A 1   
AB 1 LYS A 57  ? GLY A 62  ? LYS A 31  GLY A 36  
AB 2 SER A 30  ? CYS A 35  ? SER A 4   CYS A 9   
AB 3 LEU A 104 ? VAL A 107 ? LEU A 78  VAL A 81  
AB 4 THR A 127 ? LEU A 129 ? THR A 101 LEU A 103 
# 
loop_
_pdbx_struct_sheet_hbond.sheet_id 
_pdbx_struct_sheet_hbond.range_id_1 
_pdbx_struct_sheet_hbond.range_id_2 
_pdbx_struct_sheet_hbond.range_1_label_atom_id 
_pdbx_struct_sheet_hbond.range_1_label_comp_id 
_pdbx_struct_sheet_hbond.range_1_label_asym_id 
_pdbx_struct_sheet_hbond.range_1_label_seq_id 
_pdbx_struct_sheet_hbond.range_1_PDB_ins_code 
_pdbx_struct_sheet_hbond.range_1_auth_atom_id 
_pdbx_struct_sheet_hbond.range_1_auth_comp_id 
_pdbx_struct_sheet_hbond.range_1_auth_asym_id 
_pdbx_struct_sheet_hbond.range_1_auth_seq_id 
_pdbx_struct_sheet_hbond.range_2_label_atom_id 
_pdbx_struct_sheet_hbond.range_2_label_comp_id 
_pdbx_struct_sheet_hbond.range_2_label_asym_id 
_pdbx_struct_sheet_hbond.range_2_label_seq_id 
_pdbx_struct_sheet_hbond.range_2_PDB_ins_code 
_pdbx_struct_sheet_hbond.range_2_auth_atom_id 
_pdbx_struct_sheet_hbond.range_2_auth_comp_id 
_pdbx_struct_sheet_hbond.range_2_auth_asym_id 
_pdbx_struct_sheet_hbond.range_2_auth_seq_id 
AA 1 2 N PHE A 23  ? N PHE A -4 O ALA A 26  ? O ALA A -1  
AB 1 2 N ALA A 59  ? N ALA A 33 O ILE A 31  ? O ILE A 5   
AB 2 3 N LEU A 32  ? N LEU A 6  O LEU A 104 ? O LEU A 78  
AB 3 4 N VAL A 107 ? N VAL A 81 O MET A 128 ? O MET A 102 
# 
loop_
_struct_site.id 
_struct_site.pdbx_evidence_code 
_struct_site.pdbx_auth_asym_id 
_struct_site.pdbx_auth_comp_id 
_struct_site.pdbx_auth_seq_id 
_struct_site.pdbx_auth_ins_code 
_struct_site.pdbx_num_residues 
_struct_site.details 
AC1 Software A SO4 1145 ? 10 'BINDING SITE FOR RESIDUE SO4 A 1145' 
AC2 Software A SO4 1146 ? 7  'BINDING SITE FOR RESIDUE SO4 A 1146' 
AC3 Software A SO4 1147 ? 7  'BINDING SITE FOR RESIDUE SO4 A 1147' 
# 
loop_
_struct_site_gen.id 
_struct_site_gen.site_id 
_struct_site_gen.pdbx_num_res 
_struct_site_gen.label_comp_id 
_struct_site_gen.label_asym_id 
_struct_site_gen.label_seq_id 
_struct_site_gen.pdbx_auth_ins_code 
_struct_site_gen.auth_comp_id 
_struct_site_gen.auth_asym_id 
_struct_site_gen.auth_seq_id 
_struct_site_gen.label_atom_id 
_struct_site_gen.label_alt_id 
_struct_site_gen.symmetry 
_struct_site_gen.details 
1  AC1 10 CYS A 35  ? CYS A 9    . ? 1_555 ? 
2  AC1 10 ILE A 36  ? ILE A 10   . ? 1_555 ? 
3  AC1 10 GLY A 37  ? GLY A 11   . ? 1_555 ? 
4  AC1 10 ASN A 38  ? ASN A 12   . ? 1_555 ? 
5  AC1 10 ILE A 39  ? ILE A 13   . ? 1_555 ? 
6  AC1 10 CYS A 40  ? CYS A 14   . ? 1_555 ? 
7  AC1 10 ARG A 41  ? ARG A 15   . ? 1_555 ? 
8  AC1 10 SER A 42  ? SER A 16   . ? 1_555 ? 
9  AC1 10 HOH E .   ? HOH A 2017 . ? 1_555 ? 
10 AC1 10 HOH E .   ? HOH A 2100 . ? 1_555 ? 
11 AC2 7  LYS A 64  ? LYS A 38   . ? 3_654 ? 
12 AC2 7  ILE A 134 ? ILE A 108  . ? 1_555 ? 
13 AC2 7  ASN A 135 ? ASN A 109  . ? 1_555 ? 
14 AC2 7  ASN A 159 ? ASN A 133  . ? 1_555 ? 
15 AC2 7  LYS A 163 ? LYS A 137  . ? 1_555 ? 
16 AC2 7  HOH E .   ? HOH A 2080 . ? 1_555 ? 
17 AC2 7  HOH E .   ? HOH A 2081 . ? 1_555 ? 
18 AC3 7  SER A 70  ? SER A 44   . ? 1_555 ? 
19 AC3 7  GLN A 87  ? GLN A 61   . ? 1_555 ? 
20 AC3 7  ASP A 88  ? ASP A 62   . ? 1_555 ? 
21 AC3 7  HIS A 89  ? HIS A 63   . ? 1_555 ? 
22 AC3 7  LYS A 145 ? LYS A 119  . ? 2_545 ? 
23 AC3 7  HOH E .   ? HOH A 2038 . ? 1_555 ? 
24 AC3 7  HOH E .   ? HOH A 2048 . ? 1_555 ? 
# 
_atom_sites.entry_id                    4D74 
_atom_sites.fract_transf_matrix[1][1]   0.01088549 
_atom_sites.fract_transf_matrix[1][2]   -0.01226894 
_atom_sites.fract_transf_matrix[1][3]   -0.00606945 
_atom_sites.fract_transf_matrix[2][1]   0.01167687 
_atom_sites.fract_transf_matrix[2][2]   0.00402179 
_atom_sites.fract_transf_matrix[2][3]   -0.01238310 
_atom_sites.fract_transf_matrix[3][1]   0.00921069 
_atom_sites.fract_transf_matrix[3][2]   0.00333896 
_atom_sites.fract_transf_matrix[3][3]   0.00976982 
_atom_sites.fract_transf_vector[1]      0.115331 
_atom_sites.fract_transf_vector[2]      -0.376591 
_atom_sites.fract_transf_vector[3]      -0.141247 
# 
loop_
_atom_type.symbol 
C 
N 
O 
S 
# 
loop_
_atom_site.group_PDB 
_atom_site.id 
_atom_site.type_symbol 
_atom_site.label_atom_id 
_atom_site.label_alt_id 
_atom_site.label_comp_id 
_atom_site.label_asym_id 
_atom_site.label_entity_id 
_atom_site.label_seq_id 
_atom_site.pdbx_PDB_ins_code 
_atom_site.Cartn_x 
_atom_site.Cartn_y 
_atom_site.Cartn_z 
_atom_site.occupancy 
_atom_site.B_iso_or_equiv 
_atom_site.pdbx_formal_charge 
_atom_site.auth_seq_id 
_atom_site.auth_comp_id 
_atom_site.auth_asym_id 
_atom_site.auth_atom_id 
_atom_site.pdbx_PDB_model_num 
ATOM   1    N N   . ASN A 1 20  ? -3.826  19.293  -1.211  1.00 36.09 ? -7   ASN A N   1 
ATOM   2    C CA  . ASN A 1 20  ? -4.962  18.862  -0.340  1.00 34.47 ? -7   ASN A CA  1 
ATOM   3    C C   . ASN A 1 20  ? -5.768  17.750  -1.014  1.00 27.58 ? -7   ASN A C   1 
ATOM   4    O O   . ASN A 1 20  ? -6.160  17.866  -2.177  1.00 29.99 ? -7   ASN A O   1 
ATOM   5    C CB  . ASN A 1 20  ? -5.881  20.036  -0.044  1.00 37.25 ? -7   ASN A CB  1 
ATOM   6    C CG  . ASN A 1 20  ? -5.163  21.165  0.692   1.00 39.16 ? -7   ASN A CG  1 
ATOM   7    O OD1 . ASN A 1 20  ? -4.653  20.974  1.789   1.00 43.79 ? -7   ASN A OD1 1 
ATOM   8    N ND2 . ASN A 1 20  ? -5.109  22.323  0.074   1.00 42.63 ? -7   ASN A ND2 1 
ATOM   9    N N   . LEU A 1 21  ? -6.040  16.701  -0.253  1.00 25.03 ? -6   LEU A N   1 
ATOM   10   C CA  . LEU A 1 21  ? -6.614  15.474  -0.824  1.00 22.13 ? -6   LEU A CA  1 
ATOM   11   C C   . LEU A 1 21  ? -8.004  15.252  -0.302  1.00 18.39 ? -6   LEU A C   1 
ATOM   12   O O   . LEU A 1 21  ? -8.289  15.422  0.893   1.00 18.67 ? -6   LEU A O   1 
ATOM   13   C CB  . LEU A 1 21  ? -5.768  14.281  -0.392  1.00 21.46 ? -6   LEU A CB  1 
ATOM   14   C CG  . LEU A 1 21  ? -4.275  14.446  -0.677  1.00 24.12 ? -6   LEU A CG  1 
ATOM   15   C CD1 . LEU A 1 21  ? -3.592  13.174  -0.210  1.00 26.77 ? -6   LEU A CD1 1 
ATOM   16   C CD2 . LEU A 1 21  ? -4.008  14.700  -2.131  1.00 24.23 ? -6   LEU A CD2 1 
ATOM   17   N N   . TYR A 1 22  ? -8.866  14.732  -1.182  1.00 17.15 ? -5   TYR A N   1 
ATOM   18   C CA  . TYR A 1 22  ? -10.190 14.399  -0.807  1.00 17.06 ? -5   TYR A CA  1 
ATOM   19   C C   . TYR A 1 22  ? -10.661 13.096  -1.453  1.00 16.20 ? -5   TYR A C   1 
ATOM   20   O O   . TYR A 1 22  ? -10.176 12.712  -2.509  1.00 17.53 ? -5   TYR A O   1 
ATOM   21   C CB  . TYR A 1 22  ? -11.187 15.478  -1.286  1.00 18.47 ? -5   TYR A CB  1 
ATOM   22   C CG  . TYR A 1 22  ? -10.918 16.912  -0.896  1.00 19.84 ? -5   TYR A CG  1 
ATOM   23   C CD1 . TYR A 1 22  ? -11.435 17.396  0.275   1.00 20.79 ? -5   TYR A CD1 1 
ATOM   24   C CD2 . TYR A 1 22  ? -10.171 17.756  -1.710  1.00 23.79 ? -5   TYR A CD2 1 
ATOM   25   C CE1 . TYR A 1 22  ? -11.226 18.720  0.641   1.00 23.84 ? -5   TYR A CE1 1 
ATOM   26   C CE2 . TYR A 1 22  ? -9.965  19.102  -1.351  1.00 26.20 ? -5   TYR A CE2 1 
ATOM   27   C CZ  . TYR A 1 22  ? -10.490 19.546  -0.150  1.00 26.05 ? -5   TYR A CZ  1 
ATOM   28   O OH  . TYR A 1 22  ? -10.334 20.879  0.230   1.00 30.30 ? -5   TYR A OH  1 
ATOM   29   N N   . PHE A 1 23  ? -11.613 12.459  -0.797  1.00 16.91 ? -4   PHE A N   1 
ATOM   30   C CA  . PHE A 1 23  ? -12.276 11.274  -1.328  1.00 16.85 ? -4   PHE A CA  1 
ATOM   31   C C   . PHE A 1 23  ? -13.608 11.075  -0.662  1.00 16.22 ? -4   PHE A C   1 
ATOM   32   O O   . PHE A 1 23  ? -13.716 11.153  0.558   1.00 17.07 ? -4   PHE A O   1 
ATOM   33   C CB  . PHE A 1 23  ? -11.374 10.042  -1.126  1.00 16.66 ? -4   PHE A CB  1 
ATOM   34   C CG  . PHE A 1 23  ? -11.838 8.776   -1.852  1.00 17.57 ? -4   PHE A CG  1 
ATOM   35   C CD1 . PHE A 1 23  ? -12.013 8.753   -3.233  1.00 18.89 ? -4   PHE A CD1 1 
ATOM   36   C CD2 . PHE A 1 23  ? -12.045 7.608   -1.111  1.00 17.70 ? -4   PHE A CD2 1 
ATOM   37   C CE1 . PHE A 1 23  ? -12.438 7.567   -3.868  1.00 17.24 ? -4   PHE A CE1 1 
ATOM   38   C CE2 . PHE A 1 23  ? -12.473 6.430   -1.735  1.00 18.11 ? -4   PHE A CE2 1 
ATOM   39   C CZ  . PHE A 1 23  ? -12.650 6.424   -3.101  1.00 17.22 ? -4   PHE A CZ  1 
ATOM   40   N N   . GLN A 1 24  ? -14.647 10.787  -1.442  1.00 16.15 ? -3   GLN A N   1 
ATOM   41   C CA  . GLN A 1 24  ? -15.941 10.423  -0.861  1.00 17.48 ? -3   GLN A CA  1 
ATOM   42   C C   . GLN A 1 24  ? -16.415 11.484  0.124   1.00 16.89 ? -3   GLN A C   1 
ATOM   43   O O   . GLN A 1 24  ? -16.897 11.186  1.195   1.00 17.42 ? -3   GLN A O   1 
ATOM   44   C CB  . GLN A 1 24  ? -15.879 9.042   -0.176  1.00 17.52 ? -3   GLN A CB  1 
ATOM   45   C CG  . GLN A 1 24  ? -15.695 7.926   -1.178  1.00 19.21 ? -3   GLN A CG  1 
ATOM   46   C CD  . GLN A 1 24  ? -15.745 6.518   -0.583  1.00 19.84 ? -3   GLN A CD  1 
ATOM   47   O OE1 . GLN A 1 24  ? -16.117 5.577   -1.280  1.00 22.41 ? -3   GLN A OE1 1 
ATOM   48   N NE2 . GLN A 1 24  ? -15.310 6.339   0.683   1.00 19.46 ? -3   GLN A NE2 1 
ATOM   49   N N   . GLY A 1 25  ? -16.297 12.737  -0.292  1.00 17.94 ? -2   GLY A N   1 
ATOM   50   C CA  . GLY A 1 25  ? -16.888 13.852  0.465   1.00 19.07 ? -2   GLY A CA  1 
ATOM   51   C C   . GLY A 1 25  ? -16.193 14.142  1.778   1.00 19.39 ? -2   GLY A C   1 
ATOM   52   O O   . GLY A 1 25  ? -16.767 14.737  2.685   1.00 20.29 ? -2   GLY A O   1 
ATOM   53   N N   . ALA A 1 26  ? -14.942 13.725  1.888   1.00 18.81 ? -1   ALA A N   1 
ATOM   54   C CA  . ALA A 1 26  ? -14.181 13.943  3.095   1.00 20.05 ? -1   ALA A CA  1 
ATOM   55   C C   . ALA A 1 26  ? -12.727 14.235  2.708   1.00 20.24 ? -1   ALA A C   1 
ATOM   56   O O   . ALA A 1 26  ? -12.203 13.870  1.641   1.00 19.24 ? -1   ALA A O   1 
ATOM   57   C CB  . ALA A 1 26  ? -14.255 12.747  4.007   1.00 20.81 ? -1   ALA A CB  1 
ATOM   58   N N   . MET A 1 27  ? -11.928 14.910  3.645   1.00 19.62 ? 1    MET A N   1 
ATOM   59   C CA  . MET A 1 27  ? -10.502 15.062  3.535   1.00 21.15 ? 1    MET A CA  1 
ATOM   60   C C   . MET A 1 27  ? -9.809  13.707  3.726   1.00 20.87 ? 1    MET A C   1 
ATOM   61   O O   . MET A 1 27  ? -10.276 12.848  4.482   1.00 23.43 ? 1    MET A O   1 
ATOM   62   C CB  . MET A 1 27  ? -10.011 16.134  4.545   1.00 24.28 ? 1    MET A CB  1 
ATOM   63   C CG  . MET A 1 27  ? -10.551 17.532  4.204   1.00 27.50 ? 1    MET A CG  1 
ATOM   64   S SD  . MET A 1 27  ? -10.043 18.815  5.410   1.00 39.86 ? 1    MET A SD  1 
ATOM   65   C CE  . MET A 1 27  ? -11.167 18.502  6.780   1.00 40.69 ? 1    MET A CE  1 
ATOM   66   N N   . VAL A 1 28  ? -8.705  13.535  3.031   1.00 19.95 ? 2    VAL A N   1 
ATOM   67   C CA  . VAL A 1 28  ? -7.800  12.397  3.257   1.00 20.88 ? 2    VAL A CA  1 
ATOM   68   C C   . VAL A 1 28  ? -6.478  12.963  3.750   1.00 20.01 ? 2    VAL A C   1 
ATOM   69   O O   . VAL A 1 28  ? -5.751  13.600  3.024   1.00 21.96 ? 2    VAL A O   1 
ATOM   70   C CB  . VAL A 1 28  ? -7.604  11.569  1.977   1.00 20.53 ? 2    VAL A CB  1 
ATOM   71   C CG1 . VAL A 1 28  ? -6.559  10.479  2.202   1.00 20.99 ? 2    VAL A CG1 1 
ATOM   72   C CG2 . VAL A 1 28  ? -8.923  10.934  1.538   1.00 21.36 ? 2    VAL A CG2 1 
ATOM   73   N N   . ASN A 1 29  ? -6.206  12.724  5.015   1.00 21.43 ? 3    ASN A N   1 
ATOM   74   C CA  . ASN A 1 29  ? -4.962  13.222  5.598   1.00 25.89 ? 3    ASN A CA  1 
ATOM   75   C C   . ASN A 1 29  ? -3.975  12.088  5.772   1.00 25.73 ? 3    ASN A C   1 
ATOM   76   O O   . ASN A 1 29  ? -2.775  12.316  5.782   1.00 28.64 ? 3    ASN A O   1 
ATOM   77   C CB  . ASN A 1 29  ? -5.263  13.901  6.947   1.00 29.53 ? 3    ASN A CB  1 
ATOM   78   C CG  . ASN A 1 29  ? -6.114  15.162  6.803   1.00 35.03 ? 3    ASN A CG  1 
ATOM   79   O OD1 . ASN A 1 29  ? -7.162  15.311  7.457   1.00 39.26 ? 3    ASN A OD1 1 
ATOM   80   N ND2 . ASN A 1 29  ? -5.669  16.068  5.958   1.00 36.88 ? 3    ASN A ND2 1 
ATOM   81   N N   . SER A 1 30  ? -4.518  10.872  5.916   1.00 21.56 ? 4    SER A N   1 
ATOM   82   C CA  . SER A 1 30  ? -3.732  9.676   6.176   1.00 20.21 ? 4    SER A CA  1 
ATOM   83   C C   . SER A 1 30  ? -4.169  8.528   5.276   1.00 19.29 ? 4    SER A C   1 
ATOM   84   O O   . SER A 1 30  ? -5.383  8.300   5.071   1.00 20.31 ? 4    SER A O   1 
ATOM   85   C CB  . SER A 1 30  ? -3.830  9.272   7.618   1.00 21.45 ? 4    SER A CB  1 
ATOM   86   O OG  . SER A 1 30  ? -5.130  8.926   8.030   1.00 25.69 ? 4    SER A OG  1 
ATOM   87   N N   . ILE A 1 31  ? -3.180  7.776   4.825   1.00 17.02 ? 5    ILE A N   1 
ATOM   88   C CA  . ILE A 1 31  ? -3.424  6.590   3.972   1.00 15.90 ? 5    ILE A CA  1 
ATOM   89   C C   . ILE A 1 31  ? -2.674  5.393   4.564   1.00 15.39 ? 5    ILE A C   1 
ATOM   90   O O   . ILE A 1 31  ? -1.498  5.527   4.893   1.00 17.04 ? 5    ILE A O   1 
ATOM   91   C CB  . ILE A 1 31  ? -2.992  6.801   2.532   1.00 15.90 ? 5    ILE A CB  1 
ATOM   92   C CG1 . ILE A 1 31  ? -3.693  8.059   1.966   1.00 17.31 ? 5    ILE A CG1 1 
ATOM   93   C CG2 . ILE A 1 31  ? -3.317  5.573   1.704   1.00 17.04 ? 5    ILE A CG2 1 
ATOM   94   C CD1 . ILE A 1 31  ? -3.184  8.454   0.622   1.00 19.45 ? 5    ILE A CD1 1 
ATOM   95   N N   . LEU A 1 32  ? -3.351  4.263   4.663   1.00 14.79 ? 6    LEU A N   1 
ATOM   96   C CA  . LEU A 1 32  ? -2.743  3.040   5.176   1.00 14.76 ? 6    LEU A CA  1 
ATOM   97   C C   . LEU A 1 32  ? -2.777  1.990   4.083   1.00 14.88 ? 6    LEU A C   1 
ATOM   98   O O   . LEU A 1 32  ? -3.841  1.655   3.596   1.00 15.74 ? 6    LEU A O   1 
ATOM   99   C CB  . LEU A 1 32  ? -3.495  2.560   6.399   1.00 16.23 ? 6    LEU A CB  1 
ATOM   100  C CG  . LEU A 1 32  ? -2.979  1.303   7.109   1.00 18.31 ? 6    LEU A CG  1 
ATOM   101  C CD1 . LEU A 1 32  ? -1.599  1.613   7.699   1.00 20.48 ? 6    LEU A CD1 1 
ATOM   102  C CD2 . LEU A 1 32  ? -3.991  0.850   8.116   1.00 19.10 ? 6    LEU A CD2 1 
ATOM   103  N N   . VAL A 1 33  ? -1.621  1.485   3.731   1.00 13.94 ? 7    VAL A N   1 
ATOM   104  C CA  . VAL A 1 33  ? -1.511  0.436   2.702   1.00 13.68 ? 7    VAL A CA  1 
ATOM   105  C C   . VAL A 1 33  ? -1.386  -0.938  3.408   1.00 15.50 ? 7    VAL A C   1 
ATOM   106  O O   . VAL A 1 33  ? -0.461  -1.147  4.228   1.00 15.94 ? 7    VAL A O   1 
ATOM   107  C CB  . VAL A 1 33  ? -0.320  0.677   1.771   1.00 15.32 ? 7    VAL A CB  1 
ATOM   108  C CG1 . VAL A 1 33  ? -0.271  -0.400  0.684   1.00 15.99 ? 7    VAL A CG1 1 
ATOM   109  C CG2 . VAL A 1 33  ? -0.372  2.078   1.166   1.00 15.61 ? 7    VAL A CG2 1 
ATOM   110  N N   . VAL A 1 34  ? -2.270  -1.871  3.088   1.00 15.94 ? 8    VAL A N   1 
ATOM   111  C CA  . VAL A 1 34  ? -2.327  -3.140  3.822   1.00 16.50 ? 8    VAL A CA  1 
ATOM   112  C C   . VAL A 1 34  ? -2.152  -4.343  2.920   1.00 18.74 ? 8    VAL A C   1 
ATOM   113  O O   . VAL A 1 34  ? -2.799  -4.442  1.895   1.00 18.74 ? 8    VAL A O   1 
ATOM   114  C CB  . VAL A 1 34  ? -3.679  -3.258  4.544   1.00 16.93 ? 8    VAL A CB  1 
ATOM   115  C CG1 . VAL A 1 34  ? -3.850  -4.628  5.194   1.00 18.63 ? 8    VAL A CG1 1 
ATOM   116  C CG2 . VAL A 1 34  ? -3.830  -2.165  5.571   1.00 18.12 ? 8    VAL A CG2 1 
ATOM   117  N N   . CYS A 1 35  ? -1.253  -5.258  3.309   1.00 18.30 ? 9    CYS A N   1 
ATOM   118  C CA  . CYS A 1 35  ? -1.207  -6.577  2.683   1.00 19.06 ? 9    CYS A CA  1 
ATOM   119  C C   . CYS A 1 35  ? -0.995  -7.601  3.790   1.00 18.07 ? 9    CYS A C   1 
ATOM   120  O O   . CYS A 1 35  ? -1.590  -7.452  4.858   1.00 19.02 ? 9    CYS A O   1 
ATOM   121  C CB  . CYS A 1 35  ? -0.232  -6.569  1.542   1.00 20.32 ? 9    CYS A CB  1 
ATOM   122  S SG  . CYS A 1 35  ? -0.549  -7.904  0.357   1.00 25.27 ? 9    CYS A SG  1 
ATOM   123  N N   . ILE A 1 36  ? -0.264  -8.691  3.552   1.00 17.66 ? 10   ILE A N   1 
ATOM   124  C CA  . ILE A 1 36  ? -0.177  -9.770  4.529   1.00 18.38 ? 10   ILE A CA  1 
ATOM   125  C C   . ILE A 1 36  ? 1.027   -9.687  5.450   1.00 15.63 ? 10   ILE A C   1 
ATOM   126  O O   . ILE A 1 36  ? 0.872   -9.471  6.654   1.00 16.58 ? 10   ILE A O   1 
ATOM   127  C CB  . ILE A 1 36  ? -0.268  -11.164 3.847   1.00 20.05 ? 10   ILE A CB  1 
ATOM   128  C CG1 . ILE A 1 36  ? -1.414  -11.219 2.841   1.00 22.54 ? 10   ILE A CG1 1 
ATOM   129  C CG2 . ILE A 1 36  ? -0.380  -12.234 4.923   1.00 20.52 ? 10   ILE A CG2 1 
ATOM   130  C CD1 . ILE A 1 36  ? -2.766  -11.013 3.439   1.00 23.99 ? 10   ILE A CD1 1 
ATOM   131  N N   . GLY A 1 37  ? 2.215   -9.813  4.903   1.00 16.41 ? 11   GLY A N   1 
ATOM   132  C CA  . GLY A 1 37  ? 3.434   -9.834  5.664   1.00 16.80 ? 11   GLY A CA  1 
ATOM   133  C C   . GLY A 1 37  ? 3.998   -8.474  6.076   1.00 16.17 ? 11   GLY A C   1 
ATOM   134  O O   . GLY A 1 37  ? 4.826   -8.367  6.999   1.00 16.47 ? 11   GLY A O   1 
ATOM   135  N N   . ASN A 1 38  ? 3.603   -7.447  5.314   1.00 17.07 ? 12   ASN A N   1 
ATOM   136  C CA  . ASN A 1 38  ? 4.117   -6.066  5.447   1.00 16.44 ? 12   ASN A CA  1 
ATOM   137  C C   . ASN A 1 38  ? 5.599   -5.990  5.175   1.00 17.52 ? 12   ASN A C   1 
ATOM   138  O O   . ASN A 1 38  ? 6.278   -5.191  5.801   1.00 17.67 ? 12   ASN A O   1 
ATOM   139  C CB  . ASN A 1 38  ? 3.712   -5.424  6.765   1.00 15.66 ? 12   ASN A CB  1 
ATOM   140  C CG  . ASN A 1 38  ? 3.961   -3.898  6.821   1.00 16.08 ? 12   ASN A CG  1 
ATOM   141  O OD1 . ASN A 1 38  ? 4.216   -3.346  7.886   1.00 17.26 ? 12   ASN A OD1 1 
ATOM   142  N ND2 . ASN A 1 38  ? 3.735   -3.220  5.715   1.00 16.05 ? 12   ASN A ND2 1 
ATOM   143  N N   . ILE A 1 39  ? 6.077   -6.800  4.214   1.00 18.35 ? 13   ILE A N   1 
ATOM   144  C CA  . ILE A 1 39  ? 7.470   -6.741  3.736   1.00 19.66 ? 13   ILE A CA  1 
ATOM   145  C C   . ILE A 1 39  ? 7.662   -6.549  2.224   1.00 21.90 ? 13   ILE A C   1 
ATOM   146  O O   . ILE A 1 39  ? 8.787   -6.250  1.824   1.00 22.11 ? 13   ILE A O   1 
ATOM   147  C CB  . ILE A 1 39  ? 8.239   -7.989  4.236   1.00 20.96 ? 13   ILE A CB  1 
ATOM   148  C CG1 . ILE A 1 39  ? 7.579   -9.292  3.749   1.00 21.82 ? 13   ILE A CG1 1 
ATOM   149  C CG2 . ILE A 1 39  ? 8.353   -7.976  5.732   1.00 20.58 ? 13   ILE A CG2 1 
ATOM   150  C CD1 . ILE A 1 39  ? 8.528   -10.484 3.943   1.00 24.27 ? 13   ILE A CD1 1 
ATOM   151  N N   . CYS A 1 40  ? 6.609   -6.607  1.379   1.00 21.77 ? 14   CYS A N   1 
ATOM   152  C CA  A CYS A 1 40  ? 6.775   -6.592  -0.076  0.50 23.69 ? 14   CYS A CA  1 
ATOM   153  C CA  B CYS A 1 40  ? 6.754   -6.615  -0.112  0.50 23.43 ? 14   CYS A CA  1 
ATOM   154  C C   . CYS A 1 40  ? 5.934   -5.518  -0.845  1.00 24.34 ? 14   CYS A C   1 
ATOM   155  O O   . CYS A 1 40  ? 6.399   -4.335  -1.014  1.00 21.72 ? 14   CYS A O   1 
ATOM   156  C CB  A CYS A 1 40  ? 6.479   -7.999  -0.558  0.50 25.41 ? 14   CYS A CB  1 
ATOM   157  C CB  B CYS A 1 40  ? 6.346   -7.993  -0.670  0.50 24.86 ? 14   CYS A CB  1 
ATOM   158  S SG  A CYS A 1 40  ? 6.915   -8.245  -2.270  0.50 26.35 ? 14   CYS A SG  1 
ATOM   159  S SG  B CYS A 1 40  ? 7.640   -9.251  -0.742  0.50 25.05 ? 14   CYS A SG  1 
ATOM   160  N N   . ARG A 1 41  ? 4.701   -5.864  -1.272  1.00 20.61 ? 15   ARG A N   1 
ATOM   161  C CA  . ARG A 1 41  ? 3.829   -4.911  -1.963  1.00 18.15 ? 15   ARG A CA  1 
ATOM   162  C C   . ARG A 1 41  ? 3.497   -3.716  -1.074  1.00 17.35 ? 15   ARG A C   1 
ATOM   163  O O   . ARG A 1 41  ? 3.467   -2.576  -1.545  1.00 17.55 ? 15   ARG A O   1 
ATOM   164  C CB  . ARG A 1 41  ? 2.506   -5.538  -2.404  1.00 17.16 ? 15   ARG A CB  1 
ATOM   165  C CG  . ARG A 1 41  ? 2.689   -6.442  -3.618  1.00 18.05 ? 15   ARG A CG  1 
ATOM   166  C CD  . ARG A 1 41  ? 1.413   -7.142  -3.956  1.00 19.11 ? 15   ARG A CD  1 
ATOM   167  N NE  . ARG A 1 41  ? 1.114   -8.170  -2.965  1.00 18.56 ? 15   ARG A NE  1 
ATOM   168  C CZ  . ARG A 1 41  ? 0.047   -8.961  -2.980  1.00 20.32 ? 15   ARG A CZ  1 
ATOM   169  N NH1 . ARG A 1 41  ? -0.841  -8.859  -3.944  1.00 20.63 ? 15   ARG A NH1 1 
ATOM   170  N NH2 . ARG A 1 41  ? -0.134  -9.873  -2.026  1.00 22.83 ? 15   ARG A NH2 1 
ATOM   171  N N   . SER A 1 42  ? 3.225   -3.969  0.204   1.00 16.53 ? 16   SER A N   1 
ATOM   172  C CA  . SER A 1 42  ? 2.723   -2.875  1.014   1.00 15.97 ? 16   SER A CA  1 
ATOM   173  C C   . SER A 1 42  ? 3.771   -1.797  1.323   1.00 17.33 ? 16   SER A C   1 
ATOM   174  O O   . SER A 1 42  ? 3.444   -0.636  1.222   1.00 15.96 ? 16   SER A O   1 
ATOM   175  C CB  . SER A 1 42  ? 1.914   -3.332  2.244   1.00 15.97 ? 16   SER A CB  1 
ATOM   176  O OG  . SER A 1 42  ? 2.615   -4.216  3.102   1.00 18.30 ? 16   SER A OG  1 
ATOM   177  N N   . PRO A 1 43  ? 5.013   -2.157  1.688   1.00 17.11 ? 17   PRO A N   1 
ATOM   178  C CA  . PRO A 1 43  ? 5.998   -1.069  1.866   1.00 17.61 ? 17   PRO A CA  1 
ATOM   179  C C   . PRO A 1 43  ? 6.332   -0.371  0.543   1.00 17.62 ? 17   PRO A C   1 
ATOM   180  O O   . PRO A 1 43  ? 6.587   0.829   0.528   1.00 18.19 ? 17   PRO A O   1 
ATOM   181  C CB  . PRO A 1 43  ? 7.244   -1.766  2.455   1.00 18.66 ? 17   PRO A CB  1 
ATOM   182  C CG  . PRO A 1 43  ? 7.012   -3.196  2.273   1.00 19.74 ? 17   PRO A CG  1 
ATOM   183  C CD  . PRO A 1 43  ? 5.557   -3.445  2.138   1.00 18.91 ? 17   PRO A CD  1 
ATOM   184  N N   . THR A 1 44  ? 6.289   -1.092  -0.567  1.00 17.32 ? 18   THR A N   1 
ATOM   185  C CA  . THR A 1 44  ? 6.526   -0.468  -1.845  1.00 16.73 ? 18   THR A CA  1 
ATOM   186  C C   . THR A 1 44  ? 5.415   0.563   -2.138  1.00 16.90 ? 18   THR A C   1 
ATOM   187  O O   . THR A 1 44  ? 5.703   1.706   -2.496  1.00 16.25 ? 18   THR A O   1 
ATOM   188  C CB  . THR A 1 44  ? 6.629   -1.508  -2.979  1.00 18.55 ? 18   THR A CB  1 
ATOM   189  O OG1 . THR A 1 44  ? 7.730   -2.413  -2.692  1.00 19.20 ? 18   THR A OG1 1 
ATOM   190  C CG2 . THR A 1 44  ? 6.884   -0.848  -4.300  1.00 19.71 ? 18   THR A CG2 1 
ATOM   191  N N   . GLY A 1 45  ? 4.182   0.142   -2.003  1.00 17.17 ? 19   GLY A N   1 
ATOM   192  C CA  . GLY A 1 45  ? 3.055   1.047   -2.188  1.00 16.45 ? 19   GLY A CA  1 
ATOM   193  C C   . GLY A 1 45  ? 3.120   2.248   -1.274  1.00 16.55 ? 19   GLY A C   1 
ATOM   194  O O   . GLY A 1 45  ? 2.863   3.372   -1.716  1.00 17.09 ? 19   GLY A O   1 
ATOM   195  N N   . GLU A 1 46  ? 3.438   2.021   -0.003  1.00 15.73 ? 20   GLU A N   1 
ATOM   196  C CA  . GLU A 1 46  ? 3.613   3.099   0.986   1.00 16.09 ? 20   GLU A CA  1 
ATOM   197  C C   . GLU A 1 46  ? 4.625   4.110   0.480   1.00 16.22 ? 20   GLU A C   1 
ATOM   198  O O   . GLU A 1 46  ? 4.350   5.306   0.475   1.00 17.59 ? 20   GLU A O   1 
ATOM   199  C CB  . GLU A 1 46  ? 4.074   2.549   2.344   1.00 18.47 ? 20   GLU A CB  1 
ATOM   200  C CG  . GLU A 1 46  ? 4.473   3.621   3.361   1.00 20.10 ? 20   GLU A CG  1 
ATOM   201  C CD  . GLU A 1 46  ? 5.300   3.070   4.520   1.00 24.19 ? 20   GLU A CD  1 
ATOM   202  O OE1 . GLU A 1 46  ? 5.010   1.951   5.012   1.00 23.37 ? 20   GLU A OE1 1 
ATOM   203  O OE2 . GLU A 1 46  ? 6.240   3.780   4.956   1.00 24.85 ? 20   GLU A OE2 1 
ATOM   204  N N   . ARG A 1 47  ? 5.797   3.653   0.076   1.00 16.22 ? 21   ARG A N   1 
ATOM   205  C CA  . ARG A 1 47  ? 6.848   4.580   -0.255  1.00 16.59 ? 21   ARG A CA  1 
ATOM   206  C C   . ARG A 1 47  ? 6.628   5.292   -1.587  1.00 18.36 ? 21   ARG A C   1 
ATOM   207  O O   . ARG A 1 47  ? 7.082   6.419   -1.762  1.00 18.44 ? 21   ARG A O   1 
ATOM   208  C CB  . ARG A 1 47  ? 8.206   3.909   -0.172  1.00 17.76 ? 21   ARG A CB  1 
ATOM   209  C CG  . ARG A 1 47  ? 8.512   3.408   1.240   1.00 18.29 ? 21   ARG A CG  1 
ATOM   210  C CD  . ARG A 1 47  ? 8.547   4.499   2.286   1.00 20.08 ? 21   ARG A CD  1 
ATOM   211  N NE  . ARG A 1 47  ? 8.879   3.949   3.592   1.00 20.19 ? 21   ARG A NE  1 
ATOM   212  C CZ  . ARG A 1 47  ? 10.125  3.734   4.028   1.00 21.73 ? 21   ARG A CZ  1 
ATOM   213  N NH1 . ARG A 1 47  ? 11.184  4.027   3.284   1.00 21.66 ? 21   ARG A NH1 1 
ATOM   214  N NH2 . ARG A 1 47  ? 10.304  3.211   5.239   1.00 21.63 ? 21   ARG A NH2 1 
ATOM   215  N N   . LEU A 1 48  ? 5.933   4.665   -2.519  1.00 17.73 ? 22   LEU A N   1 
ATOM   216  C CA  . LEU A 1 48  ? 5.535   5.341   -3.749  1.00 17.74 ? 22   LEU A CA  1 
ATOM   217  C C   . LEU A 1 48  ? 4.583   6.501   -3.415  1.00 18.83 ? 22   LEU A C   1 
ATOM   218  O O   . LEU A 1 48  ? 4.745   7.607   -3.936  1.00 19.53 ? 22   LEU A O   1 
ATOM   219  C CB  . LEU A 1 48  ? 4.850   4.335   -4.664  1.00 17.93 ? 22   LEU A CB  1 
ATOM   220  C CG  . LEU A 1 48  ? 5.782   3.440   -5.465  1.00 18.39 ? 22   LEU A CG  1 
ATOM   221  C CD1 . LEU A 1 48  ? 5.037   2.228   -6.006  1.00 19.45 ? 22   LEU A CD1 1 
ATOM   222  C CD2 . LEU A 1 48  ? 6.419   4.232   -6.595  1.00 20.11 ? 22   LEU A CD2 1 
ATOM   223  N N   . LEU A 1 49  ? 3.600   6.258   -2.560  1.00 17.39 ? 23   LEU A N   1 
ATOM   224  C CA  . LEU A 1 49  ? 2.680   7.323   -2.136  1.00 18.23 ? 23   LEU A CA  1 
ATOM   225  C C   . LEU A 1 49  ? 3.408   8.414   -1.364  1.00 19.37 ? 23   LEU A C   1 
ATOM   226  O O   . LEU A 1 49  ? 3.139   9.597   -1.569  1.00 19.75 ? 23   LEU A O   1 
ATOM   227  C CB  . LEU A 1 49  ? 1.516   6.786   -1.326  1.00 17.86 ? 23   LEU A CB  1 
ATOM   228  C CG  . LEU A 1 49  ? 0.503   6.025   -2.164  1.00 18.33 ? 23   LEU A CG  1 
ATOM   229  C CD1 . LEU A 1 49  ? -0.434  5.337   -1.201  1.00 18.47 ? 23   LEU A CD1 1 
ATOM   230  C CD2 . LEU A 1 49  ? -0.288  6.904   -3.145  1.00 18.96 ? 23   LEU A CD2 1 
ATOM   231  N N   . LYS A 1 50  ? 4.325   8.036   -0.477  1.00 18.86 ? 24   LYS A N   1 
ATOM   232  C CA  . LYS A 1 50  ? 5.061   9.040   0.303   1.00 22.10 ? 24   LYS A CA  1 
ATOM   233  C C   . LYS A 1 50  ? 5.895   9.940   -0.577  1.00 22.02 ? 24   LYS A C   1 
ATOM   234  O O   . LYS A 1 50  ? 5.979   11.164  -0.291  1.00 24.47 ? 24   LYS A O   1 
ATOM   235  C CB  . LYS A 1 50  ? 5.909   8.341   1.389   1.00 23.69 ? 24   LYS A CB  1 
ATOM   236  C CG  . LYS A 1 50  ? 6.530   9.289   2.435   1.00 28.25 ? 24   LYS A CG  1 
ATOM   237  C CD  . LYS A 1 50  ? 5.495   10.146  3.169   1.00 32.80 ? 24   LYS A CD  1 
ATOM   238  C CE  . LYS A 1 50  ? 6.106   10.782  4.418   1.00 35.15 ? 24   LYS A CE  1 
ATOM   239  N NZ  . LYS A 1 50  ? 5.177   11.781  4.981   1.00 40.05 ? 24   LYS A NZ  1 
ATOM   240  N N   . ALA A 1 51  ? 6.492   9.386   -1.611  1.00 20.72 ? 25   ALA A N   1 
ATOM   241  C CA  . ALA A 1 51  ? 7.321   10.162  -2.563  1.00 24.28 ? 25   ALA A CA  1 
ATOM   242  C C   . ALA A 1 51  ? 6.494   11.242  -3.254  1.00 25.92 ? 25   ALA A C   1 
ATOM   243  O O   . ALA A 1 51  ? 6.962   12.357  -3.461  1.00 25.78 ? 25   ALA A O   1 
ATOM   244  C CB  . ALA A 1 51  ? 7.965   9.248   -3.581  1.00 25.34 ? 25   ALA A CB  1 
ATOM   245  N N   . ALA A 1 52  ? 5.247   10.917  -3.550  1.00 23.62 ? 26   ALA A N   1 
ATOM   246  C CA  . ALA A 1 52  ? 4.310   11.855  -4.170  1.00 24.25 ? 26   ALA A CA  1 
ATOM   247  C C   . ALA A 1 52  ? 3.647   12.823  -3.205  1.00 25.89 ? 26   ALA A C   1 
ATOM   248  O O   . ALA A 1 52  ? 3.235   13.945  -3.607  1.00 29.26 ? 26   ALA A O   1 
ATOM   249  C CB  . ALA A 1 52  ? 3.258   11.081  -4.929  1.00 25.16 ? 26   ALA A CB  1 
ATOM   250  N N   . LEU A 1 53  ? 3.494   12.404  -1.958  1.00 23.12 ? 27   LEU A N   1 
ATOM   251  C CA  . LEU A 1 53  ? 2.758   13.108  -0.950  1.00 22.83 ? 27   LEU A CA  1 
ATOM   252  C C   . LEU A 1 53  ? 3.592   13.328  0.316   1.00 26.25 ? 27   LEU A C   1 
ATOM   253  O O   . LEU A 1 53  ? 3.275   12.842  1.392   1.00 24.79 ? 27   LEU A O   1 
ATOM   254  C CB  . LEU A 1 53  ? 1.480   12.327  -0.615  1.00 23.41 ? 27   LEU A CB  1 
ATOM   255  C CG  . LEU A 1 53  ? 0.557   11.974  -1.792  1.00 23.64 ? 27   LEU A CG  1 
ATOM   256  C CD1 . LEU A 1 53  ? -0.516  10.975  -1.360  1.00 24.40 ? 27   LEU A CD1 1 
ATOM   257  C CD2 . LEU A 1 53  ? -0.058  13.267  -2.312  1.00 24.84 ? 27   LEU A CD2 1 
ATOM   258  N N   . PRO A 1 54  ? 4.659   14.132  0.191   1.00 31.54 ? 28   PRO A N   1 
ATOM   259  C CA  . PRO A 1 54  ? 5.598   14.263  1.306   1.00 34.61 ? 28   PRO A CA  1 
ATOM   260  C C   . PRO A 1 54  ? 4.978   14.791  2.593   1.00 34.22 ? 28   PRO A C   1 
ATOM   261  O O   . PRO A 1 54  ? 5.447   14.431  3.683   1.00 38.75 ? 28   PRO A O   1 
ATOM   262  C CB  . PRO A 1 54  ? 6.655   15.242  0.761   1.00 36.89 ? 28   PRO A CB  1 
ATOM   263  C CG  . PRO A 1 54  ? 5.967   15.978  -0.347  1.00 36.87 ? 28   PRO A CG  1 
ATOM   264  C CD  . PRO A 1 54  ? 5.042   14.953  -0.966  1.00 33.85 ? 28   PRO A CD  1 
ATOM   265  N N   . GLU A 1 55  ? 3.918   15.594  2.498   1.00 36.77 ? 29   GLU A N   1 
ATOM   266  C CA  . GLU A 1 55  ? 3.317   16.178  3.707   1.00 40.20 ? 29   GLU A CA  1 
ATOM   267  C C   . GLU A 1 55  ? 2.189   15.371  4.326   1.00 37.58 ? 29   GLU A C   1 
ATOM   268  O O   . GLU A 1 55  ? 1.648   15.759  5.356   1.00 35.61 ? 29   GLU A O   1 
ATOM   269  C CB  . GLU A 1 55  ? 2.841   17.615  3.428   1.00 45.96 ? 29   GLU A CB  1 
ATOM   270  C CG  . GLU A 1 55  ? 3.968   18.571  3.046   1.00 49.01 ? 29   GLU A CG  1 
ATOM   271  C CD  . GLU A 1 55  ? 5.233   18.387  3.887   1.00 54.35 ? 29   GLU A CD  1 
ATOM   272  O OE1 . GLU A 1 55  ? 5.153   18.460  5.139   1.00 60.16 ? 29   GLU A OE1 1 
ATOM   273  O OE2 . GLU A 1 55  ? 6.314   18.165  3.291   1.00 57.57 ? 29   GLU A OE2 1 
ATOM   274  N N   . ARG A 1 56  ? 1.858   14.223  3.732   1.00 31.28 ? 30   ARG A N   1 
ATOM   275  C CA  . ARG A 1 56  ? 0.768   13.412  4.241   1.00 30.94 ? 30   ARG A CA  1 
ATOM   276  C C   . ARG A 1 56  ? 1.308   12.268  5.113   1.00 28.42 ? 30   ARG A C   1 
ATOM   277  O O   . ARG A 1 56  ? 2.467   11.896  4.978   1.00 30.68 ? 30   ARG A O   1 
ATOM   278  C CB  . ARG A 1 56  ? -0.019  12.846  3.064   1.00 30.74 ? 30   ARG A CB  1 
ATOM   279  C CG  . ARG A 1 56  ? -0.814  13.888  2.287   1.00 36.35 ? 30   ARG A CG  1 
ATOM   280  C CD  . ARG A 1 56  ? -2.153  14.171  2.966   1.00 40.96 ? 30   ARG A CD  1 
ATOM   281  N NE  . ARG A 1 56  ? -2.021  15.138  4.049   1.00 44.85 ? 30   ARG A NE  1 
ATOM   282  C CZ  . ARG A 1 56  ? -1.919  16.451  3.872   1.00 48.45 ? 30   ARG A CZ  1 
ATOM   283  N NH1 . ARG A 1 56  ? -1.931  16.985  2.652   1.00 48.41 ? 30   ARG A NH1 1 
ATOM   284  N NH2 . ARG A 1 56  ? -1.795  17.236  4.927   1.00 52.96 ? 30   ARG A NH2 1 
ATOM   285  N N   . LYS A 1 57  ? 0.458   11.749  5.993   1.00 25.74 ? 31   LYS A N   1 
ATOM   286  C CA  . LYS A 1 57  ? 0.782   10.593  6.808   1.00 25.19 ? 31   LYS A CA  1 
ATOM   287  C C   . LYS A 1 57  ? 0.461   9.329   5.990   1.00 22.19 ? 31   LYS A C   1 
ATOM   288  O O   . LYS A 1 57  ? -0.697  9.050   5.732   1.00 22.97 ? 31   LYS A O   1 
ATOM   289  C CB  . LYS A 1 57  ? 0.000   10.579  8.097   1.00 28.97 ? 31   LYS A CB  1 
ATOM   290  C CG  . LYS A 1 57  ? 0.675   9.712   9.159   1.00 37.52 ? 31   LYS A CG  1 
ATOM   291  C CD  . LYS A 1 57  ? -0.031  8.383   9.340   1.00 41.96 ? 31   LYS A CD  1 
ATOM   292  C CE  . LYS A 1 57  ? 0.917   7.246   9.706   1.00 43.54 ? 31   LYS A CE  1 
ATOM   293  N NZ  . LYS A 1 57  ? 1.271   7.217   11.154  1.00 49.49 ? 31   LYS A NZ  1 
ATOM   294  N N   . ILE A 1 58  ? 1.486   8.589   5.627   1.00 19.92 ? 32   ILE A N   1 
ATOM   295  C CA  . ILE A 1 58  ? 1.343   7.395   4.826   1.00 18.56 ? 32   ILE A CA  1 
ATOM   296  C C   . ILE A 1 58  ? 2.052   6.289   5.603   1.00 18.26 ? 32   ILE A C   1 
ATOM   297  O O   . ILE A 1 58  ? 3.219   6.455   6.012   1.00 19.55 ? 32   ILE A O   1 
ATOM   298  C CB  . ILE A 1 58  ? 2.008   7.500   3.457   1.00 20.40 ? 32   ILE A CB  1 
ATOM   299  C CG1 . ILE A 1 58  ? 1.672   8.811   2.725   1.00 23.37 ? 32   ILE A CG1 1 
ATOM   300  C CG2 . ILE A 1 58  ? 1.636   6.269   2.610   1.00 21.44 ? 32   ILE A CG2 1 
ATOM   301  C CD1 . ILE A 1 58  ? 0.256   8.956   2.287   1.00 24.81 ? 32   ILE A CD1 1 
ATOM   302  N N   . ALA A 1 59  ? 1.370   5.172   5.822   1.00 17.38 ? 33   ALA A N   1 
ATOM   303  C CA  . ALA A 1 59  ? 1.993   4.014   6.505   1.00 17.16 ? 33   ALA A CA  1 
ATOM   304  C C   . ALA A 1 59  ? 1.482   2.717   5.889   1.00 16.14 ? 33   ALA A C   1 
ATOM   305  O O   . ALA A 1 59  ? 0.640   2.742   4.965   1.00 15.84 ? 33   ALA A O   1 
ATOM   306  C CB  . ALA A 1 59  ? 1.621   4.029   7.978   1.00 18.99 ? 33   ALA A CB  1 
ATOM   307  N N   . SER A 1 60  ? 1.984   1.596   6.391   1.00 15.35 ? 34   SER A N   1 
ATOM   308  C CA  . SER A 1 60  ? 1.547   0.316   5.908   1.00 15.05 ? 34   SER A CA  1 
ATOM   309  C C   . SER A 1 60  ? 1.520   -0.666  7.056   1.00 14.77 ? 34   SER A C   1 
ATOM   310  O O   . SER A 1 60  ? 2.119   -0.421  8.111   1.00 16.68 ? 34   SER A O   1 
ATOM   311  C CB  . SER A 1 60  ? 2.443   -0.189  4.783   1.00 16.14 ? 34   SER A CB  1 
ATOM   312  O OG  . SER A 1 60  ? 3.807   -0.376  5.171   1.00 16.43 ? 34   SER A OG  1 
ATOM   313  N N   . ALA A 1 61  ? 0.781   -1.747  6.869   1.00 15.45 ? 35   ALA A N   1 
ATOM   314  C CA  . ALA A 1 61  ? 0.667   -2.754  7.900   1.00 15.18 ? 35   ALA A CA  1 
ATOM   315  C C   . ALA A 1 61  ? 0.293   -4.057  7.265   1.00 16.52 ? 35   ALA A C   1 
ATOM   316  O O   . ALA A 1 61  ? -0.116  -4.096  6.099   1.00 16.76 ? 35   ALA A O   1 
ATOM   317  C CB  . ALA A 1 61  ? -0.368  -2.362  8.912   1.00 16.28 ? 35   ALA A CB  1 
ATOM   318  N N   . GLY A 1 62  ? 0.434   -5.141  8.025   1.00 16.24 ? 36   GLY A N   1 
ATOM   319  C CA  . GLY A 1 62  ? 0.164   -6.450  7.475   1.00 16.03 ? 36   GLY A CA  1 
ATOM   320  C C   . GLY A 1 62  ? -0.932  -7.144  8.249   1.00 16.74 ? 36   GLY A C   1 
ATOM   321  O O   . GLY A 1 62  ? -0.969  -7.119  9.484   1.00 17.29 ? 36   GLY A O   1 
ATOM   322  N N   . LEU A 1 63  ? -1.767  -7.864  7.522   1.00 17.05 ? 37   LEU A N   1 
ATOM   323  C CA  . LEU A 1 63  ? -2.812  -8.711  8.134   1.00 17.97 ? 37   LEU A CA  1 
ATOM   324  C C   . LEU A 1 63  ? -2.246  -9.834  9.006   1.00 17.03 ? 37   LEU A C   1 
ATOM   325  O O   . LEU A 1 63  ? -2.860  -10.240 10.011  1.00 19.44 ? 37   LEU A O   1 
ATOM   326  C CB  . LEU A 1 63  ? -3.694  -9.301  7.029   1.00 20.09 ? 37   LEU A CB  1 
ATOM   327  C CG  . LEU A 1 63  ? -4.560  -8.218  6.386   1.00 22.46 ? 37   LEU A CG  1 
ATOM   328  C CD1 . LEU A 1 63  ? -5.029  -8.617  5.002   1.00 24.59 ? 37   LEU A CD1 1 
ATOM   329  C CD2 . LEU A 1 63  ? -5.723  -7.897  7.288   1.00 22.54 ? 37   LEU A CD2 1 
ATOM   330  N N   . LYS A 1 64  ? -1.057  -10.322 8.656   1.00 17.51 ? 38   LYS A N   1 
ATOM   331  C CA  . LYS A 1 64  ? -0.328  -11.212 9.576   1.00 18.42 ? 38   LYS A CA  1 
ATOM   332  C C   . LYS A 1 64  ? 1.155   -10.971 9.379   1.00 17.47 ? 38   LYS A C   1 
ATOM   333  O O   . LYS A 1 64  ? 1.847   -11.699 8.704   1.00 20.06 ? 38   LYS A O   1 
ATOM   334  C CB  . LYS A 1 64  ? -0.695  -12.677 9.385   1.00 19.15 ? 38   LYS A CB  1 
ATOM   335  C CG  . LYS A 1 64  ? -0.317  -13.505 10.585  1.00 20.20 ? 38   LYS A CG  1 
ATOM   336  C CD  . LYS A 1 64  ? -1.253  -13.330 11.758  1.00 22.99 ? 38   LYS A CD  1 
ATOM   337  C CE  . LYS A 1 64  ? -0.722  -14.123 12.949  1.00 26.70 ? 38   LYS A CE  1 
ATOM   338  N NZ  . LYS A 1 64  ? -1.608  -14.005 14.119  1.00 33.51 ? 38   LYS A NZ  1 
ATOM   339  N N   . ALA A 1 65  ? 1.622   -9.870  9.944   1.00 16.27 ? 39   ALA A N   1 
ATOM   340  C CA  . ALA A 1 65  ? 2.880   -9.318  9.606   1.00 16.90 ? 39   ALA A CA  1 
ATOM   341  C C   . ALA A 1 65  ? 4.091   -10.092 10.144  1.00 15.33 ? 39   ALA A C   1 
ATOM   342  O O   . ALA A 1 65  ? 4.013   -10.720 11.215  1.00 17.24 ? 39   ALA A O   1 
ATOM   343  C CB  . ALA A 1 65  ? 2.962   -7.870  10.098  1.00 18.28 ? 39   ALA A CB  1 
ATOM   344  N N   . MET A 1 66  ? 5.175   -9.966  9.425   1.00 16.27 ? 40   MET A N   1 
ATOM   345  C CA  . MET A 1 66  ? 6.518   -10.412 9.888   1.00 16.01 ? 40   MET A CA  1 
ATOM   346  C C   . MET A 1 66  ? 7.073   -9.297  10.749  1.00 15.93 ? 40   MET A C   1 
ATOM   347  O O   . MET A 1 66  ? 7.941   -8.552  10.321  1.00 16.76 ? 40   MET A O   1 
ATOM   348  C CB  . MET A 1 66  ? 7.384   -10.691 8.680   1.00 18.34 ? 40   MET A CB  1 
ATOM   349  C CG  . MET A 1 66  ? 6.867   -11.806 7.803   1.00 19.36 ? 40   MET A CG  1 
ATOM   350  S SD  . MET A 1 66  ? 6.903   -13.434 8.605   1.00 21.80 ? 40   MET A SD  1 
ATOM   351  C CE  . MET A 1 66  ? 8.622   -13.476 9.140   1.00 24.80 ? 40   MET A CE  1 
ATOM   352  N N   . VAL A 1 67  ? 6.517   -9.196  11.941  1.00 16.27 ? 41   VAL A N   1 
ATOM   353  C CA  . VAL A 1 67  ? 6.677   -8.006  12.790  1.00 16.85 ? 41   VAL A CA  1 
ATOM   354  C C   . VAL A 1 67  ? 8.162   -7.770  12.999  1.00 17.86 ? 41   VAL A C   1 
ATOM   355  O O   . VAL A 1 67  ? 8.911   -8.701  13.373  1.00 17.45 ? 41   VAL A O   1 
ATOM   356  C CB  . VAL A 1 67  ? 5.930   -8.136  14.118  1.00 16.46 ? 41   VAL A CB  1 
ATOM   357  C CG1 . VAL A 1 67  ? 6.226   -6.929  15.004  1.00 17.44 ? 41   VAL A CG1 1 
ATOM   358  C CG2 . VAL A 1 67  ? 4.417   -8.272  13.898  1.00 16.86 ? 41   VAL A CG2 1 
ATOM   359  N N   . GLY A 1 68  ? 8.605   -6.528  12.805  1.00 17.06 ? 42   GLY A N   1 
ATOM   360  C CA  . GLY A 1 68  ? 10.015  -6.164  12.891  1.00 17.52 ? 42   GLY A CA  1 
ATOM   361  C C   . GLY A 1 68  ? 10.852  -6.271  11.642  1.00 19.49 ? 42   GLY A C   1 
ATOM   362  O O   . GLY A 1 68  ? 11.979  -5.725  11.553  1.00 21.29 ? 42   GLY A O   1 
ATOM   363  N N   . GLY A 1 69  ? 10.330  -6.972  10.621  1.00 18.80 ? 43   GLY A N   1 
ATOM   364  C CA  . GLY A 1 69  ? 11.091  -7.211  9.433   1.00 19.21 ? 43   GLY A CA  1 
ATOM   365  C C   . GLY A 1 69  ? 11.286  -5.945  8.609   1.00 18.83 ? 43   GLY A C   1 
ATOM   366  O O   . GLY A 1 69  ? 10.427  -5.075  8.587   1.00 19.56 ? 43   GLY A O   1 
ATOM   367  N N   . SER A 1 70  ? 12.395  -5.892  7.922   1.00 20.43 ? 44   SER A N   1 
ATOM   368  C CA  . SER A 1 70  ? 12.692  -4.834  6.941   1.00 21.06 ? 44   SER A CA  1 
ATOM   369  C C   . SER A 1 70  ? 12.043  -5.221  5.629   1.00 20.22 ? 44   SER A C   1 
ATOM   370  O O   . SER A 1 70  ? 11.486  -6.327  5.481   1.00 20.70 ? 44   SER A O   1 
ATOM   371  C CB  . SER A 1 70  ? 14.208  -4.654  6.792   1.00 23.68 ? 44   SER A CB  1 
ATOM   372  O OG  . SER A 1 70  ? 14.815  -5.804  6.242   1.00 26.49 ? 44   SER A OG  1 
ATOM   373  N N   . ALA A 1 71  ? 12.091  -4.315  4.648   1.00 20.56 ? 45   ALA A N   1 
ATOM   374  C CA  . ALA A 1 71  ? 11.521  -4.609  3.364   1.00 21.79 ? 45   ALA A CA  1 
ATOM   375  C C   . ALA A 1 71  ? 12.286  -5.764  2.706   1.00 23.05 ? 45   ALA A C   1 
ATOM   376  O O   . ALA A 1 71  ? 13.506  -5.941  2.907   1.00 23.62 ? 45   ALA A O   1 
ATOM   377  C CB  . ALA A 1 71  ? 11.525  -3.370  2.478   1.00 24.36 ? 45   ALA A CB  1 
ATOM   378  N N   . ASP A 1 72  ? 11.551  -6.573  1.962   1.00 22.26 ? 46   ASP A N   1 
ATOM   379  C CA  . ASP A 1 72  ? 12.133  -7.648  1.180   1.00 23.42 ? 46   ASP A CA  1 
ATOM   380  C C   . ASP A 1 72  ? 13.309  -7.150  0.346   1.00 24.30 ? 46   ASP A C   1 
ATOM   381  O O   . ASP A 1 72  ? 13.262  -6.090  -0.257  1.00 21.57 ? 46   ASP A O   1 
ATOM   382  C CB  . ASP A 1 72  ? 11.053  -8.231  0.262   1.00 25.36 ? 46   ASP A CB  1 
ATOM   383  C CG  . ASP A 1 72  ? 11.568  -9.309  -0.646  1.00 29.15 ? 46   ASP A CG  1 
ATOM   384  O OD1 . ASP A 1 72  ? 11.564  -10.470 -0.213  1.00 32.73 ? 46   ASP A OD1 1 
ATOM   385  O OD2 . ASP A 1 72  ? 11.989  -9.029  -1.776  1.00 27.66 ? 46   ASP A OD2 1 
ATOM   386  N N   . GLU A 1 73  ? 14.384  -7.935  0.301   1.00 24.90 ? 47   GLU A N   1 
ATOM   387  C CA  . GLU A 1 73  ? 15.590  -7.532  -0.427  1.00 27.28 ? 47   GLU A CA  1 
ATOM   388  C C   . GLU A 1 73  ? 15.345  -7.246  -1.895  1.00 22.94 ? 47   GLU A C   1 
ATOM   389  O O   . GLU A 1 73  ? 15.855  -6.271  -2.413  1.00 23.99 ? 47   GLU A O   1 
ATOM   390  C CB  . GLU A 1 73  ? 16.659  -8.632  -0.310  1.00 31.66 ? 47   GLU A CB  1 
ATOM   391  C CG  . GLU A 1 73  ? 18.039  -8.267  -0.851  1.00 41.54 ? 47   GLU A CG  1 
ATOM   392  C CD  . GLU A 1 73  ? 18.958  -9.490  -0.995  1.00 49.87 ? 47   GLU A CD  1 
ATOM   393  O OE1 . GLU A 1 73  ? 18.897  -10.414 -0.147  1.00 55.18 ? 47   GLU A OE1 1 
ATOM   394  O OE2 . GLU A 1 73  ? 19.744  -9.534  -1.972  1.00 58.25 ? 47   GLU A OE2 1 
ATOM   395  N N   . THR A 1 74  ? 14.584  -8.092  -2.572  1.00 23.39 ? 48   THR A N   1 
ATOM   396  C CA  . THR A 1 74  ? 14.348  -7.909  -3.990  1.00 23.29 ? 48   THR A CA  1 
ATOM   397  C C   . THR A 1 74  ? 13.425  -6.721  -4.234  1.00 21.41 ? 48   THR A C   1 
ATOM   398  O O   . THR A 1 74  ? 13.663  -5.954  -5.152  1.00 22.35 ? 48   THR A O   1 
ATOM   399  C CB  . THR A 1 74  ? 13.752  -9.162  -4.651  1.00 25.81 ? 48   THR A CB  1 
ATOM   400  O OG1 . THR A 1 74  ? 14.575  -10.286 -4.329  1.00 30.49 ? 48   THR A OG1 1 
ATOM   401  C CG2 . THR A 1 74  ? 13.699  -8.996  -6.147  1.00 25.69 ? 48   THR A CG2 1 
ATOM   402  N N   . ALA A 1 75  ? 12.422  -6.560  -3.381  1.00 21.18 ? 49   ALA A N   1 
ATOM   403  C CA  . ALA A 1 75  ? 11.550  -5.396  -3.472  1.00 20.71 ? 49   ALA A CA  1 
ATOM   404  C C   . ALA A 1 75  ? 12.375  -4.102  -3.350  1.00 20.14 ? 49   ALA A C   1 
ATOM   405  O O   . ALA A 1 75  ? 12.162  -3.138  -4.074  1.00 21.05 ? 49   ALA A O   1 
ATOM   406  C CB  . ALA A 1 75  ? 10.486  -5.464  -2.386  1.00 21.83 ? 49   ALA A CB  1 
ATOM   407  N N   . SER A 1 76  ? 13.324  -4.091  -2.416  1.00 22.05 ? 50   SER A N   1 
ATOM   408  C CA  A SER A 1 76  ? 14.177  -2.939  -2.177  0.50 22.92 ? 50   SER A CA  1 
ATOM   409  C CA  B SER A 1 76  ? 14.177  -2.926  -2.194  0.50 22.36 ? 50   SER A CA  1 
ATOM   410  C C   . SER A 1 76  ? 15.080  -2.637  -3.388  1.00 22.45 ? 50   SER A C   1 
ATOM   411  O O   . SER A 1 76  ? 15.211  -1.487  -3.819  1.00 23.10 ? 50   SER A O   1 
ATOM   412  C CB  A SER A 1 76  ? 15.006  -3.203  -0.910  0.50 23.73 ? 50   SER A CB  1 
ATOM   413  C CB  B SER A 1 76  ? 15.026  -3.122  -0.936  0.50 22.61 ? 50   SER A CB  1 
ATOM   414  O OG  A SER A 1 76  ? 15.912  -2.156  -0.654  0.50 26.04 ? 50   SER A OG  1 
ATOM   415  O OG  B SER A 1 76  ? 14.206  -3.118  0.206   0.50 23.13 ? 50   SER A OG  1 
ATOM   416  N N   . ILE A 1 77  ? 15.703  -3.665  -3.937  1.00 23.23 ? 51   ILE A N   1 
ATOM   417  C CA  . ILE A 1 77  ? 16.539  -3.513  -5.135  1.00 24.37 ? 51   ILE A CA  1 
ATOM   418  C C   . ILE A 1 77  ? 15.790  -2.894  -6.296  1.00 23.47 ? 51   ILE A C   1 
ATOM   419  O O   . ILE A 1 77  ? 16.238  -1.925  -6.899  1.00 24.79 ? 51   ILE A O   1 
ATOM   420  C CB  . ILE A 1 77  ? 17.172  -4.859  -5.543  1.00 27.93 ? 51   ILE A CB  1 
ATOM   421  C CG1 . ILE A 1 77  ? 18.200  -5.258  -4.478  1.00 30.86 ? 51   ILE A CG1 1 
ATOM   422  C CG2 . ILE A 1 77  ? 17.818  -4.756  -6.924  1.00 30.74 ? 51   ILE A CG2 1 
ATOM   423  C CD1 . ILE A 1 77  ? 18.593  -6.720  -4.517  1.00 33.89 ? 51   ILE A CD1 1 
ATOM   424  N N   . VAL A 1 78  ? 14.596  -3.412  -6.554  1.00 22.08 ? 52   VAL A N   1 
ATOM   425  C CA  . VAL A 1 78  ? 13.797  -2.938  -7.670  1.00 22.62 ? 52   VAL A CA  1 
ATOM   426  C C   . VAL A 1 78  ? 13.355  -1.497  -7.426  1.00 22.42 ? 52   VAL A C   1 
ATOM   427  O O   . VAL A 1 78  ? 13.458  -0.647  -8.313  1.00 24.54 ? 52   VAL A O   1 
ATOM   428  C CB  . VAL A 1 78  ? 12.587  -3.880  -7.907  1.00 23.87 ? 52   VAL A CB  1 
ATOM   429  C CG1 . VAL A 1 78  ? 11.623  -3.276  -8.900  1.00 23.00 ? 52   VAL A CG1 1 
ATOM   430  C CG2 . VAL A 1 78  ? 13.079  -5.250  -8.366  1.00 23.19 ? 52   VAL A CG2 1 
ATOM   431  N N   . ALA A 1 79  ? 12.906  -1.200  -6.215  1.00 20.74 ? 53   ALA A N   1 
ATOM   432  C CA  . ALA A 1 79  ? 12.478  0.159   -5.918  1.00 19.79 ? 53   ALA A CA  1 
ATOM   433  C C   . ALA A 1 79  ? 13.631  1.138   -6.074  1.00 22.44 ? 53   ALA A C   1 
ATOM   434  O O   . ALA A 1 79  ? 13.456  2.218   -6.625  1.00 20.66 ? 53   ALA A O   1 
ATOM   435  C CB  . ALA A 1 79  ? 11.890  0.236   -4.528  1.00 20.31 ? 53   ALA A CB  1 
ATOM   436  N N   . ASN A 1 80  ? 14.811  0.742   -5.597  1.00 24.11 ? 54   ASN A N   1 
ATOM   437  C CA  . ASN A 1 80  ? 15.980  1.615   -5.702  1.00 25.93 ? 54   ASN A CA  1 
ATOM   438  C C   . ASN A 1 80  ? 16.335  1.962   -7.143  1.00 25.45 ? 54   ASN A C   1 
ATOM   439  O O   . ASN A 1 80  ? 16.707  3.113   -7.418  1.00 25.45 ? 54   ASN A O   1 
ATOM   440  C CB  . ASN A 1 80  ? 17.214  0.948   -5.052  1.00 27.85 ? 54   ASN A CB  1 
ATOM   441  C CG  . ASN A 1 80  ? 17.140  0.872   -3.525  1.00 30.81 ? 54   ASN A CG  1 
ATOM   442  O OD1 . ASN A 1 80  ? 17.949  0.180   -2.918  1.00 31.23 ? 54   ASN A OD1 1 
ATOM   443  N ND2 . ASN A 1 80  ? 16.179  1.554   -2.894  1.00 31.79 ? 54   ASN A ND2 1 
ATOM   444  N N   . GLU A 1 81  ? 16.231  0.980   -8.030  1.00 26.63 ? 55   GLU A N   1 
ATOM   445  C CA  . GLU A 1 81  ? 16.474  1.171   -9.462  1.00 30.21 ? 55   GLU A CA  1 
ATOM   446  C C   . GLU A 1 81  ? 15.571  2.243   -10.024 1.00 30.29 ? 55   GLU A C   1 
ATOM   447  O O   . GLU A 1 81  ? 15.981  2.993   -10.890 1.00 31.25 ? 55   GLU A O   1 
ATOM   448  C CB  . GLU A 1 81  ? 16.274  -0.126  -10.230 1.00 34.38 ? 55   GLU A CB  1 
ATOM   449  C CG  . GLU A 1 81  ? 17.394  -1.123  -10.008 1.00 40.93 ? 55   GLU A CG  1 
ATOM   450  C CD  . GLU A 1 81  ? 17.069  -2.515  -10.506 1.00 48.09 ? 55   GLU A CD  1 
ATOM   451  O OE1 . GLU A 1 81  ? 15.953  -2.745  -11.033 1.00 53.30 ? 55   GLU A OE1 1 
ATOM   452  O OE2 . GLU A 1 81  ? 17.947  -3.388  -10.358 1.00 56.87 ? 55   GLU A OE2 1 
ATOM   453  N N   . HIS A 1 82  ? 14.357  2.357   -9.487  1.00 27.31 ? 56   HIS A N   1 
ATOM   454  C CA  . HIS A 1 82  ? 13.436  3.403   -9.913  1.00 28.65 ? 56   HIS A CA  1 
ATOM   455  C C   . HIS A 1 82  ? 13.452  4.645   -9.031  1.00 27.24 ? 56   HIS A C   1 
ATOM   456  O O   . HIS A 1 82  ? 12.562  5.474   -9.120  1.00 31.06 ? 56   HIS A O   1 
ATOM   457  C CB  . HIS A 1 82  ? 12.028  2.829   -9.961  1.00 28.19 ? 56   HIS A CB  1 
ATOM   458  C CG  . HIS A 1 82  ? 11.864  1.744   -10.966 1.00 28.26 ? 56   HIS A CG  1 
ATOM   459  N ND1 . HIS A 1 82  ? 12.075  0.413   -10.677 1.00 29.18 ? 56   HIS A ND1 1 
ATOM   460  C CD2 . HIS A 1 82  ? 11.482  1.795   -12.260 1.00 29.23 ? 56   HIS A CD2 1 
ATOM   461  C CE1 . HIS A 1 82  ? 11.832  -0.310  -11.752 1.00 29.37 ? 56   HIS A CE1 1 
ATOM   462  N NE2 . HIS A 1 82  ? 11.482  0.505   -12.729 1.00 33.44 ? 56   HIS A NE2 1 
ATOM   463  N N   . GLY A 1 83  ? 14.436  4.776   -8.153  1.00 26.39 ? 57   GLY A N   1 
ATOM   464  C CA  . GLY A 1 83  ? 14.616  5.995   -7.383  1.00 25.54 ? 57   GLY A CA  1 
ATOM   465  C C   . GLY A 1 83  ? 13.786  6.110   -6.121  1.00 24.62 ? 57   GLY A C   1 
ATOM   466  O O   . GLY A 1 83  ? 13.644  7.197   -5.556  1.00 27.27 ? 57   GLY A O   1 
ATOM   467  N N   . VAL A 1 84  ? 13.231  4.977   -5.673  1.00 22.25 ? 58   VAL A N   1 
ATOM   468  C CA  . VAL A 1 84  ? 12.452  4.926   -4.470  1.00 22.62 ? 58   VAL A CA  1 
ATOM   469  C C   . VAL A 1 84  ? 13.173  4.104   -3.405  1.00 21.89 ? 58   VAL A C   1 
ATOM   470  O O   . VAL A 1 84  ? 13.656  3.022   -3.677  1.00 24.31 ? 58   VAL A O   1 
ATOM   471  C CB  . VAL A 1 84  ? 11.044  4.337   -4.777  1.00 23.53 ? 58   VAL A CB  1 
ATOM   472  C CG1 . VAL A 1 84  ? 10.281  4.041   -3.509  1.00 23.42 ? 58   VAL A CG1 1 
ATOM   473  C CG2 . VAL A 1 84  ? 10.278  5.302   -5.708  1.00 24.82 ? 58   VAL A CG2 1 
ATOM   474  N N   . SER A 1 85  ? 13.195  4.644   -2.184  1.00 21.49 ? 59   SER A N   1 
ATOM   475  C CA  . SER A 1 85  ? 13.822  4.019   -1.047  1.00 22.01 ? 59   SER A CA  1 
ATOM   476  C C   . SER A 1 85  ? 12.832  3.297   -0.159  1.00 21.82 ? 59   SER A C   1 
ATOM   477  O O   . SER A 1 85  ? 11.823  3.877   0.233   1.00 21.73 ? 59   SER A O   1 
ATOM   478  C CB  . SER A 1 85  ? 14.485  5.069   -0.169  1.00 23.94 ? 59   SER A CB  1 
ATOM   479  O OG  . SER A 1 85  ? 14.929  4.447   1.028   1.00 26.90 ? 59   SER A OG  1 
ATOM   480  N N   . LEU A 1 86  ? 13.155  2.049   0.204   1.00 22.79 ? 60   LEU A N   1 
ATOM   481  C CA  . LEU A 1 86  ? 12.372  1.328   1.197   1.00 21.81 ? 60   LEU A CA  1 
ATOM   482  C C   . LEU A 1 86  ? 13.107  1.225   2.530   1.00 23.72 ? 60   LEU A C   1 
ATOM   483  O O   . LEU A 1 86  ? 12.763  0.413   3.390   1.00 22.09 ? 60   LEU A O   1 
ATOM   484  C CB  . LEU A 1 86  ? 12.043  -0.089  0.697   1.00 21.78 ? 60   LEU A CB  1 
ATOM   485  C CG  . LEU A 1 86  ? 11.389  -0.227  -0.673  1.00 21.35 ? 60   LEU A CG  1 
ATOM   486  C CD1 . LEU A 1 86  ? 10.914  -1.678  -0.892  1.00 22.22 ? 60   LEU A CD1 1 
ATOM   487  C CD2 . LEU A 1 86  ? 10.242  0.747   -0.846  1.00 20.97 ? 60   LEU A CD2 1 
ATOM   488  N N   . GLN A 1 87  ? 14.129  2.057   2.686   1.00 23.59 ? 61   GLN A N   1 
ATOM   489  C CA  . GLN A 1 87  ? 14.941  2.039   3.905   1.00 25.90 ? 61   GLN A CA  1 
ATOM   490  C C   . GLN A 1 87  ? 14.178  2.333   5.154   1.00 25.05 ? 61   GLN A C   1 
ATOM   491  O O   . GLN A 1 87  ? 13.243  3.123   5.183   1.00 23.57 ? 61   GLN A O   1 
ATOM   492  C CB  . GLN A 1 87  ? 16.045  3.087   3.799   1.00 30.17 ? 61   GLN A CB  1 
ATOM   493  C CG  . GLN A 1 87  ? 17.422  2.542   3.563   1.00 37.30 ? 61   GLN A CG  1 
ATOM   494  C CD  . GLN A 1 87  ? 18.461  3.608   3.917   1.00 41.58 ? 61   GLN A CD  1 
ATOM   495  O OE1 . GLN A 1 87  ? 18.568  4.603   3.217   1.00 42.30 ? 61   GLN A OE1 1 
ATOM   496  N NE2 . GLN A 1 87  ? 19.176  3.431   5.039   1.00 44.44 ? 61   GLN A NE2 1 
ATOM   497  N N   . ASP A 1 88  ? 14.633  1.691   6.238   1.00 27.16 ? 62   ASP A N   1 
ATOM   498  C CA  . ASP A 1 88  ? 14.076  1.845   7.565   1.00 27.52 ? 62   ASP A CA  1 
ATOM   499  C C   . ASP A 1 88  ? 12.604  1.520   7.660   1.00 22.82 ? 62   ASP A C   1 
ATOM   500  O O   . ASP A 1 88  ? 11.846  2.145   8.366   1.00 26.76 ? 62   ASP A O   1 
ATOM   501  C CB  . ASP A 1 88  ? 14.467  3.183   8.172   1.00 32.59 ? 62   ASP A CB  1 
ATOM   502  C CG  . ASP A 1 88  ? 16.001  3.261   8.415   1.00 39.97 ? 62   ASP A CG  1 
ATOM   503  O OD1 . ASP A 1 88  ? 16.583  2.335   9.078   1.00 41.75 ? 62   ASP A OD1 1 
ATOM   504  O OD2 . ASP A 1 88  ? 16.627  4.204   7.876   1.00 46.09 ? 62   ASP A OD2 1 
ATOM   505  N N   . HIS A 1 89  ? 12.217  0.506   6.911   1.00 21.59 ? 63   HIS A N   1 
ATOM   506  C CA  . HIS A 1 89  ? 10.888  -0.031  7.045   1.00 20.13 ? 63   HIS A CA  1 
ATOM   507  C C   . HIS A 1 89  ? 10.888  -1.023  8.176   1.00 18.97 ? 63   HIS A C   1 
ATOM   508  O O   . HIS A 1 89  ? 11.812  -1.821  8.267   1.00 19.99 ? 63   HIS A O   1 
ATOM   509  C CB  . HIS A 1 89  ? 10.476  -0.730  5.773   1.00 19.65 ? 63   HIS A CB  1 
ATOM   510  C CG  . HIS A 1 89  ? 9.143   -1.380  5.895   1.00 19.23 ? 63   HIS A CG  1 
ATOM   511  N ND1 . HIS A 1 89  ? 7.981   -0.653  5.995   1.00 18.81 ? 63   HIS A ND1 1 
ATOM   512  C CD2 . HIS A 1 89  ? 8.785   -2.682  5.978   1.00 20.46 ? 63   HIS A CD2 1 
ATOM   513  C CE1 . HIS A 1 89  ? 6.966   -1.481  6.187   1.00 19.21 ? 63   HIS A CE1 1 
ATOM   514  N NE2 . HIS A 1 89  ? 7.430   -2.722  6.144   1.00 19.51 ? 63   HIS A NE2 1 
ATOM   515  N N   . VAL A 1 90  ? 9.870   -0.961  9.014   1.00 17.69 ? 64   VAL A N   1 
ATOM   516  C CA  . VAL A 1 90  ? 9.687   -1.920  10.118  1.00 18.24 ? 64   VAL A CA  1 
ATOM   517  C C   . VAL A 1 90  ? 8.261   -2.480  10.026  1.00 17.20 ? 64   VAL A C   1 
ATOM   518  O O   . VAL A 1 90  ? 7.256   -1.762  10.222  1.00 18.30 ? 64   VAL A O   1 
ATOM   519  C CB  . VAL A 1 90  ? 9.928   -1.259  11.487  1.00 19.52 ? 64   VAL A CB  1 
ATOM   520  C CG1 . VAL A 1 90  ? 9.775   -2.276  12.611  1.00 20.69 ? 64   VAL A CG1 1 
ATOM   521  C CG2 . VAL A 1 90  ? 11.339  -0.636  11.510  1.00 20.59 ? 64   VAL A CG2 1 
ATOM   522  N N   . ALA A 1 91  ? 8.164   -3.768  9.691   1.00 16.98 ? 65   ALA A N   1 
ATOM   523  C CA  . ALA A 1 91  ? 6.870   -4.361  9.505   1.00 16.50 ? 65   ALA A CA  1 
ATOM   524  C C   . ALA A 1 91  ? 6.061   -4.359  10.787  1.00 16.98 ? 65   ALA A C   1 
ATOM   525  O O   . ALA A 1 91  ? 6.587   -4.557  11.877  1.00 17.29 ? 65   ALA A O   1 
ATOM   526  C CB  . ALA A 1 91  ? 7.030   -5.767  8.947   1.00 16.84 ? 65   ALA A CB  1 
ATOM   527  N N   . GLN A 1 92  ? 4.759   -4.064  10.662  1.00 15.76 ? 66   GLN A N   1 
ATOM   528  C CA  . GLN A 1 92  ? 3.866   -4.016  11.790  1.00 15.96 ? 66   GLN A CA  1 
ATOM   529  C C   . GLN A 1 92  ? 2.538   -4.714  11.513  1.00 16.03 ? 66   GLN A C   1 
ATOM   530  O O   . GLN A 1 92  ? 2.045   -4.684  10.390  1.00 17.12 ? 66   GLN A O   1 
ATOM   531  C CB  . GLN A 1 92  ? 3.654   -2.544  12.216  1.00 18.19 ? 66   GLN A CB  1 
ATOM   532  C CG  . GLN A 1 92  ? 2.865   -1.700  11.240  1.00 20.22 ? 66   GLN A CG  1 
ATOM   533  C CD  . GLN A 1 92  ? 2.656   -0.274  11.723  1.00 23.62 ? 66   GLN A CD  1 
ATOM   534  O OE1 . GLN A 1 92  ? 2.784   0.044   12.918  1.00 25.24 ? 66   GLN A OE1 1 
ATOM   535  N NE2 . GLN A 1 92  ? 2.321   0.605   10.774  1.00 22.82 ? 66   GLN A NE2 1 
ATOM   536  N N   . GLN A 1 93  ? 1.956   -5.278  12.553  1.00 16.55 ? 67   GLN A N   1 
ATOM   537  C CA  . GLN A 1 93  ? 0.656   -5.893  12.484  1.00 16.73 ? 67   GLN A CA  1 
ATOM   538  C C   . GLN A 1 93  ? -0.476  -4.894  12.429  1.00 17.42 ? 67   GLN A C   1 
ATOM   539  O O   . GLN A 1 93  ? -0.509  -3.954  13.214  1.00 18.32 ? 67   GLN A O   1 
ATOM   540  C CB  . GLN A 1 93  ? 0.450   -6.797  13.716  1.00 17.43 ? 67   GLN A CB  1 
ATOM   541  C CG  . GLN A 1 93  ? -0.903  -7.450  13.815  1.00 17.08 ? 67   GLN A CG  1 
ATOM   542  C CD  . GLN A 1 93  ? -1.230  -8.356  12.652  1.00 17.86 ? 67   GLN A CD  1 
ATOM   543  O OE1 . GLN A 1 93  ? -0.379  -9.137  12.213  1.00 19.19 ? 67   GLN A OE1 1 
ATOM   544  N NE2 . GLN A 1 93  ? -2.448  -8.267  12.158  1.00 19.25 ? 67   GLN A NE2 1 
ATOM   545  N N   . LEU A 1 94  ? -1.400  -5.103  11.493  1.00 17.22 ? 68   LEU A N   1 
ATOM   546  C CA  . LEU A 1 94  ? -2.614  -4.276  11.412  1.00 17.41 ? 68   LEU A CA  1 
ATOM   547  C C   . LEU A 1 94  ? -3.490  -4.469  12.645  1.00 18.95 ? 68   LEU A C   1 
ATOM   548  O O   . LEU A 1 94  ? -3.789  -5.588  13.015  1.00 19.47 ? 68   LEU A O   1 
ATOM   549  C CB  . LEU A 1 94  ? -3.468  -4.672  10.217  1.00 18.18 ? 68   LEU A CB  1 
ATOM   550  C CG  . LEU A 1 94  ? -4.684  -3.761  9.982   1.00 18.05 ? 68   LEU A CG  1 
ATOM   551  C CD1 . LEU A 1 94  ? -4.318  -2.325  9.645   1.00 19.93 ? 68   LEU A CD1 1 
ATOM   552  C CD2 . LEU A 1 94  ? -5.504  -4.339  8.829   1.00 20.20 ? 68   LEU A CD2 1 
ATOM   553  N N   . THR A 1 95  ? -3.918  -3.349  13.232  1.00 18.86 ? 69   THR A N   1 
ATOM   554  C CA  . THR A 1 95  ? -4.814  -3.342  14.365  1.00 20.20 ? 69   THR A CA  1 
ATOM   555  C C   . THR A 1 95  ? -6.104  -2.592  14.020  1.00 20.55 ? 69   THR A C   1 
ATOM   556  O O   . THR A 1 95  ? -6.159  -1.819  13.043  1.00 21.23 ? 69   THR A O   1 
ATOM   557  C CB  . THR A 1 95  ? -4.172  -2.665  15.572  1.00 21.50 ? 69   THR A CB  1 
ATOM   558  O OG1 . THR A 1 95  ? -3.977  -1.288  15.291  1.00 22.63 ? 69   THR A OG1 1 
ATOM   559  C CG2 . THR A 1 95  ? -2.862  -3.304  15.938  1.00 22.98 ? 69   THR A CG2 1 
ATOM   560  N N   . ALA A 1 96  ? -7.134  -2.827  14.822  1.00 20.73 ? 70   ALA A N   1 
ATOM   561  C CA  . ALA A 1 96  ? -8.394  -2.124  14.655  1.00 20.73 ? 70   ALA A CA  1 
ATOM   562  C C   . ALA A 1 96  ? -8.240  -0.607  14.791  1.00 21.65 ? 70   ALA A C   1 
ATOM   563  O O   . ALA A 1 96  ? -8.837  0.164   14.028  1.00 21.48 ? 70   ALA A O   1 
ATOM   564  C CB  . ALA A 1 96  ? -9.464  -2.654  15.606  1.00 21.21 ? 70   ALA A CB  1 
ATOM   565  N N   . ASP A 1 97  ? -7.410  -0.193  15.747  1.00 21.85 ? 71   ASP A N   1 
ATOM   566  C CA  . ASP A 1 97  ? -7.094  1.214   15.904  1.00 23.70 ? 71   ASP A CA  1 
ATOM   567  C C   . ASP A 1 97  ? -6.476  1.841   14.667  1.00 22.93 ? 71   ASP A C   1 
ATOM   568  O O   . ASP A 1 97  ? -6.828  2.956   14.317  1.00 23.01 ? 71   ASP A O   1 
ATOM   569  C CB  . ASP A 1 97  ? -6.127  1.443   17.087  1.00 25.92 ? 71   ASP A CB  1 
ATOM   570  C CG  . ASP A 1 97  ? -6.711  1.051   18.422  1.00 30.40 ? 71   ASP A CG  1 
ATOM   571  O OD1 . ASP A 1 97  ? -7.957  0.977   18.549  1.00 34.96 ? 71   ASP A OD1 1 
ATOM   572  O OD2 . ASP A 1 97  ? -5.903  0.817   19.370  1.00 31.04 ? 71   ASP A OD2 1 
ATOM   573  N N   . MET A 1 98  ? -5.523  1.156   14.011  1.00 19.71 ? 72   MET A N   1 
ATOM   574  C CA  . MET A 1 98  ? -4.914  1.707   12.795  1.00 20.87 ? 72   MET A CA  1 
ATOM   575  C C   . MET A 1 98  ? -5.996  1.908   11.740  1.00 19.85 ? 72   MET A C   1 
ATOM   576  O O   . MET A 1 98  ? -5.985  2.904   11.003  1.00 20.31 ? 72   MET A O   1 
ATOM   577  C CB  . MET A 1 98  ? -3.856  0.766   12.205  1.00 21.42 ? 72   MET A CB  1 
ATOM   578  C CG  . MET A 1 98  ? -2.581  0.686   12.983  1.00 23.73 ? 72   MET A CG  1 
ATOM   579  S SD  . MET A 1 98  ? -1.578  -0.631  12.230  1.00 25.91 ? 72   MET A SD  1 
ATOM   580  C CE  . MET A 1 98  ? -0.456  -0.763  13.606  1.00 28.50 ? 72   MET A CE  1 
ATOM   581  N N   . CYS A 1 99  ? -6.909  0.959   11.666  1.00 19.83 ? 73   CYS A N   1 
ATOM   582  C CA  . CYS A 1 99  ? -7.992  1.035   10.666  1.00 20.71 ? 73   CYS A CA  1 
ATOM   583  C C   . CYS A 1 99  ? -8.871  2.242   10.933  1.00 22.27 ? 73   CYS A C   1 
ATOM   584  O O   . CYS A 1 99  ? -9.228  2.999   10.022  1.00 20.91 ? 73   CYS A O   1 
ATOM   585  C CB  . CYS A 1 99  ? -8.837  -0.234  10.681  1.00 19.04 ? 73   CYS A CB  1 
ATOM   586  S SG  . CYS A 1 99  ? -7.985  -1.703  10.082  1.00 22.58 ? 73   CYS A SG  1 
ATOM   587  N N   . ARG A 1 100 ? -9.251  2.420   12.204  1.00 22.98 ? 74   ARG A N   1 
ATOM   588  C CA  . ARG A 1 100 ? -10.079 3.568   12.567  1.00 22.85 ? 74   ARG A CA  1 
ATOM   589  C C   . ARG A 1 100 ? -9.401  4.905   12.272  1.00 22.02 ? 74   ARG A C   1 
ATOM   590  O O   . ARG A 1 100 ? -10.011 5.840   11.725  1.00 23.97 ? 74   ARG A O   1 
ATOM   591  C CB  . ARG A 1 100 ? -10.420 3.483   14.053  1.00 26.04 ? 74   ARG A CB  1 
ATOM   592  C CG  . ARG A 1 100 ? -11.411 4.535   14.495  1.00 30.58 ? 74   ARG A CG  1 
ATOM   593  C CD  . ARG A 1 100 ? -11.764 4.368   15.956  1.00 35.28 ? 74   ARG A CD  1 
ATOM   594  N NE  . ARG A 1 100 ? -10.558 4.603   16.733  1.00 42.88 ? 74   ARG A NE  1 
ATOM   595  C CZ  . ARG A 1 100 ? -9.806  3.666   17.303  1.00 46.07 ? 74   ARG A CZ  1 
ATOM   596  N NH1 . ARG A 1 100 ? -10.137 2.370   17.242  1.00 50.66 ? 74   ARG A NH1 1 
ATOM   597  N NH2 . ARG A 1 100 ? -8.706  4.043   17.941  1.00 45.80 ? 74   ARG A NH2 1 
ATOM   598  N N   . ASP A 1 101 ? -8.124  5.003   12.571  1.00 22.03 ? 75   ASP A N   1 
ATOM   599  C CA  . ASP A 1 101 ? -7.386  6.257   12.484  1.00 23.61 ? 75   ASP A CA  1 
ATOM   600  C C   . ASP A 1 101 ? -7.073  6.669   11.031  1.00 23.75 ? 75   ASP A C   1 
ATOM   601  O O   . ASP A 1 101 ? -6.836  7.818   10.764  1.00 26.31 ? 75   ASP A O   1 
ATOM   602  C CB  . ASP A 1 101 ? -6.051  6.176   13.215  1.00 24.90 ? 75   ASP A CB  1 
ATOM   603  C CG  . ASP A 1 101 ? -6.190  6.031   14.754  1.00 30.82 ? 75   ASP A CG  1 
ATOM   604  O OD1 . ASP A 1 101 ? -7.317  6.075   15.299  1.00 35.07 ? 75   ASP A OD1 1 
ATOM   605  O OD2 . ASP A 1 101 ? -5.125  5.824   15.390  1.00 37.64 ? 75   ASP A OD2 1 
ATOM   606  N N   . SER A 1 102 ? -7.065  5.720   10.090  1.00 21.44 ? 76   SER A N   1 
ATOM   607  C CA  . SER A 1 102 ? -6.687  6.044   8.726   1.00 21.17 ? 76   SER A CA  1 
ATOM   608  C C   . SER A 1 102 ? -7.876  6.545   7.941   1.00 19.82 ? 76   SER A C   1 
ATOM   609  O O   . SER A 1 102 ? -8.938  5.984   8.047   1.00 23.25 ? 76   SER A O   1 
ATOM   610  C CB  . SER A 1 102 ? -6.184  4.770   8.036   1.00 22.50 ? 76   SER A CB  1 
ATOM   611  O OG  . SER A 1 102 ? -5.138  4.200   8.813   1.00 28.17 ? 76   SER A OG  1 
ATOM   612  N N   . ASP A 1 103 ? -7.675  7.531   7.075   1.00 18.94 ? 77   ASP A N   1 
ATOM   613  C CA  . ASP A 1 103 ? -8.791  8.060   6.292   1.00 19.10 ? 77   ASP A CA  1 
ATOM   614  C C   . ASP A 1 103 ? -9.053  7.210   5.050   1.00 18.06 ? 77   ASP A C   1 
ATOM   615  O O   . ASP A 1 103 ? -10.163 7.220   4.499   1.00 19.17 ? 77   ASP A O   1 
ATOM   616  C CB  . ASP A 1 103 ? -8.503  9.485   5.824   1.00 21.66 ? 77   ASP A CB  1 
ATOM   617  C CG  . ASP A 1 103 ? -8.412  10.478  6.963   1.00 25.81 ? 77   ASP A CG  1 
ATOM   618  O OD1 . ASP A 1 103 ? -9.192  10.317  7.922   1.00 30.70 ? 77   ASP A OD1 1 
ATOM   619  O OD2 . ASP A 1 103 ? -7.587  11.421  6.856   1.00 29.43 ? 77   ASP A OD2 1 
ATOM   620  N N   . LEU A 1 104 ? -8.036  6.506   4.575   1.00 17.06 ? 78   LEU A N   1 
ATOM   621  C CA  . LEU A 1 104 ? -8.189  5.653   3.386   1.00 15.34 ? 78   LEU A CA  1 
ATOM   622  C C   . LEU A 1 104 ? -7.301  4.420   3.618   1.00 15.67 ? 78   LEU A C   1 
ATOM   623  O O   . LEU A 1 104 ? -6.138  4.582   4.023   1.00 16.51 ? 78   LEU A O   1 
ATOM   624  C CB  . LEU A 1 104 ? -7.732  6.414   2.159   1.00 16.26 ? 78   LEU A CB  1 
ATOM   625  C CG  . LEU A 1 104 ? -7.679  5.711   0.815   1.00 15.71 ? 78   LEU A CG  1 
ATOM   626  C CD1 . LEU A 1 104 ? -9.077  5.277   0.418   1.00 17.38 ? 78   LEU A CD1 1 
ATOM   627  C CD2 . LEU A 1 104 ? -7.065  6.654   -0.206  1.00 16.47 ? 78   LEU A CD2 1 
ATOM   628  N N   . ILE A 1 105 ? -7.845  3.223   3.376   1.00 13.53 ? 79   ILE A N   1 
ATOM   629  C CA  . ILE A 1 105 ? -7.119  1.976   3.537   1.00 15.35 ? 79   ILE A CA  1 
ATOM   630  C C   . ILE A 1 105 ? -7.061  1.319   2.152   1.00 15.37 ? 79   ILE A C   1 
ATOM   631  O O   . ILE A 1 105 ? -8.109  1.144   1.521   1.00 15.58 ? 79   ILE A O   1 
ATOM   632  C CB  . ILE A 1 105 ? -7.800  1.035   4.522   1.00 15.47 ? 79   ILE A CB  1 
ATOM   633  C CG1 . ILE A 1 105 ? -7.975  1.747   5.907   1.00 16.46 ? 79   ILE A CG1 1 
ATOM   634  C CG2 . ILE A 1 105 ? -7.014  -0.262  4.633   1.00 15.74 ? 79   ILE A CG2 1 
ATOM   635  C CD1 . ILE A 1 105 ? -8.837  0.948   6.857   1.00 17.19 ? 79   ILE A CD1 1 
ATOM   636  N N   . LEU A 1 106 ? -5.868  0.997   1.708   1.00 14.15 ? 80   LEU A N   1 
ATOM   637  C CA  . LEU A 1 106 ? -5.670  0.446   0.352   1.00 13.58 ? 80   LEU A CA  1 
ATOM   638  C C   . LEU A 1 106 ? -5.114  -0.968  0.449   1.00 14.80 ? 80   LEU A C   1 
ATOM   639  O O   . LEU A 1 106 ? -4.100  -1.204  1.120   1.00 16.27 ? 80   LEU A O   1 
ATOM   640  C CB  . LEU A 1 106 ? -4.736  1.291   -0.476  1.00 14.44 ? 80   LEU A CB  1 
ATOM   641  C CG  . LEU A 1 106 ? -5.164  2.758   -0.667  1.00 14.66 ? 80   LEU A CG  1 
ATOM   642  C CD1 . LEU A 1 106 ? -4.126  3.514   -1.450  1.00 15.32 ? 80   LEU A CD1 1 
ATOM   643  C CD2 . LEU A 1 106 ? -6.532  2.897   -1.302  1.00 14.99 ? 80   LEU A CD2 1 
ATOM   644  N N   . VAL A 1 107 ? -5.764  -1.896  -0.226  1.00 13.68 ? 81   VAL A N   1 
ATOM   645  C CA  . VAL A 1 107 ? -5.372  -3.315  -0.255  1.00 13.80 ? 81   VAL A CA  1 
ATOM   646  C C   . VAL A 1 107 ? -5.053  -3.723  -1.685  1.00 14.44 ? 81   VAL A C   1 
ATOM   647  O O   . VAL A 1 107 ? -5.463  -3.090  -2.655  1.00 14.49 ? 81   VAL A O   1 
ATOM   648  C CB  . VAL A 1 107 ? -6.394  -4.274  0.348   1.00 13.80 ? 81   VAL A CB  1 
ATOM   649  C CG1 . VAL A 1 107 ? -6.650  -3.869  1.791   1.00 15.54 ? 81   VAL A CG1 1 
ATOM   650  C CG2 . VAL A 1 107 ? -7.691  -4.250  -0.429  1.00 15.09 ? 81   VAL A CG2 1 
ATOM   651  N N   . MET A 1 108 ? -4.341  -4.820  -1.834  1.00 15.71 ? 82   MET A N   1 
ATOM   652  C CA  . MET A 1 108 ? -3.849  -5.207  -3.156  1.00 15.30 ? 82   MET A CA  1 
ATOM   653  C C   . MET A 1 108 ? -4.803  -6.083  -3.929  1.00 16.49 ? 82   MET A C   1 
ATOM   654  O O   . MET A 1 108 ? -4.791  -6.068  -5.153  1.00 16.64 ? 82   MET A O   1 
ATOM   655  C CB  . MET A 1 108 ? -2.508  -5.946  -2.999  1.00 16.75 ? 82   MET A CB  1 
ATOM   656  C CG  . MET A 1 108 ? -1.404  -5.148  -2.366  1.00 17.91 ? 82   MET A CG  1 
ATOM   657  S SD  . MET A 1 108 ? -0.956  -3.748  -3.398  1.00 18.24 ? 82   MET A SD  1 
ATOM   658  C CE  . MET A 1 108 ? -0.302  -2.602  -2.182  1.00 18.84 ? 82   MET A CE  1 
ATOM   659  N N   . GLU A 1 109 ? -5.628  -6.847  -3.226  1.00 16.22 ? 83   GLU A N   1 
ATOM   660  C CA  . GLU A 1 109 ? -6.509  -7.852  -3.828  1.00 17.76 ? 83   GLU A CA  1 
ATOM   661  C C   . GLU A 1 109 ? -7.877  -7.735  -3.162  1.00 17.28 ? 83   GLU A C   1 
ATOM   662  O O   . GLU A 1 109 ? -8.000  -7.411  -1.988  1.00 16.34 ? 83   GLU A O   1 
ATOM   663  C CB  . GLU A 1 109 ? -5.935  -9.290  -3.629  1.00 20.25 ? 83   GLU A CB  1 
ATOM   664  C CG  . GLU A 1 109 ? -4.583  -9.535  -4.269  1.00 23.50 ? 83   GLU A CG  1 
ATOM   665  C CD  . GLU A 1 109 ? -3.940  -10.868 -3.856  1.00 27.78 ? 83   GLU A CD  1 
ATOM   666  O OE1 . GLU A 1 109 ? -4.691  -11.834 -3.577  1.00 34.08 ? 83   GLU A OE1 1 
ATOM   667  O OE2 . GLU A 1 109 ? -2.689  -10.968 -3.807  1.00 25.10 ? 83   GLU A OE2 1 
ATOM   668  N N   . LYS A 1 110 ? -8.929  -7.997  -3.919  1.00 17.66 ? 84   LYS A N   1 
ATOM   669  C CA  . LYS A 1 110 ? -10.290 -7.914  -3.415  1.00 18.11 ? 84   LYS A CA  1 
ATOM   670  C C   . LYS A 1 110 ? -10.552 -8.737  -2.159  1.00 18.99 ? 84   LYS A C   1 
ATOM   671  O O   . LYS A 1 110 ? -11.209 -8.245  -1.251  1.00 18.95 ? 84   LYS A O   1 
ATOM   672  C CB  . LYS A 1 110 ? -11.263 -8.356  -4.508  1.00 18.83 ? 84   LYS A CB  1 
ATOM   673  C CG  . LYS A 1 110 ? -11.302 -7.343  -5.637  1.00 19.93 ? 84   LYS A CG  1 
ATOM   674  C CD  . LYS A 1 110 ? -12.159 -7.842  -6.773  1.00 20.09 ? 84   LYS A CD  1 
ATOM   675  C CE  . LYS A 1 110 ? -12.165 -6.824  -7.900  1.00 22.18 ? 84   LYS A CE  1 
ATOM   676  N NZ  . LYS A 1 110 ? -13.134 -7.275  -8.953  1.00 22.33 ? 84   LYS A NZ  1 
ATOM   677  N N   . LYS A 1 111 ? -9.988  -9.928  -2.098  1.00 20.05 ? 85   LYS A N   1 
ATOM   678  C CA  . LYS A 1 111 ? -10.216 -10.818 -0.959  1.00 23.71 ? 85   LYS A CA  1 
ATOM   679  C C   . LYS A 1 111 ? -9.726  -10.182 0.320   1.00 23.11 ? 85   LYS A C   1 
ATOM   680  O O   . LYS A 1 111 ? -10.194 -10.540 1.395   1.00 23.93 ? 85   LYS A O   1 
ATOM   681  C CB  . LYS A 1 111 ? -9.557  -12.185 -1.176  1.00 27.02 ? 85   LYS A CB  1 
ATOM   682  C CG  . LYS A 1 111 ? -8.056  -12.176 -1.234  1.00 32.98 ? 85   LYS A CG  1 
ATOM   683  C CD  . LYS A 1 111 ? -7.477  -13.584 -1.420  1.00 38.75 ? 85   LYS A CD  1 
ATOM   684  C CE  . LYS A 1 111 ? -6.515  -13.660 -2.587  1.00 41.97 ? 85   LYS A CE  1 
ATOM   685  N NZ  . LYS A 1 111 ? -7.043  -13.117 -3.887  1.00 42.30 ? 85   LYS A NZ  1 
ATOM   686  N N   . HIS A 1 112 ? -8.776  -9.257  0.217   1.00 19.28 ? 86   HIS A N   1 
ATOM   687  C CA  . HIS A 1 112 ? -8.205  -8.643  1.421   1.00 20.09 ? 86   HIS A CA  1 
ATOM   688  C C   . HIS A 1 112 ? -9.140  -7.659  2.067   1.00 18.79 ? 86   HIS A C   1 
ATOM   689  O O   . HIS A 1 112 ? -8.972  -7.351  3.255   1.00 18.66 ? 86   HIS A O   1 
ATOM   690  C CB  . HIS A 1 112 ? -6.874  -7.982  1.114   1.00 19.66 ? 86   HIS A CB  1 
ATOM   691  C CG  . HIS A 1 112 ? -5.821  -8.960  0.702   1.00 22.11 ? 86   HIS A CG  1 
ATOM   692  N ND1 . HIS A 1 112 ? -4.618  -8.583  0.168   1.00 27.04 ? 86   HIS A ND1 1 
ATOM   693  C CD2 . HIS A 1 112 ? -5.831  -10.317 0.691   1.00 26.05 ? 86   HIS A CD2 1 
ATOM   694  C CE1 . HIS A 1 112 ? -3.898  -9.662  -0.094  1.00 24.18 ? 86   HIS A CE1 1 
ATOM   695  N NE2 . HIS A 1 112 ? -4.611  -10.722 0.203   1.00 26.47 ? 86   HIS A NE2 1 
ATOM   696  N N   . ILE A 1 113 ? -10.165 -7.171  1.352   1.00 17.63 ? 87   ILE A N   1 
ATOM   697  C CA  . ILE A 1 113 ? -11.098 -6.222  1.946   1.00 18.43 ? 87   ILE A CA  1 
ATOM   698  C C   . ILE A 1 113 ? -11.839 -6.860  3.102   1.00 20.62 ? 87   ILE A C   1 
ATOM   699  O O   . ILE A 1 113 ? -11.888 -6.282  4.177   1.00 20.02 ? 87   ILE A O   1 
ATOM   700  C CB  . ILE A 1 113 ? -12.084 -5.623  0.911   1.00 19.11 ? 87   ILE A CB  1 
ATOM   701  C CG1 . ILE A 1 113 ? -11.333 -4.820  -0.144  1.00 19.40 ? 87   ILE A CG1 1 
ATOM   702  C CG2 . ILE A 1 113 ? -13.128 -4.785  1.619   1.00 21.04 ? 87   ILE A CG2 1 
ATOM   703  C CD1 . ILE A 1 113 ? -12.201 -4.496  -1.339  1.00 22.70 ? 87   ILE A CD1 1 
ATOM   704  N N   . ASP A 1 114 ? -12.343 -8.069  2.900   1.00 21.73 ? 88   ASP A N   1 
ATOM   705  C CA  . ASP A 1 114 ? -13.023 -8.777  3.975   1.00 24.01 ? 88   ASP A CA  1 
ATOM   706  C C   . ASP A 1 114 ? -12.080 -9.044  5.129   1.00 22.28 ? 88   ASP A C   1 
ATOM   707  O O   . ASP A 1 114 ? -12.521 -9.055  6.275   1.00 26.03 ? 88   ASP A O   1 
ATOM   708  C CB  . ASP A 1 114 ? -13.634 -10.090 3.465   1.00 26.58 ? 88   ASP A CB  1 
ATOM   709  C CG  . ASP A 1 114 ? -14.967 -9.872  2.728   1.00 30.26 ? 88   ASP A CG  1 
ATOM   710  O OD1 . ASP A 1 114 ? -15.549 -8.769  2.783   1.00 32.83 ? 88   ASP A OD1 1 
ATOM   711  O OD2 . ASP A 1 114 ? -15.447 -10.828 2.074   1.00 36.15 ? 88   ASP A OD2 1 
ATOM   712  N N   . LEU A 1 115 ? -10.804 -9.262  4.838   1.00 20.97 ? 89   LEU A N   1 
ATOM   713  C CA  . LEU A 1 115 ? -9.811  -9.544  5.909   1.00 21.18 ? 89   LEU A CA  1 
ATOM   714  C C   . LEU A 1 115 ? -9.606  -8.310  6.781   1.00 21.36 ? 89   LEU A C   1 
ATOM   715  O O   . LEU A 1 115 ? -9.578  -8.376  8.032   1.00 22.75 ? 89   LEU A O   1 
ATOM   716  C CB  . LEU A 1 115 ? -8.476  -10.041 5.331   1.00 21.94 ? 89   LEU A CB  1 
ATOM   717  C CG  . LEU A 1 115 ? -8.559  -11.269 4.418   1.00 23.41 ? 89   LEU A CG  1 
ATOM   718  C CD1 . LEU A 1 115 ? -7.190  -11.672 3.899   1.00 25.08 ? 89   LEU A CD1 1 
ATOM   719  C CD2 . LEU A 1 115 ? -9.261  -12.386 5.168   1.00 25.01 ? 89   LEU A CD2 1 
ATOM   720  N N   . VAL A 1 116 ? -9.548  -7.155  6.161   1.00 18.91 ? 90   VAL A N   1 
ATOM   721  C CA  . VAL A 1 116 ? -9.471  -5.901  6.923   1.00 18.49 ? 90   VAL A CA  1 
ATOM   722  C C   . VAL A 1 116 ? -10.717 -5.689  7.772   1.00 21.01 ? 90   VAL A C   1 
ATOM   723  O O   . VAL A 1 116 ? -10.633 -5.271  8.944   1.00 21.98 ? 90   VAL A O   1 
ATOM   724  C CB  . VAL A 1 116 ? -9.270  -4.690  5.983   1.00 18.36 ? 90   VAL A CB  1 
ATOM   725  C CG1 . VAL A 1 116 ? -9.480  -3.359  6.713   1.00 19.09 ? 90   VAL A CG1 1 
ATOM   726  C CG2 . VAL A 1 116 ? -7.865  -4.733  5.376   1.00 17.94 ? 90   VAL A CG2 1 
ATOM   727  N N   . CYS A 1 117 ? -11.875 -6.003  7.205   1.00 22.00 ? 91   CYS A N   1 
ATOM   728  C CA  . CYS A 1 117 ? -13.139 -5.824  7.892   1.00 24.98 ? 91   CYS A CA  1 
ATOM   729  C C   . CYS A 1 117 ? -13.332 -6.813  9.078   1.00 27.66 ? 91   CYS A C   1 
ATOM   730  O O   . CYS A 1 117 ? -14.044 -6.493  10.042  1.00 28.51 ? 91   CYS A O   1 
ATOM   731  C CB  . CYS A 1 117 ? -14.283 -5.844  6.885   1.00 24.88 ? 91   CYS A CB  1 
ATOM   732  S SG  . CYS A 1 117 ? -14.264 -4.402  5.817   1.00 28.59 ? 91   CYS A SG  1 
ATOM   733  N N   . ARG A 1 118 ? -12.658 -7.947  9.045   1.00 27.85 ? 92   ARG A N   1 
ATOM   734  C CA  . ARG A 1 118 ? -12.622 -8.827  10.217  1.00 32.55 ? 92   ARG A CA  1 
ATOM   735  C C   . ARG A 1 118 ? -11.858 -8.197  11.375  1.00 31.29 ? 92   ARG A C   1 
ATOM   736  O O   . ARG A 1 118 ? -12.230 -8.383  12.522  1.00 31.03 ? 92   ARG A O   1 
ATOM   737  C CB  . ARG A 1 118 ? -12.045 -10.192 9.867   1.00 36.82 ? 92   ARG A CB  1 
ATOM   738  C CG  . ARG A 1 118 ? -12.999 -11.012 9.002   1.00 44.00 ? 92   ARG A CG  1 
ATOM   739  C CD  . ARG A 1 118 ? -12.657 -12.493 8.991   1.00 49.26 ? 92   ARG A CD  1 
ATOM   740  N NE  . ARG A 1 118 ? -13.010 -13.134 10.269  1.00 57.85 ? 92   ARG A NE  1 
ATOM   741  C CZ  . ARG A 1 118 ? -12.157 -13.674 11.156  1.00 65.18 ? 92   ARG A CZ  1 
ATOM   742  N NH1 . ARG A 1 118 ? -10.836 -13.711 10.950  1.00 67.99 ? 92   ARG A NH1 1 
ATOM   743  N NH2 . ARG A 1 118 ? -12.641 -14.205 12.275  1.00 67.98 ? 92   ARG A NH2 1 
ATOM   744  N N   . ILE A 1 119 ? -10.774 -7.482  11.084  1.00 26.85 ? 93   ILE A N   1 
ATOM   745  C CA  . ILE A 1 119 ? -10.052 -6.723  12.119  1.00 27.05 ? 93   ILE A CA  1 
ATOM   746  C C   . ILE A 1 119 ? -10.861 -5.510  12.615  1.00 26.68 ? 93   ILE A C   1 
ATOM   747  O O   . ILE A 1 119 ? -10.944 -5.244  13.838  1.00 26.68 ? 93   ILE A O   1 
ATOM   748  C CB  . ILE A 1 119 ? -8.636  -6.338  11.637  1.00 27.15 ? 93   ILE A CB  1 
ATOM   749  C CG1 . ILE A 1 119 ? -7.826  -7.633  11.451  1.00 29.59 ? 93   ILE A CG1 1 
ATOM   750  C CG2 . ILE A 1 119 ? -7.989  -5.375  12.630  1.00 26.84 ? 93   ILE A CG2 1 
ATOM   751  C CD1 . ILE A 1 119 ? -6.386  -7.507  11.015  1.00 31.85 ? 93   ILE A CD1 1 
ATOM   752  N N   . ASN A 1 120 ? -11.498 -4.784  11.705  1.00 23.73 ? 94   ASN A N   1 
ATOM   753  C CA  . ASN A 1 120 ? -12.389 -3.698  12.102  1.00 23.73 ? 94   ASN A CA  1 
ATOM   754  C C   . ASN A 1 120 ? -13.584 -3.615  11.161  1.00 25.29 ? 94   ASN A C   1 
ATOM   755  O O   . ASN A 1 120 ? -13.490 -3.109  10.048  1.00 23.77 ? 94   ASN A O   1 
ATOM   756  C CB  . ASN A 1 120 ? -11.629 -2.362  12.186  1.00 23.74 ? 94   ASN A CB  1 
ATOM   757  C CG  . ASN A 1 120 ? -12.477 -1.222  12.742  1.00 24.60 ? 94   ASN A CG  1 
ATOM   758  O OD1 . ASN A 1 120 ? -13.709 -1.210  12.639  1.00 25.46 ? 94   ASN A OD1 1 
ATOM   759  N ND2 . ASN A 1 120 ? -11.816 -0.244  13.311  1.00 24.68 ? 94   ASN A ND2 1 
ATOM   760  N N   . PRO A 1 121 ? -14.742 -4.130  11.599  1.00 27.82 ? 95   PRO A N   1 
ATOM   761  C CA  . PRO A 1 121 ? -15.909 -4.157  10.735  1.00 28.44 ? 95   PRO A CA  1 
ATOM   762  C C   . PRO A 1 121 ? -16.441 -2.820  10.266  1.00 29.16 ? 95   PRO A C   1 
ATOM   763  O O   . PRO A 1 121 ? -17.133 -2.785  9.247   1.00 33.60 ? 95   PRO A O   1 
ATOM   764  C CB  . PRO A 1 121 ? -16.951 -4.928  11.575  1.00 30.86 ? 95   PRO A CB  1 
ATOM   765  C CG  . PRO A 1 121 ? -16.158 -5.698  12.566  1.00 31.80 ? 95   PRO A CG  1 
ATOM   766  C CD  . PRO A 1 121 ? -14.960 -4.863  12.868  1.00 29.30 ? 95   PRO A CD  1 
ATOM   767  N N   . SER A 1 122 ? -16.072 -1.704  10.901  1.00 26.17 ? 96   SER A N   1 
ATOM   768  C CA  . SER A 1 122 ? -16.650 -0.420  10.544  1.00 26.76 ? 96   SER A CA  1 
ATOM   769  C C   . SER A 1 122 ? -15.976 0.342   9.405   1.00 25.23 ? 96   SER A C   1 
ATOM   770  O O   . SER A 1 122 ? -16.417 1.432   9.072   1.00 26.33 ? 96   SER A O   1 
ATOM   771  C CB  . SER A 1 122 ? -16.688 0.508   11.770  1.00 29.40 ? 96   SER A CB  1 
ATOM   772  O OG  . SER A 1 122 ? -15.398 0.885   12.186  1.00 33.63 ? 96   SER A OG  1 
ATOM   773  N N   . VAL A 1 123 ? -14.926 -0.227  8.800   1.00 23.28 ? 97   VAL A N   1 
ATOM   774  C CA  . VAL A 1 123 ? -14.115 0.555   7.869   1.00 21.47 ? 97   VAL A CA  1 
ATOM   775  C C   . VAL A 1 123 ? -14.304 0.135   6.429   1.00 20.07 ? 97   VAL A C   1 
ATOM   776  O O   . VAL A 1 123 ? -13.564 0.590   5.568   1.00 18.00 ? 97   VAL A O   1 
ATOM   777  C CB  . VAL A 1 123 ? -12.610 0.515   8.230   1.00 20.64 ? 97   VAL A CB  1 
ATOM   778  C CG1 . VAL A 1 123 ? -12.428 1.074   9.644   1.00 20.77 ? 97   VAL A CG1 1 
ATOM   779  C CG2 . VAL A 1 123 ? -12.002 -0.877  8.102   1.00 20.07 ? 97   VAL A CG2 1 
ATOM   780  N N   . ARG A 1 124 ? -15.291 -0.695  6.130   1.00 20.92 ? 98   ARG A N   1 
ATOM   781  C CA  . ARG A 1 124 ? -15.450 -1.155  4.733   1.00 21.26 ? 98   ARG A CA  1 
ATOM   782  C C   . ARG A 1 124 ? -15.600 0.032   3.755   1.00 19.08 ? 98   ARG A C   1 
ATOM   783  O O   . ARG A 1 124 ? -15.063 0.008   2.631   1.00 19.57 ? 98   ARG A O   1 
ATOM   784  C CB  . ARG A 1 124 ? -16.650 -2.089  4.602   1.00 22.67 ? 98   ARG A CB  1 
ATOM   785  C CG  . ARG A 1 124 ? -16.719 -2.838  3.283   1.00 24.96 ? 98   ARG A CG  1 
ATOM   786  C CD  . ARG A 1 124 ? -17.959 -3.725  3.218   1.00 27.35 ? 98   ARG A CD  1 
ATOM   787  N NE  . ARG A 1 124 ? -17.798 -4.850  4.151   1.00 30.46 ? 98   ARG A NE  1 
ATOM   788  C CZ  . ARG A 1 124 ? -17.104 -5.971  3.908   1.00 31.96 ? 98   ARG A CZ  1 
ATOM   789  N NH1 . ARG A 1 124 ? -16.478 -6.173  2.756   1.00 34.35 ? 98   ARG A NH1 1 
ATOM   790  N NH2 . ARG A 1 124 ? -16.996 -6.882  4.861   1.00 35.81 ? 98   ARG A NH2 1 
ATOM   791  N N   . GLY A 1 125 ? -16.315 1.075   4.167   1.00 19.56 ? 99   GLY A N   1 
ATOM   792  C CA  . GLY A 1 125 ? -16.538 2.228   3.315   1.00 19.11 ? 99   GLY A CA  1 
ATOM   793  C C   . GLY A 1 125 ? -15.322 2.998   2.817   1.00 18.57 ? 99   GLY A C   1 
ATOM   794  O O   . GLY A 1 125 ? -15.398 3.670   1.798   1.00 18.93 ? 99   GLY A O   1 
ATOM   795  N N   . LYS A 1 126 ? -14.214 2.885   3.543   1.00 16.79 ? 100  LYS A N   1 
ATOM   796  C CA  . LYS A 1 126 ? -12.996 3.569   3.223   1.00 17.10 ? 100  LYS A CA  1 
ATOM   797  C C   . LYS A 1 126 ? -11.867 2.600   2.864   1.00 16.11 ? 100  LYS A C   1 
ATOM   798  O O   . LYS A 1 126 ? -10.713 3.010   2.760   1.00 16.89 ? 100  LYS A O   1 
ATOM   799  C CB  . LYS A 1 126 ? -12.575 4.494   4.359   1.00 18.55 ? 100  LYS A CB  1 
ATOM   800  C CG  . LYS A 1 126 ? -12.275 3.826   5.672   1.00 20.05 ? 100  LYS A CG  1 
ATOM   801  C CD  . LYS A 1 126 ? -11.807 4.846   6.720   1.00 21.67 ? 100  LYS A CD  1 
ATOM   802  C CE  . LYS A 1 126 ? -11.651 4.156   8.050   1.00 22.92 ? 100  LYS A CE  1 
ATOM   803  N NZ  . LYS A 1 126 ? -11.244 5.173   9.072   1.00 23.47 ? 100  LYS A NZ  1 
ATOM   804  N N   . THR A 1 127 ? -12.211 1.344   2.616   1.00 15.48 ? 101  THR A N   1 
ATOM   805  C CA  . THR A 1 127 ? -11.241 0.341   2.218   1.00 14.68 ? 101  THR A CA  1 
ATOM   806  C C   . THR A 1 127 ? -11.395 0.066   0.689   1.00 15.75 ? 101  THR A C   1 
ATOM   807  O O   . THR A 1 127 ? -12.468 -0.348  0.230   1.00 18.48 ? 101  THR A O   1 
ATOM   808  C CB  . THR A 1 127 ? -11.423 -0.960  2.988   1.00 16.91 ? 101  THR A CB  1 
ATOM   809  O OG1 . THR A 1 127 ? -11.271 -0.685  4.385   1.00 17.22 ? 101  THR A OG1 1 
ATOM   810  C CG2 . THR A 1 127 ? -10.342 -1.927  2.613   1.00 17.70 ? 101  THR A CG2 1 
ATOM   811  N N   . MET A 1 128 ? -10.354 0.367   -0.051  1.00 14.31 ? 102  MET A N   1 
ATOM   812  C CA  . MET A 1 128 ? -10.354 0.366   -1.501  1.00 15.43 ? 102  MET A CA  1 
ATOM   813  C C   . MET A 1 128 ? -9.162  -0.431  -2.031  1.00 15.73 ? 102  MET A C   1 
ATOM   814  O O   . MET A 1 128 ? -8.171  -0.665  -1.321  1.00 14.24 ? 102  MET A O   1 
ATOM   815  C CB  . MET A 1 128 ? -10.220 1.807   -2.058  1.00 17.14 ? 102  MET A CB  1 
ATOM   816  C CG  . MET A 1 128 ? -11.207 2.836   -1.569  1.00 21.47 ? 102  MET A CG  1 
ATOM   817  S SD  . MET A 1 128 ? -12.794 2.501   -2.294  1.00 26.59 ? 102  MET A SD  1 
ATOM   818  C CE  . MET A 1 128 ? -13.776 2.723   -0.833  1.00 31.00 ? 102  MET A CE  1 
ATOM   819  N N   . LEU A 1 129 ? -9.198  -0.774  -3.313  1.00 13.49 ? 103  LEU A N   1 
ATOM   820  C CA  . LEU A 1 129 ? -8.044  -1.366  -3.960  1.00 13.85 ? 103  LEU A CA  1 
ATOM   821  C C   . LEU A 1 129 ? -6.965  -0.336  -4.198  1.00 12.99 ? 103  LEU A C   1 
ATOM   822  O O   . LEU A 1 129 ? -7.216  0.768   -4.688  1.00 12.83 ? 103  LEU A O   1 
ATOM   823  C CB  . LEU A 1 129 ? -8.440  -2.002  -5.292  1.00 14.04 ? 103  LEU A CB  1 
ATOM   824  C CG  . LEU A 1 129 ? -9.352  -3.206  -5.123  1.00 15.16 ? 103  LEU A CG  1 
ATOM   825  C CD1 . LEU A 1 129 ? -9.751  -3.642  -6.518  1.00 16.38 ? 103  LEU A CD1 1 
ATOM   826  C CD2 . LEU A 1 129 ? -8.731  -4.348  -4.366  1.00 17.61 ? 103  LEU A CD2 1 
ATOM   827  N N   . PHE A 1 130 ? -5.718  -0.723  -3.949  1.00 13.46 ? 104  PHE A N   1 
ATOM   828  C CA  . PHE A 1 130 ? -4.608  0.063   -4.394  1.00 13.06 ? 104  PHE A CA  1 
ATOM   829  C C   . PHE A 1 130 ? -4.683  0.334   -5.903  1.00 13.04 ? 104  PHE A C   1 
ATOM   830  O O   . PHE A 1 130 ? -4.393  1.438   -6.340  1.00 13.58 ? 104  PHE A O   1 
ATOM   831  C CB  . PHE A 1 130 ? -3.284  -0.632  -4.003  1.00 13.43 ? 104  PHE A CB  1 
ATOM   832  C CG  . PHE A 1 130 ? -2.098  0.292   -4.012  1.00 13.61 ? 104  PHE A CG  1 
ATOM   833  C CD1 . PHE A 1 130 ? -1.393  0.546   -5.150  1.00 13.58 ? 104  PHE A CD1 1 
ATOM   834  C CD2 . PHE A 1 130 ? -1.698  0.931   -2.839  1.00 14.72 ? 104  PHE A CD2 1 
ATOM   835  C CE1 . PHE A 1 130 ? -0.295  1.405   -5.168  1.00 14.70 ? 104  PHE A CE1 1 
ATOM   836  C CE2 . PHE A 1 130 ? -0.614  1.781   -2.853  1.00 13.82 ? 104  PHE A CE2 1 
ATOM   837  C CZ  . PHE A 1 130 ? 0.094   2.038   -4.010  1.00 14.47 ? 104  PHE A CZ  1 
ATOM   838  N N   . GLY A 1 131 ? -5.129  -0.675  -6.659  1.00 12.78 ? 105  GLY A N   1 
ATOM   839  C CA  . GLY A 1 131 ? -5.291  -0.562  -8.084  1.00 12.57 ? 105  GLY A CA  1 
ATOM   840  C C   . GLY A 1 131 ? -6.683  -0.071  -8.535  1.00 13.49 ? 105  GLY A C   1 
ATOM   841  O O   . GLY A 1 131 ? -7.053  -0.266  -9.707  1.00 14.43 ? 105  GLY A O   1 
ATOM   842  N N   . HIS A 1 132 ? -7.409  0.646   -7.690  1.00 13.24 ? 106  HIS A N   1 
ATOM   843  C CA  . HIS A 1 132 ? -8.755  1.129   -8.044  1.00 14.16 ? 106  HIS A CA  1 
ATOM   844  C C   . HIS A 1 132 ? -8.792  1.906   -9.338  1.00 15.00 ? 106  HIS A C   1 
ATOM   845  O O   . HIS A 1 132 ? -9.781  1.824   -10.079 1.00 15.38 ? 106  HIS A O   1 
ATOM   846  C CB  . HIS A 1 132 ? -9.197  2.034   -6.906  1.00 14.34 ? 106  HIS A CB  1 
ATOM   847  C CG  . HIS A 1 132 ? -10.581 2.573   -7.056  1.00 15.29 ? 106  HIS A CG  1 
ATOM   848  N ND1 . HIS A 1 132 ? -11.653 2.066   -6.367  1.00 17.99 ? 106  HIS A ND1 1 
ATOM   849  C CD2 . HIS A 1 132 ? -11.058 3.596   -7.805  1.00 15.91 ? 106  HIS A CD2 1 
ATOM   850  C CE1 . HIS A 1 132 ? -12.745 2.736   -6.705  1.00 17.60 ? 106  HIS A CE1 1 
ATOM   851  N NE2 . HIS A 1 132 ? -12.408 3.695   -7.539  1.00 17.29 ? 106  HIS A NE2 1 
ATOM   852  N N   . TRP A 1 133 ? -7.745  2.691   -9.617  1.00 14.15 ? 107  TRP A N   1 
ATOM   853  C CA  . TRP A 1 133 ? -7.711  3.630   -10.739 1.00 14.42 ? 107  TRP A CA  1 
ATOM   854  C C   . TRP A 1 133 ? -6.973  3.091   -11.970 1.00 14.71 ? 107  TRP A C   1 
ATOM   855  O O   . TRP A 1 133 ? -6.706  3.861   -12.884 1.00 16.74 ? 107  TRP A O   1 
ATOM   856  C CB  . TRP A 1 133 ? -7.138  4.986   -10.296 1.00 14.91 ? 107  TRP A CB  1 
ATOM   857  C CG  . TRP A 1 133 ? -7.931  5.582   -9.144  1.00 15.57 ? 107  TRP A CG  1 
ATOM   858  C CD1 . TRP A 1 133 ? -7.726  5.397   -7.807  1.00 16.83 ? 107  TRP A CD1 1 
ATOM   859  C CD2 . TRP A 1 133 ? -9.118  6.373   -9.250  1.00 14.42 ? 107  TRP A CD2 1 
ATOM   860  N NE1 . TRP A 1 133 ? -8.699  6.029   -7.080  1.00 17.76 ? 107  TRP A NE1 1 
ATOM   861  C CE2 . TRP A 1 133 ? -9.553  6.664   -7.943  1.00 16.76 ? 107  TRP A CE2 1 
ATOM   862  C CE3 . TRP A 1 133 ? -9.833  6.909   -10.335 1.00 15.66 ? 107  TRP A CE3 1 
ATOM   863  C CZ2 . TRP A 1 133 ? -10.688 7.426   -7.692  1.00 16.84 ? 107  TRP A CZ2 1 
ATOM   864  C CZ3 . TRP A 1 133 ? -10.945 7.684   -10.059 1.00 15.52 ? 107  TRP A CZ3 1 
ATOM   865  C CH2 . TRP A 1 133 ? -11.354 7.916   -8.770  1.00 17.33 ? 107  TRP A CH2 1 
ATOM   866  N N   . ILE A 1 134 ? -6.676  1.787   -11.980 1.00 15.35 ? 108  ILE A N   1 
ATOM   867  C CA  . ILE A 1 134 ? -6.073  1.133   -13.145 1.00 15.35 ? 108  ILE A CA  1 
ATOM   868  C C   . ILE A 1 134 ? -6.953  0.014   -13.666 1.00 15.43 ? 108  ILE A C   1 
ATOM   869  O O   . ILE A 1 134 ? -7.728  -0.592  -12.941 1.00 15.86 ? 108  ILE A O   1 
ATOM   870  C CB  . ILE A 1 134 ? -4.628  0.670   -12.869 1.00 16.91 ? 108  ILE A CB  1 
ATOM   871  C CG1 . ILE A 1 134 ? -4.569  -0.436  -11.853 1.00 17.50 ? 108  ILE A CG1 1 
ATOM   872  C CG2 . ILE A 1 134 ? -3.772  1.870   -12.508 1.00 18.56 ? 108  ILE A CG2 1 
ATOM   873  C CD1 . ILE A 1 134 ? -3.182  -1.030  -11.657 1.00 19.44 ? 108  ILE A CD1 1 
ATOM   874  N N   . ASN A 1 135 ? -6.830  -0.265  -14.951 1.00 15.73 ? 109  ASN A N   1 
ATOM   875  C CA  . ASN A 1 135 ? -7.791  -1.163  -15.595 1.00 16.72 ? 109  ASN A CA  1 
ATOM   876  C C   . ASN A 1 135 ? -7.843  -2.542  -14.988 1.00 16.22 ? 109  ASN A C   1 
ATOM   877  O O   . ASN A 1 135 ? -8.886  -3.136  -14.883 1.00 16.60 ? 109  ASN A O   1 
ATOM   878  C CB  . ASN A 1 135 ? -7.473  -1.254  -17.092 1.00 16.70 ? 109  ASN A CB  1 
ATOM   879  C CG  . ASN A 1 135 ? -8.599  -1.859  -17.887 1.00 17.25 ? 109  ASN A CG  1 
ATOM   880  O OD1 . ASN A 1 135 ? -8.671  -3.055  -18.097 1.00 17.99 ? 109  ASN A OD1 1 
ATOM   881  N ND2 . ASN A 1 135 ? -9.512  -0.991  -18.335 1.00 17.75 ? 109  ASN A ND2 1 
ATOM   882  N N   . GLN A 1 136 ? -6.692  -3.074  -14.557 1.00 15.24 ? 110  GLN A N   1 
ATOM   883  C CA  . GLN A 1 136 ? -6.650  -4.460  -14.076 1.00 15.28 ? 110  GLN A CA  1 
ATOM   884  C C   . GLN A 1 136 ? -7.201  -4.664  -12.664 1.00 15.12 ? 110  GLN A C   1 
ATOM   885  O O   . GLN A 1 136 ? -7.480  -5.769  -12.285 1.00 16.90 ? 110  GLN A O   1 
ATOM   886  C CB  . GLN A 1 136 ? -5.216  -5.044  -14.151 1.00 16.32 ? 110  GLN A CB  1 
ATOM   887  C CG  . GLN A 1 136 ? -4.199  -4.395  -13.237 1.00 16.94 ? 110  GLN A CG  1 
ATOM   888  C CD  . GLN A 1 136 ? -2.804  -4.918  -13.506 1.00 18.76 ? 110  GLN A CD  1 
ATOM   889  O OE1 . GLN A 1 136 ? -2.225  -4.568  -14.522 1.00 21.14 ? 110  GLN A OE1 1 
ATOM   890  N NE2 . GLN A 1 136 ? -2.320  -5.790  -12.663 1.00 18.36 ? 110  GLN A NE2 1 
ATOM   891  N N   . GLN A 1 137 ? -7.266  -3.560  -11.904 1.00 14.62 ? 111  GLN A N   1 
ATOM   892  C CA  . GLN A 1 137 ? -7.817  -3.478  -10.527 1.00 15.11 ? 111  GLN A CA  1 
ATOM   893  C C   . GLN A 1 137 ? -6.947  -4.162  -9.459  1.00 17.01 ? 111  GLN A C   1 
ATOM   894  O O   . GLN A 1 137 ? -6.587  -3.495  -8.491  1.00 17.85 ? 111  GLN A O   1 
ATOM   895  C CB  . GLN A 1 137 ? -9.233  -4.002  -10.439 1.00 14.32 ? 111  GLN A CB  1 
ATOM   896  C CG  . GLN A 1 137 ? -10.235 -3.185  -11.242 1.00 14.97 ? 111  GLN A CG  1 
ATOM   897  C CD  . GLN A 1 137 ? -10.466 -1.817  -10.647 1.00 15.72 ? 111  GLN A CD  1 
ATOM   898  O OE1 . GLN A 1 137 ? -11.082 -1.717  -9.583  1.00 18.67 ? 111  GLN A OE1 1 
ATOM   899  N NE2 . GLN A 1 137 ? -10.004 -0.791  -11.319 1.00 15.56 ? 111  GLN A NE2 1 
ATOM   900  N N   . GLU A 1 138 ? -6.669  -5.456  -9.610  1.00 16.97 ? 112  GLU A N   1 
ATOM   901  C CA  . GLU A 1 138 ? -5.896  -6.222  -8.648  1.00 17.27 ? 112  GLU A CA  1 
ATOM   902  C C   . GLU A 1 138 ? -4.418  -6.266  -9.024  1.00 16.94 ? 112  GLU A C   1 
ATOM   903  O O   . GLU A 1 138 ? -4.055  -6.154  -10.194 1.00 18.09 ? 112  GLU A O   1 
ATOM   904  C CB  . GLU A 1 138 ? -6.474  -7.626  -8.493  1.00 19.51 ? 112  GLU A CB  1 
ATOM   905  C CG  . GLU A 1 138 ? -7.849  -7.593  -7.816  1.00 22.00 ? 112  GLU A CG  1 
ATOM   906  C CD  . GLU A 1 138 ? -8.359  -8.957  -7.499  1.00 25.13 ? 112  GLU A CD  1 
ATOM   907  O OE1 . GLU A 1 138 ? -8.716  -9.700  -8.445  1.00 31.99 ? 112  GLU A OE1 1 
ATOM   908  O OE2 . GLU A 1 138 ? -8.388  -9.307  -6.331  1.00 23.55 ? 112  GLU A OE2 1 
ATOM   909  N N   . ILE A 1 139 ? -3.578  -6.467  -8.016  1.00 16.42 ? 113  ILE A N   1 
ATOM   910  C CA  . ILE A 1 139 ? -2.119  -6.435  -8.167  1.00 17.19 ? 113  ILE A CA  1 
ATOM   911  C C   . ILE A 1 139 ? -1.572  -7.717  -7.573  1.00 18.25 ? 113  ILE A C   1 
ATOM   912  O O   . ILE A 1 139 ? -1.805  -8.032  -6.394  1.00 20.11 ? 113  ILE A O   1 
ATOM   913  C CB  . ILE A 1 139 ? -1.518  -5.191  -7.492  1.00 18.21 ? 113  ILE A CB  1 
ATOM   914  C CG1 . ILE A 1 139 ? -2.119  -3.954  -8.162  1.00 18.92 ? 113  ILE A CG1 1 
ATOM   915  C CG2 . ILE A 1 139 ? 0.016   -5.177  -7.565  1.00 17.99 ? 113  ILE A CG2 1 
ATOM   916  C CD1 . ILE A 1 139 ? -1.769  -2.608  -7.578  1.00 20.71 ? 113  ILE A CD1 1 
ATOM   917  N N   . ALA A 1 140 ? -0.838  -8.447  -8.419  1.00 18.59 ? 114  ALA A N   1 
ATOM   918  C CA  . ALA A 1 140 ? -0.338  -9.764  -8.080  1.00 18.94 ? 114  ALA A CA  1 
ATOM   919  C C   . ALA A 1 140 ? 0.737   -9.721  -7.018  1.00 19.49 ? 114  ALA A C   1 
ATOM   920  O O   . ALA A 1 140 ? 1.413   -8.711  -6.850  1.00 18.79 ? 114  ALA A O   1 
ATOM   921  C CB  . ALA A 1 140 ? 0.266   -10.378 -9.317  1.00 19.93 ? 114  ALA A CB  1 
ATOM   922  N N   . ASP A 1 141 ? 0.929   -10.874 -6.377  1.00 20.62 ? 115  ASP A N   1 
ATOM   923  C CA  . ASP A 1 141 ? 1.882   -11.053 -5.292  1.00 22.09 ? 115  ASP A CA  1 
ATOM   924  C C   . ASP A 1 141 ? 3.226   -11.578 -5.836  1.00 21.96 ? 115  ASP A C   1 
ATOM   925  O O   . ASP A 1 141 ? 3.269   -12.726 -6.284  1.00 22.27 ? 115  ASP A O   1 
ATOM   926  C CB  . ASP A 1 141 ? 1.290   -12.077 -4.337  1.00 24.51 ? 115  ASP A CB  1 
ATOM   927  C CG  . ASP A 1 141 ? 2.112   -12.273 -3.082  1.00 27.87 ? 115  ASP A CG  1 
ATOM   928  O OD1 . ASP A 1 141 ? 3.160   -11.634 -2.915  1.00 28.66 ? 115  ASP A OD1 1 
ATOM   929  O OD2 . ASP A 1 141 ? 1.638   -13.069 -2.246  1.00 35.27 ? 115  ASP A OD2 1 
ATOM   930  N N   . PRO A 1 142 ? 4.294   -10.796 -5.758  1.00 21.37 ? 116  PRO A N   1 
ATOM   931  C CA  . PRO A 1 142 ? 5.590   -11.250 -6.285  1.00 21.78 ? 116  PRO A CA  1 
ATOM   932  C C   . PRO A 1 142 ? 6.428   -11.984 -5.271  1.00 24.18 ? 116  PRO A C   1 
ATOM   933  O O   . PRO A 1 142 ? 7.527   -12.375 -5.624  1.00 23.43 ? 116  PRO A O   1 
ATOM   934  C CB  . PRO A 1 142 ? 6.291   -9.970  -6.625  1.00 23.25 ? 116  PRO A CB  1 
ATOM   935  C CG  . PRO A 1 142 ? 5.794   -8.999  -5.595  1.00 23.13 ? 116  PRO A CG  1 
ATOM   936  C CD  . PRO A 1 142 ? 4.383   -9.401  -5.289  1.00 22.03 ? 116  PRO A CD  1 
ATOM   937  N N   . TYR A 1 143 ? 5.967   -12.098 -4.036  1.00 26.27 ? 117  TYR A N   1 
ATOM   938  C CA  . TYR A 1 143 ? 6.842   -12.612 -2.966  1.00 27.53 ? 117  TYR A CA  1 
ATOM   939  C C   . TYR A 1 143 ? 7.333   -14.011 -3.350  1.00 29.63 ? 117  TYR A C   1 
ATOM   940  O O   . TYR A 1 143 ? 6.524   -14.870 -3.725  1.00 27.85 ? 117  TYR A O   1 
ATOM   941  C CB  . TYR A 1 143 ? 6.091   -12.644 -1.660  1.00 29.26 ? 117  TYR A CB  1 
ATOM   942  C CG  . TYR A 1 143 ? 6.931   -13.117 -0.493  1.00 32.67 ? 117  TYR A CG  1 
ATOM   943  C CD1 . TYR A 1 143 ? 8.130   -12.469 -0.163  1.00 33.21 ? 117  TYR A CD1 1 
ATOM   944  C CD2 . TYR A 1 143 ? 6.521   -14.193 0.267   1.00 35.82 ? 117  TYR A CD2 1 
ATOM   945  C CE1 . TYR A 1 143 ? 8.906   -12.904 0.911   1.00 35.56 ? 117  TYR A CE1 1 
ATOM   946  C CE2 . TYR A 1 143 ? 7.281   -14.637 1.347   1.00 39.81 ? 117  TYR A CE2 1 
ATOM   947  C CZ  . TYR A 1 143 ? 8.466   -13.987 1.656   1.00 40.75 ? 117  TYR A CZ  1 
ATOM   948  O OH  . TYR A 1 143 ? 9.217   -14.414 2.726   1.00 46.29 ? 117  TYR A OH  1 
ATOM   949  N N   . LYS A 1 144 ? 8.656   -14.172 -3.262  1.00 31.73 ? 118  LYS A N   1 
ATOM   950  C CA  . LYS A 1 144 ? 9.378   -15.415 -3.569  1.00 35.18 ? 118  LYS A CA  1 
ATOM   951  C C   . LYS A 1 144 ? 9.320   -15.769 -5.050  1.00 35.30 ? 118  LYS A C   1 
ATOM   952  O O   . LYS A 1 144 ? 9.612   -16.898 -5.416  1.00 38.51 ? 118  LYS A O   1 
ATOM   953  C CB  . LYS A 1 144 ? 8.872   -16.588 -2.724  1.00 40.13 ? 118  LYS A CB  1 
ATOM   954  C CG  . LYS A 1 144 ? 9.300   -16.518 -1.251  1.00 46.03 ? 118  LYS A CG  1 
ATOM   955  C CD  . LYS A 1 144 ? 8.582   -17.542 -0.380  1.00 49.11 ? 118  LYS A CD  1 
ATOM   956  C CE  . LYS A 1 144 ? 8.881   -18.978 -0.795  1.00 53.05 ? 118  LYS A CE  1 
ATOM   957  N NZ  . LYS A 1 144 ? 10.304  -19.344 -0.548  1.00 55.84 ? 118  LYS A NZ  1 
ATOM   958  N N   . LYS A 1 145 ? 8.944   -14.821 -5.904  1.00 32.06 ? 119  LYS A N   1 
ATOM   959  C CA  . LYS A 1 145 ? 8.878   -15.090 -7.336  1.00 31.34 ? 119  LYS A CA  1 
ATOM   960  C C   . LYS A 1 145 ? 10.111  -14.471 -7.949  1.00 29.97 ? 119  LYS A C   1 
ATOM   961  O O   . LYS A 1 145 ? 10.996  -13.984 -7.248  1.00 29.46 ? 119  LYS A O   1 
ATOM   962  C CB  . LYS A 1 145 ? 7.590   -14.521 -7.971  1.00 32.94 ? 119  LYS A CB  1 
ATOM   963  C CG  . LYS A 1 145 ? 6.308   -15.001 -7.323  1.00 36.85 ? 119  LYS A CG  1 
ATOM   964  C CD  . LYS A 1 145 ? 6.055   -16.469 -7.561  1.00 41.14 ? 119  LYS A CD  1 
ATOM   965  C CE  . LYS A 1 145 ? 4.680   -16.889 -7.055  1.00 44.71 ? 119  LYS A CE  1 
ATOM   966  N NZ  . LYS A 1 145 ? 3.609   -16.559 -8.039  1.00 47.23 ? 119  LYS A NZ  1 
ATOM   967  N N   . SER A 1 146 ? 10.195  -14.504 -9.269  1.00 28.68 ? 120  SER A N   1 
ATOM   968  C CA  . SER A 1 146 ? 11.379  -14.021 -9.967  1.00 30.35 ? 120  SER A CA  1 
ATOM   969  C C   . SER A 1 146 ? 11.560  -12.524 -9.921  1.00 31.43 ? 120  SER A C   1 
ATOM   970  O O   . SER A 1 146 ? 10.619  -11.762 -9.635  1.00 27.83 ? 120  SER A O   1 
ATOM   971  C CB  . SER A 1 146 ? 11.324  -14.439 -11.444 1.00 31.94 ? 120  SER A CB  1 
ATOM   972  O OG  . SER A 1 146 ? 10.273  -13.741 -12.121 1.00 31.47 ? 120  SER A OG  1 
ATOM   973  N N   . ARG A 1 147 ? 12.776  -12.088 -10.225 1.00 28.02 ? 121  ARG A N   1 
ATOM   974  C CA  . ARG A 1 147 ? 13.084  -10.693 -10.348 1.00 28.85 ? 121  ARG A CA  1 
ATOM   975  C C   . ARG A 1 147 ? 12.105  -10.003 -11.322 1.00 27.80 ? 121  ARG A C   1 
ATOM   976  O O   . ARG A 1 147 ? 11.648  -8.870  -11.111 1.00 25.54 ? 121  ARG A O   1 
ATOM   977  C CB  . ARG A 1 147 ? 14.512  -10.537 -10.873 1.00 32.98 ? 121  ARG A CB  1 
ATOM   978  C CG  . ARG A 1 147 ? 14.901  -9.123  -11.224 1.00 37.50 ? 121  ARG A CG  1 
ATOM   979  C CD  . ARG A 1 147 ? 14.941  -8.225  -10.012 1.00 42.68 ? 121  ARG A CD  1 
ATOM   980  N NE  . ARG A 1 147 ? 15.927  -7.160  -10.208 1.00 50.54 ? 121  ARG A NE  1 
ATOM   981  C CZ  . ARG A 1 147 ? 17.191  -7.186  -9.773  1.00 52.83 ? 121  ARG A CZ  1 
ATOM   982  N NH1 . ARG A 1 147 ? 17.671  -8.224  -9.078  1.00 52.83 ? 121  ARG A NH1 1 
ATOM   983  N NH2 . ARG A 1 147 ? 17.984  -6.149  -10.027 1.00 53.67 ? 121  ARG A NH2 1 
ATOM   984  N N   . ASP A 1 148 ? 11.788  -10.706 -12.401 1.00 25.37 ? 122  ASP A N   1 
ATOM   985  C CA  . ASP A 1 148 ? 10.881  -10.183 -13.393 1.00 25.74 ? 122  ASP A CA  1 
ATOM   986  C C   . ASP A 1 148 ? 9.486   -9.902  -12.779 1.00 21.91 ? 122  ASP A C   1 
ATOM   987  O O   . ASP A 1 148 ? 8.853   -8.907  -13.170 1.00 24.53 ? 122  ASP A O   1 
ATOM   988  C CB  . ASP A 1 148 ? 10.776  -11.186 -14.535 1.00 30.31 ? 122  ASP A CB  1 
ATOM   989  C CG  . ASP A 1 148 ? 9.961   -10.668 -15.690 1.00 38.18 ? 122  ASP A CG  1 
ATOM   990  O OD1 . ASP A 1 148 ? 10.273  -9.556  -16.177 1.00 47.11 ? 122  ASP A OD1 1 
ATOM   991  O OD2 . ASP A 1 148 ? 9.024   -11.387 -16.130 1.00 42.36 ? 122  ASP A OD2 1 
ATOM   992  N N   . ALA A 1 149 ? 9.024   -10.772 -11.889 1.00 22.47 ? 123  ALA A N   1 
ATOM   993  C CA  . ALA A 1 149 ? 7.732   -10.586 -11.203 1.00 19.11 ? 123  ALA A CA  1 
ATOM   994  C C   . ALA A 1 149 ? 7.791   -9.314  -10.351 1.00 20.87 ? 123  ALA A C   1 
ATOM   995  O O   . ALA A 1 149 ? 6.873   -8.494  -10.380 1.00 19.28 ? 123  ALA A O   1 
ATOM   996  C CB  . ALA A 1 149 ? 7.390   -11.755 -10.354 1.00 21.11 ? 123  ALA A CB  1 
ATOM   997  N N   . PHE A 1 150 ? 8.864   -9.143  -9.587  1.00 20.25 ? 124  PHE A N   1 
ATOM   998  C CA  . PHE A 1 150 ? 9.022   -7.901  -8.802  1.00 20.58 ? 124  PHE A CA  1 
ATOM   999  C C   . PHE A 1 150 ? 9.063   -6.650  -9.670  1.00 19.60 ? 124  PHE A C   1 
ATOM   1000 O O   . PHE A 1 150 ? 8.474   -5.615  -9.295  1.00 20.39 ? 124  PHE A O   1 
ATOM   1001 C CB  . PHE A 1 150 ? 10.290  -7.960  -7.885  1.00 19.49 ? 124  PHE A CB  1 
ATOM   1002 C CG  . PHE A 1 150 ? 10.124  -8.816  -6.669  1.00 20.41 ? 124  PHE A CG  1 
ATOM   1003 C CD1 . PHE A 1 150 ? 10.417  -10.169 -6.685  1.00 22.60 ? 124  PHE A CD1 1 
ATOM   1004 C CD2 . PHE A 1 150 ? 9.716   -8.255  -5.461  1.00 22.29 ? 124  PHE A CD2 1 
ATOM   1005 C CE1 . PHE A 1 150 ? 10.269  -10.949 -5.555  1.00 24.07 ? 124  PHE A CE1 1 
ATOM   1006 C CE2 . PHE A 1 150 ? 9.566   -9.035  -4.331  1.00 24.35 ? 124  PHE A CE2 1 
ATOM   1007 C CZ  . PHE A 1 150 ? 9.858   -10.388 -4.371  1.00 24.42 ? 124  PHE A CZ  1 
ATOM   1008 N N   . GLU A 1 151 ? 9.755   -6.680  -10.817 1.00 19.53 ? 125  GLU A N   1 
ATOM   1009 C CA  . GLU A 1 151 ? 9.808   -5.526  -11.695 1.00 20.34 ? 125  GLU A CA  1 
ATOM   1010 C C   . GLU A 1 151 ? 8.429   -5.181  -12.267 1.00 19.71 ? 125  GLU A C   1 
ATOM   1011 O O   . GLU A 1 151 ? 8.044   -4.011  -12.311 1.00 20.70 ? 125  GLU A O   1 
ATOM   1012 C CB  . GLU A 1 151 ? 10.803  -5.733  -12.869 1.00 25.00 ? 125  GLU A CB  1 
ATOM   1013 C CG  . GLU A 1 151 ? 12.258  -5.730  -12.421 1.00 30.01 ? 125  GLU A CG  1 
ATOM   1014 C CD  . GLU A 1 151 ? 12.854  -4.329  -12.275 1.00 34.16 ? 125  GLU A CD  1 
ATOM   1015 O OE1 . GLU A 1 151 ? 12.161  -3.315  -12.560 1.00 38.33 ? 125  GLU A OE1 1 
ATOM   1016 O OE2 . GLU A 1 151 ? 14.049  -4.258  -11.877 1.00 42.34 ? 125  GLU A OE2 1 
ATOM   1017 N N   . ALA A 1 152 ? 7.722   -6.218  -12.712 1.00 18.79 ? 126  ALA A N   1 
ATOM   1018 C CA  . ALA A 1 152 ? 6.370   -6.043  -13.274 1.00 19.02 ? 126  ALA A CA  1 
ATOM   1019 C C   . ALA A 1 152 ? 5.437   -5.441  -12.225 1.00 18.16 ? 126  ALA A C   1 
ATOM   1020 O O   . ALA A 1 152 ? 4.712   -4.465  -12.517 1.00 18.22 ? 126  ALA A O   1 
ATOM   1021 C CB  . ALA A 1 152 ? 5.844   -7.381  -13.757 1.00 19.76 ? 126  ALA A CB  1 
ATOM   1022 N N   . VAL A 1 153 ? 5.449   -6.014  -11.031 1.00 17.26 ? 127  VAL A N   1 
ATOM   1023 C CA  . VAL A 1 153 ? 4.594   -5.533  -9.949  1.00 16.93 ? 127  VAL A CA  1 
ATOM   1024 C C   . VAL A 1 153 ? 4.962   -4.113  -9.562  1.00 16.86 ? 127  VAL A C   1 
ATOM   1025 O O   . VAL A 1 153 ? 4.078   -3.271  -9.293  1.00 16.51 ? 127  VAL A O   1 
ATOM   1026 C CB  . VAL A 1 153 ? 4.553   -6.529  -8.777  1.00 17.66 ? 127  VAL A CB  1 
ATOM   1027 C CG1 . VAL A 1 153 ? 3.845   -5.927  -7.547  1.00 18.28 ? 127  VAL A CG1 1 
ATOM   1028 C CG2 . VAL A 1 153 ? 3.817   -7.794  -9.211  1.00 18.45 ? 127  VAL A CG2 1 
ATOM   1029 N N   . TYR A 1 154 ? 6.252   -3.793  -9.480  1.00 16.75 ? 128  TYR A N   1 
ATOM   1030 C CA  . TYR A 1 154 ? 6.623   -2.420  -9.178  1.00 16.29 ? 128  TYR A CA  1 
ATOM   1031 C C   . TYR A 1 154 ? 5.984   -1.442  -10.145 1.00 16.53 ? 128  TYR A C   1 
ATOM   1032 O O   . TYR A 1 154 ? 5.419   -0.422  -9.759  1.00 18.04 ? 128  TYR A O   1 
ATOM   1033 C CB  . TYR A 1 154 ? 8.157   -2.229  -9.223  1.00 17.65 ? 128  TYR A CB  1 
ATOM   1034 C CG  . TYR A 1 154 ? 8.528   -0.837  -8.849  1.00 19.11 ? 128  TYR A CG  1 
ATOM   1035 C CD1 . TYR A 1 154 ? 8.551   0.192   -9.777  1.00 21.50 ? 128  TYR A CD1 1 
ATOM   1036 C CD2 . TYR A 1 154 ? 8.810   -0.552  -7.531  1.00 21.52 ? 128  TYR A CD2 1 
ATOM   1037 C CE1 . TYR A 1 154 ? 8.870   1.496   -9.377  1.00 22.76 ? 128  TYR A CE1 1 
ATOM   1038 C CE2 . TYR A 1 154 ? 9.107   0.725   -7.121  1.00 22.73 ? 128  TYR A CE2 1 
ATOM   1039 C CZ  . TYR A 1 154 ? 9.143   1.737   -8.040  1.00 23.07 ? 128  TYR A CZ  1 
ATOM   1040 O OH  . TYR A 1 154 ? 9.487   2.978   -7.556  1.00 29.77 ? 128  TYR A OH  1 
ATOM   1041 N N   . GLY A 1 155 ? 6.054   -1.736  -11.445 1.00 17.51 ? 129  GLY A N   1 
ATOM   1042 C CA  . GLY A 1 155 ? 5.506   -0.833  -12.438 1.00 17.27 ? 129  GLY A CA  1 
ATOM   1043 C C   . GLY A 1 155 ? 4.007   -0.629  -12.280 1.00 15.58 ? 129  GLY A C   1 
ATOM   1044 O O   . GLY A 1 155 ? 3.502   0.482   -12.475 1.00 17.06 ? 129  GLY A O   1 
ATOM   1045 N N   . VAL A 1 156 ? 3.317   -1.710  -11.921 1.00 15.24 ? 130  VAL A N   1 
ATOM   1046 C CA  . VAL A 1 156 ? 1.883   -1.662  -11.672 1.00 15.61 ? 130  VAL A CA  1 
ATOM   1047 C C   . VAL A 1 156 ? 1.593   -0.790  -10.444 1.00 15.71 ? 130  VAL A C   1 
ATOM   1048 O O   . VAL A 1 156 ? 0.719   0.094   -10.494 1.00 15.87 ? 130  VAL A O   1 
ATOM   1049 C CB  . VAL A 1 156 ? 1.278   -3.055  -11.526 1.00 16.12 ? 130  VAL A CB  1 
ATOM   1050 C CG1 . VAL A 1 156 ? -0.192  -2.941  -11.186 1.00 17.10 ? 130  VAL A CG1 1 
ATOM   1051 C CG2 . VAL A 1 156 ? 1.388   -3.874  -12.830 1.00 16.24 ? 130  VAL A CG2 1 
ATOM   1052 N N   . LEU A 1 157 ? 2.341   -1.020  -9.370  1.00 15.36 ? 131  LEU A N   1 
ATOM   1053 C CA  . LEU A 1 157 ? 2.162   -0.216  -8.169  1.00 14.73 ? 131  LEU A CA  1 
ATOM   1054 C C   . LEU A 1 157 ? 2.460   1.255   -8.440  1.00 15.03 ? 131  LEU A C   1 
ATOM   1055 O O   . LEU A 1 157 ? 1.783   2.114   -7.922  1.00 15.74 ? 131  LEU A O   1 
ATOM   1056 C CB  . LEU A 1 157 ? 3.067   -0.713  -7.057  1.00 14.63 ? 131  LEU A CB  1 
ATOM   1057 C CG  . LEU A 1 157 ? 2.686   -2.034  -6.422  1.00 16.62 ? 131  LEU A CG  1 
ATOM   1058 C CD1 . LEU A 1 157 ? 3.836   -2.585  -5.593  1.00 16.88 ? 131  LEU A CD1 1 
ATOM   1059 C CD2 . LEU A 1 157 ? 1.471   -1.861  -5.523  1.00 18.21 ? 131  LEU A CD2 1 
ATOM   1060 N N   . GLU A 1 158 ? 3.512   1.545   -9.218  1.00 16.04 ? 132  GLU A N   1 
ATOM   1061 C CA  . GLU A 1 158 ? 3.871   2.927   -9.528  1.00 16.35 ? 132  GLU A CA  1 
ATOM   1062 C C   . GLU A 1 158 ? 2.733   3.641   -10.271 1.00 16.53 ? 132  GLU A C   1 
ATOM   1063 O O   . GLU A 1 158 ? 2.332   4.737   -9.914  1.00 17.54 ? 132  GLU A O   1 
ATOM   1064 C CB  . GLU A 1 158 ? 5.151   2.943   -10.349 1.00 19.33 ? 132  GLU A CB  1 
ATOM   1065 C CG  . GLU A 1 158 ? 5.693   4.295   -10.676 1.00 21.74 ? 132  GLU A CG  1 
ATOM   1066 C CD  . GLU A 1 158 ? 6.897   4.150   -11.591 1.00 27.94 ? 132  GLU A CD  1 
ATOM   1067 O OE1 . GLU A 1 158 ? 6.690   3.673   -12.721 1.00 34.25 ? 132  GLU A OE1 1 
ATOM   1068 O OE2 . GLU A 1 158 ? 8.039   4.403   -11.159 1.00 32.75 ? 132  GLU A OE2 1 
ATOM   1069 N N   . ASN A 1 159 ? 2.163   2.961   -11.274 1.00 16.00 ? 133  ASN A N   1 
ATOM   1070 C CA  . ASN A 1 159 ? 1.056   3.498   -12.033 1.00 17.27 ? 133  ASN A CA  1 
ATOM   1071 C C   . ASN A 1 159 ? -0.162  3.693   -11.141 1.00 16.74 ? 133  ASN A C   1 
ATOM   1072 O O   . ASN A 1 159 ? -0.782  4.779   -11.128 1.00 15.71 ? 133  ASN A O   1 
ATOM   1073 C CB  . ASN A 1 159 ? 0.771   2.562   -13.203 1.00 18.60 ? 133  ASN A CB  1 
ATOM   1074 C CG  . ASN A 1 159 ? -0.369  3.024   -14.087 1.00 21.37 ? 133  ASN A CG  1 
ATOM   1075 O OD1 . ASN A 1 159 ? -0.601  4.205   -14.251 1.00 25.59 ? 133  ASN A OD1 1 
ATOM   1076 N ND2 . ASN A 1 159 ? -1.021  2.067   -14.715 1.00 23.96 ? 133  ASN A ND2 1 
ATOM   1077 N N   . ALA A 1 160 ? -0.483  2.677   -10.347 1.00 16.34 ? 134  ALA A N   1 
ATOM   1078 C CA  . ALA A 1 160 ? -1.639  2.722   -9.453  1.00 14.92 ? 134  ALA A CA  1 
ATOM   1079 C C   . ALA A 1 160 ? -1.505  3.874   -8.462  1.00 14.93 ? 134  ALA A C   1 
ATOM   1080 O O   . ALA A 1 160 ? -2.506  4.576   -8.154  1.00 15.15 ? 134  ALA A O   1 
ATOM   1081 C CB  . ALA A 1 160 ? -1.785  1.400   -8.731  1.00 15.15 ? 134  ALA A CB  1 
ATOM   1082 N N   . ALA A 1 161 ? -0.307  4.035   -7.895  1.00 14.69 ? 135  ALA A N   1 
ATOM   1083 C CA  . ALA A 1 161 ? -0.080  5.079   -6.905  1.00 15.03 ? 135  ALA A CA  1 
ATOM   1084 C C   . ALA A 1 161 ? -0.252  6.461   -7.530  1.00 15.54 ? 135  ALA A C   1 
ATOM   1085 O O   . ALA A 1 161 ? -0.921  7.318   -6.950  1.00 15.78 ? 135  ALA A O   1 
ATOM   1086 C CB  . ALA A 1 161 ? 1.298   4.964   -6.324  1.00 15.88 ? 135  ALA A CB  1 
ATOM   1087 N N   . GLN A 1 162 ? 0.300   6.663   -8.730  1.00 16.41 ? 136  GLN A N   1 
ATOM   1088 C CA  A GLN A 1 162 ? 0.163   7.931   -9.423  0.40 17.32 ? 136  GLN A CA  1 
ATOM   1089 C CA  B GLN A 1 162 ? 0.159   7.949   -9.389  0.60 17.18 ? 136  GLN A CA  1 
ATOM   1090 C C   . GLN A 1 162 ? -1.307  8.244   -9.695  1.00 17.04 ? 136  GLN A C   1 
ATOM   1091 O O   . GLN A 1 162 ? -1.758  9.367   -9.526  1.00 16.31 ? 136  GLN A O   1 
ATOM   1092 C CB  A GLN A 1 162 ? 0.982   7.902   -10.715 0.40 19.21 ? 136  GLN A CB  1 
ATOM   1093 C CB  B GLN A 1 162 ? 0.989   8.033   -10.668 0.60 19.18 ? 136  GLN A CB  1 
ATOM   1094 C CG  A GLN A 1 162 ? 2.467   7.897   -10.409 0.40 20.95 ? 136  GLN A CG  1 
ATOM   1095 C CG  B GLN A 1 162 ? 0.943   9.418   -11.311 0.60 19.69 ? 136  GLN A CG  1 
ATOM   1096 C CD  A GLN A 1 162 ? 3.354   7.604   -11.593 0.40 21.79 ? 136  GLN A CD  1 
ATOM   1097 C CD  B GLN A 1 162 ? 1.630   10.476  -10.467 0.60 22.98 ? 136  GLN A CD  1 
ATOM   1098 O OE1 A GLN A 1 162 ? 2.906   7.189   -12.670 0.40 23.25 ? 136  GLN A OE1 1 
ATOM   1099 O OE1 B GLN A 1 162 ? 2.818   10.339  -10.172 0.60 26.74 ? 136  GLN A OE1 1 
ATOM   1100 N NE2 A GLN A 1 162 ? 4.635   7.858   -11.402 0.40 22.56 ? 136  GLN A NE2 1 
ATOM   1101 N NE2 B GLN A 1 162 ? 0.902   11.532  -10.065 0.60 22.22 ? 136  GLN A NE2 1 
ATOM   1102 N N   . LYS A 1 163 ? -2.048  7.235   -10.107 1.00 16.37 ? 137  LYS A N   1 
ATOM   1103 C CA  . LYS A 1 163 ? -3.444  7.440   -10.431 1.00 17.53 ? 137  LYS A CA  1 
ATOM   1104 C C   . LYS A 1 163 ? -4.261  7.764   -9.161  1.00 16.50 ? 137  LYS A C   1 
ATOM   1105 O O   . LYS A 1 163 ? -5.222  8.549   -9.219  1.00 17.24 ? 137  LYS A O   1 
ATOM   1106 C CB  . LYS A 1 163 ? -4.002  6.254   -11.198 1.00 17.89 ? 137  LYS A CB  1 
ATOM   1107 C CG  . LYS A 1 163 ? -3.424  6.074   -12.605 1.00 21.96 ? 137  LYS A CG  1 
ATOM   1108 C CD  . LYS A 1 163 ? -3.750  7.210   -13.550 1.00 26.79 ? 137  LYS A CD  1 
ATOM   1109 C CE  . LYS A 1 163 ? -3.177  6.943   -14.955 1.00 31.65 ? 137  LYS A CE  1 
ATOM   1110 N NZ  . LYS A 1 163 ? -3.096  5.518   -15.368 1.00 33.94 ? 137  LYS A NZ  1 
ATOM   1111 N N   . TRP A 1 164 ? -3.920  7.167   -8.018  1.00 15.05 ? 138  TRP A N   1 
ATOM   1112 C CA  . TRP A 1 164 ? -4.524  7.571   -6.753  1.00 15.32 ? 138  TRP A CA  1 
ATOM   1113 C C   . TRP A 1 164 ? -4.235  9.044   -6.422  1.00 16.36 ? 138  TRP A C   1 
ATOM   1114 O O   . TRP A 1 164 ? -5.126  9.788   -6.019  1.00 17.33 ? 138  TRP A O   1 
ATOM   1115 C CB  . TRP A 1 164 ? -4.117  6.673   -5.568  1.00 15.27 ? 138  TRP A CB  1 
ATOM   1116 C CG  . TRP A 1 164 ? -5.103  5.597   -5.226  1.00 14.26 ? 138  TRP A CG  1 
ATOM   1117 C CD1 . TRP A 1 164 ? -4.937  4.262   -5.386  1.00 13.46 ? 138  TRP A CD1 1 
ATOM   1118 C CD2 . TRP A 1 164 ? -6.405  5.772   -4.675  1.00 14.40 ? 138  TRP A CD2 1 
ATOM   1119 N NE1 . TRP A 1 164 ? -6.056  3.597   -4.995  1.00 14.47 ? 138  TRP A NE1 1 
ATOM   1120 C CE2 . TRP A 1 164 ? -6.985  4.502   -4.531  1.00 14.57 ? 138  TRP A CE2 1 
ATOM   1121 C CE3 . TRP A 1 164 ? -7.144  6.889   -4.275  1.00 15.41 ? 138  TRP A CE3 1 
ATOM   1122 C CZ2 . TRP A 1 164 ? -8.279  4.319   -4.030  1.00 15.17 ? 138  TRP A CZ2 1 
ATOM   1123 C CZ3 . TRP A 1 164 ? -8.392  6.715   -3.807  1.00 15.13 ? 138  TRP A CZ3 1 
ATOM   1124 C CH2 . TRP A 1 164 ? -8.969  5.445   -3.673  1.00 15.20 ? 138  TRP A CH2 1 
ATOM   1125 N N   . VAL A 1 165 ? -2.986  9.452   -6.572  1.00 17.18 ? 139  VAL A N   1 
ATOM   1126 C CA  . VAL A 1 165 ? -2.613  10.841  -6.279  1.00 17.77 ? 139  VAL A CA  1 
ATOM   1127 C C   . VAL A 1 165 ? -3.404  11.785  -7.165  1.00 18.45 ? 139  VAL A C   1 
ATOM   1128 O O   . VAL A 1 165 ? -4.010  12.789  -6.674  1.00 20.36 ? 139  VAL A O   1 
ATOM   1129 C CB  . VAL A 1 165 ? -1.108  11.020  -6.397  1.00 19.76 ? 139  VAL A CB  1 
ATOM   1130 C CG1 . VAL A 1 165 ? -0.713  12.474  -6.234  1.00 20.91 ? 139  VAL A CG1 1 
ATOM   1131 C CG2 . VAL A 1 165 ? -0.442  10.240  -5.297  1.00 20.46 ? 139  VAL A CG2 1 
ATOM   1132 N N   . ASN A 1 166 ? -3.476  11.470  -8.443  1.00 19.14 ? 140  ASN A N   1 
ATOM   1133 C CA  . ASN A 1 166 ? -4.277  12.291  -9.353  1.00 19.56 ? 140  ASN A CA  1 
ATOM   1134 C C   . ASN A 1 166 ? -5.728  12.362  -8.937  1.00 20.95 ? 140  ASN A C   1 
ATOM   1135 O O   . ASN A 1 166 ? -6.335  13.440  -8.900  1.00 21.17 ? 140  ASN A O   1 
ATOM   1136 C CB  . ASN A 1 166 ? -4.188  11.799  -10.796 1.00 22.15 ? 140  ASN A CB  1 
ATOM   1137 C CG  . ASN A 1 166 ? -2.785  11.858  -11.360 1.00 25.14 ? 140  ASN A CG  1 
ATOM   1138 O OD1 . ASN A 1 166 ? -1.890  12.507  -10.812 1.00 27.75 ? 140  ASN A OD1 1 
ATOM   1139 N ND2 . ASN A 1 166 ? -2.581  11.156  -12.455 1.00 29.29 ? 140  ASN A ND2 1 
ATOM   1140 N N   . ALA A 1 167 ? -6.311  11.234  -8.562  1.00 19.20 ? 141  ALA A N   1 
ATOM   1141 C CA  . ALA A 1 167 ? -7.708  11.230  -8.211  1.00 18.36 ? 141  ALA A CA  1 
ATOM   1142 C C   . ALA A 1 167 ? -8.018  12.009  -6.943  1.00 19.32 ? 141  ALA A C   1 
ATOM   1143 O O   . ALA A 1 167 ? -9.072  12.676  -6.856  1.00 21.61 ? 141  ALA A O   1 
ATOM   1144 C CB  . ALA A 1 167 ? -8.184  9.804   -8.108  1.00 18.92 ? 141  ALA A CB  1 
ATOM   1145 N N   . LEU A 1 168 ? -7.125  11.908  -5.972  1.00 19.21 ? 142  LEU A N   1 
ATOM   1146 C CA  . LEU A 1 168 ? -7.303  12.504  -4.665  1.00 20.07 ? 142  LEU A CA  1 
ATOM   1147 C C   . LEU A 1 168 ? -7.125  14.012  -4.749  1.00 20.92 ? 142  LEU A C   1 
ATOM   1148 O O   . LEU A 1 168 ? -7.670  14.736  -3.912  1.00 22.21 ? 142  LEU A O   1 
ATOM   1149 C CB  . LEU A 1 168 ? -6.299  11.972  -3.661  1.00 20.36 ? 142  LEU A CB  1 
ATOM   1150 C CG  . LEU A 1 168 ? -6.540  10.523  -3.211  1.00 19.83 ? 142  LEU A CG  1 
ATOM   1151 C CD1 . LEU A 1 168 ? -5.298  9.974   -2.540  1.00 20.19 ? 142  LEU A CD1 1 
ATOM   1152 C CD2 . LEU A 1 168 ? -7.721  10.460  -2.277  1.00 21.61 ? 142  LEU A CD2 1 
ATOM   1153 N N   . SER A 1 169 ? -6.338  14.458  -5.706  1.00 22.71 ? 143  SER A N   1 
ATOM   1154 C CA  . SER A 1 169 ? -5.982  15.881  -5.766  1.00 28.20 ? 143  SER A CA  1 
ATOM   1155 C C   . SER A 1 169 ? -6.637  16.706  -6.895  1.00 34.29 ? 143  SER A C   1 
ATOM   1156 O O   . SER A 1 169 ? -6.490  17.940  -6.894  1.00 37.14 ? 143  SER A O   1 
ATOM   1157 C CB  . SER A 1 169 ? -4.479  16.004  -5.871  1.00 28.31 ? 143  SER A CB  1 
ATOM   1158 O OG  . SER A 1 169 ? -4.016  15.450  -7.087  1.00 30.27 ? 143  SER A OG  1 
ATOM   1159 N N   . ARG A 1 170 ? -7.346  16.087  -7.838  1.00 40.65 ? 144  ARG A N   1 
ATOM   1160 C CA  . ARG A 1 170 ? -7.887  16.865  -8.977  1.00 47.85 ? 144  ARG A CA  1 
ATOM   1161 C C   . ARG A 1 170 ? -9.174  17.630  -8.631  1.00 50.43 ? 144  ARG A C   1 
ATOM   1162 O O   . ARG A 1 170 ? -10.023 17.154  -7.872  1.00 50.52 ? 144  ARG A O   1 
ATOM   1163 C CB  . ARG A 1 170 ? -8.086  15.987  -10.222 1.00 50.52 ? 144  ARG A CB  1 
ATOM   1164 C CG  . ARG A 1 170 ? -9.242  15.006  -10.147 1.00 53.35 ? 144  ARG A CG  1 
ATOM   1165 C CD  . ARG A 1 170 ? -9.311  14.113  -11.386 1.00 57.83 ? 144  ARG A CD  1 
ATOM   1166 N NE  . ARG A 1 170 ? -10.268 14.590  -12.396 1.00 62.18 ? 144  ARG A NE  1 
ATOM   1167 C CZ  . ARG A 1 170 ? -9.965  15.027  -13.626 1.00 63.28 ? 144  ARG A CZ  1 
ATOM   1168 N NH1 . ARG A 1 170 ? -8.705  15.079  -14.065 1.00 63.00 ? 144  ARG A NH1 1 
ATOM   1169 N NH2 . ARG A 1 170 ? -10.945 15.416  -14.440 1.00 63.24 ? 144  ARG A NH2 1 
HETATM 1170 S S   . SO4 B 2 .   ? 3.163   -7.774  1.975   1.00 24.67 ? 1145 SO4 A S   1 
HETATM 1171 O O1  . SO4 B 2 .   ? 4.455   -8.414  2.410   1.00 21.84 ? 1145 SO4 A O1  1 
HETATM 1172 O O2  . SO4 B 2 .   ? 2.150   -8.842  1.866   1.00 25.94 ? 1145 SO4 A O2  1 
HETATM 1173 O O3  . SO4 B 2 .   ? 3.327   -6.982  0.785   1.00 33.36 ? 1145 SO4 A O3  1 
HETATM 1174 O O4  . SO4 B 2 .   ? 2.429   -6.875  2.916   1.00 27.83 ? 1145 SO4 A O4  1 
HETATM 1175 S S   . SO4 C 2 .   ? -4.303  1.411   -17.172 1.00 31.75 ? 1146 SO4 A S   1 
HETATM 1176 O O1  . SO4 C 2 .   ? -3.089  2.180   -16.804 1.00 32.44 ? 1146 SO4 A O1  1 
HETATM 1177 O O2  . SO4 C 2 .   ? -4.108  -0.027  -17.365 1.00 40.31 ? 1146 SO4 A O2  1 
HETATM 1178 O O3  . SO4 C 2 .   ? -4.736  2.038   -18.444 1.00 39.30 ? 1146 SO4 A O3  1 
HETATM 1179 O O4  . SO4 C 2 .   ? -5.397  1.668   -16.223 1.00 30.61 ? 1146 SO4 A O4  1 
HETATM 1180 S S   . SO4 D 2 .   ? 16.659  -1.167  6.188   1.00 48.87 ? 1147 SO4 A S   1 
HETATM 1181 O O1  . SO4 D 2 .   ? 17.030  0.274   6.297   1.00 50.98 ? 1147 SO4 A O1  1 
HETATM 1182 O O2  . SO4 D 2 .   ? 17.005  -1.681  4.826   1.00 44.52 ? 1147 SO4 A O2  1 
HETATM 1183 O O3  . SO4 D 2 .   ? 15.232  -1.306  6.618   1.00 53.55 ? 1147 SO4 A O3  1 
HETATM 1184 O O4  . SO4 D 2 .   ? 17.451  -1.925  7.167   1.00 59.70 ? 1147 SO4 A O4  1 
HETATM 1185 O O   . HOH E 3 .   ? -19.419 13.986  3.176   1.00 25.87 ? 2001 HOH A O   1 
HETATM 1186 O O   . HOH E 3 .   ? -17.028 15.507  5.284   1.00 39.17 ? 2002 HOH A O   1 
HETATM 1187 O O   . HOH E 3 .   ? -15.970 13.398  -3.041  1.00 17.83 ? 2003 HOH A O   1 
HETATM 1188 O O   . HOH E 3 .   ? -19.707 11.334  2.361   1.00 31.95 ? 2004 HOH A O   1 
HETATM 1189 O O   . HOH E 3 .   ? -16.371 9.666   3.347   1.00 30.74 ? 2005 HOH A O   1 
HETATM 1190 O O   . HOH E 3 .   ? -14.612 7.646   3.153   1.00 29.86 ? 2006 HOH A O   1 
HETATM 1191 O O   . HOH E 3 .   ? -12.068 10.559  2.755   1.00 31.36 ? 2007 HOH A O   1 
HETATM 1192 O O   . HOH E 3 .   ? -5.063  16.307  2.573   1.00 33.61 ? 2008 HOH A O   1 
HETATM 1193 O O   . HOH E 3 .   ? -13.243 15.648  6.172   1.00 26.23 ? 2009 HOH A O   1 
HETATM 1194 O O   . HOH E 3 .   ? 5.224   3.921   9.356   1.00 37.27 ? 2010 HOH A O   1 
HETATM 1195 O O   . HOH E 3 .   ? 6.357   10.467  -7.284  1.00 39.12 ? 2011 HOH A O   1 
HETATM 1196 O O   . HOH E 3 .   ? -3.648  8.187   10.958  1.00 40.47 ? 2012 HOH A O   1 
HETATM 1197 O O   . HOH E 3 .   ? -1.257  6.270   7.771   1.00 30.34 ? 2013 HOH A O   1 
HETATM 1198 O O   . HOH E 3 .   ? -3.428  -6.321  0.140   1.00 23.26 ? 2014 HOH A O   1 
HETATM 1199 O O   . HOH E 3 .   ? 5.026   -0.726  8.823   1.00 20.81 ? 2015 HOH A O   1 
HETATM 1200 O O   . HOH E 3 .   ? 6.505   -5.468  -4.312  1.00 30.05 ? 2016 HOH A O   1 
HETATM 1201 O O   . HOH E 3 .   ? 3.207   -8.685  -1.197  1.00 33.55 ? 2017 HOH A O   1 
HETATM 1202 O O   . HOH E 3 .   ? 5.388   -3.953  16.474  1.00 30.09 ? 2018 HOH A O   1 
HETATM 1203 O O   . HOH E 3 .   ? 9.449   -2.998  -5.009  1.00 22.40 ? 2019 HOH A O   1 
HETATM 1204 O O   . HOH E 3 .   ? 2.605   -7.383  16.911  1.00 27.31 ? 2020 HOH A O   1 
HETATM 1205 O O   . HOH E 3 .   ? 4.556   1.815   7.885   1.00 20.34 ? 2021 HOH A O   1 
HETATM 1206 O O   . HOH E 3 .   ? 7.926   2.039   6.474   1.00 23.65 ? 2022 HOH A O   1 
HETATM 1207 O O   . HOH E 3 .   ? 5.858   6.618   4.562   1.00 31.05 ? 2023 HOH A O   1 
HETATM 1208 O O   . HOH E 3 .   ? 9.349   7.514   -0.424  1.00 23.34 ? 2024 HOH A O   1 
HETATM 1209 O O   . HOH E 3 .   ? 11.127  6.295   1.142   1.00 34.62 ? 2025 HOH A O   1 
HETATM 1210 O O   . HOH E 3 .   ? 5.742   7.892   -6.691  1.00 31.89 ? 2026 HOH A O   1 
HETATM 1211 O O   . HOH E 3 .   ? -14.292 -4.051  -6.691  1.00 30.60 ? 2027 HOH A O   1 
HETATM 1212 O O   . HOH E 3 .   ? 8.289   12.190  0.242   1.00 36.96 ? 2028 HOH A O   1 
HETATM 1213 O O   . HOH E 3 .   ? 4.179   9.601   6.670   1.00 34.82 ? 2029 HOH A O   1 
HETATM 1214 O O   . HOH E 3 .   ? 2.060   16.395  0.114   1.00 31.22 ? 2030 HOH A O   1 
HETATM 1215 O O   . HOH E 3 .   ? 4.784   6.337   8.185   1.00 38.53 ? 2031 HOH A O   1 
HETATM 1216 O O   . HOH E 3 .   ? -0.627  -2.168  -18.216 1.00 28.65 ? 2032 HOH A O   1 
HETATM 1217 O O   . HOH E 3 .   ? -3.453  -16.212 12.368  1.00 33.91 ? 2033 HOH A O   1 
HETATM 1218 O O   . HOH E 3 .   ? 2.643   -12.651 12.502  1.00 21.08 ? 2034 HOH A O   1 
HETATM 1219 O O   . HOH E 3 .   ? 2.843   -1.590  -15.848 1.00 28.24 ? 2035 HOH A O   1 
HETATM 1220 O O   . HOH E 3 .   ? 14.249  -4.268  10.966  1.00 29.20 ? 2036 HOH A O   1 
HETATM 1221 O O   . HOH E 3 .   ? 12.013  -8.890  5.769   1.00 29.89 ? 2037 HOH A O   1 
HETATM 1222 O O   . HOH E 3 .   ? 13.597  -1.787  4.726   1.00 22.18 ? 2038 HOH A O   1 
HETATM 1223 O O   . HOH E 3 .   ? 10.769  -12.678 -2.005  1.00 35.68 ? 2039 HOH A O   1 
HETATM 1224 O O   . HOH E 3 .   ? 11.908  -11.150 2.225   1.00 43.41 ? 2040 HOH A O   1 
HETATM 1225 O O   . HOH E 3 .   ? 14.053  -10.961 -1.419  1.00 47.51 ? 2041 HOH A O   1 
HETATM 1226 O O   . HOH E 3 .   ? 14.762  -10.093 2.100   1.00 36.42 ? 2042 HOH A O   1 
HETATM 1227 O O   . HOH E 3 .   ? 15.730  0.772   -0.010  1.00 33.17 ? 2043 HOH A O   1 
HETATM 1228 O O   . HOH E 3 .   ? 19.659  -1.265  -4.235  1.00 34.51 ? 2044 HOH A O   1 
HETATM 1229 O O   . HOH E 3 .   ? 9.160   5.060   -9.065  1.00 32.74 ? 2045 HOH A O   1 
HETATM 1230 O O   . HOH E 3 .   ? 11.658  8.667   -4.363  1.00 34.42 ? 2046 HOH A O   1 
HETATM 1231 O O   . HOH E 3 .   ? 11.790  7.338   -1.898  1.00 30.42 ? 2047 HOH A O   1 
HETATM 1232 O O   . HOH E 3 .   ? 14.205  -1.865  9.471   1.00 28.73 ? 2048 HOH A O   1 
HETATM 1233 O O   . HOH E 3 .   ? 8.210   1.431   9.164   1.00 23.84 ? 2049 HOH A O   1 
HETATM 1234 O O   . HOH E 3 .   ? 6.465   -3.033  14.244  1.00 27.89 ? 2050 HOH A O   1 
HETATM 1235 O O   . HOH E 3 .   ? 1.422   3.294   11.547  1.00 36.21 ? 2051 HOH A O   1 
HETATM 1236 O O   . HOH E 3 .   ? 0.837   -3.496  15.493  1.00 25.10 ? 2052 HOH A O   1 
HETATM 1237 O O   . HOH E 3 .   ? 3.073   -5.020  15.242  1.00 21.45 ? 2053 HOH A O   1 
HETATM 1238 O O   . HOH E 3 .   ? 0.909   -10.823 13.776  1.00 28.47 ? 2054 HOH A O   1 
HETATM 1239 O O   . HOH E 3 .   ? -4.742  -7.164  14.985  1.00 33.40 ? 2055 HOH A O   1 
HETATM 1240 O O   . HOH E 3 .   ? -2.418  0.300   16.752  1.00 30.52 ? 2056 HOH A O   1 
HETATM 1241 O O   . HOH E 3 .   ? -6.584  -2.027  17.997  1.00 28.44 ? 2057 HOH A O   1 
HETATM 1242 O O   . HOH E 3 .   ? -6.923  -5.076  16.636  1.00 33.49 ? 2058 HOH A O   1 
HETATM 1243 O O   . HOH E 3 .   ? -9.926  8.490   10.023  1.00 41.65 ? 2059 HOH A O   1 
HETATM 1244 O O   . HOH E 3 .   ? -5.228  -3.421  -6.137  1.00 15.56 ? 2060 HOH A O   1 
HETATM 1245 O O   . HOH E 3 .   ? -9.079  -11.284 -4.495  1.00 22.70 ? 2061 HOH A O   1 
HETATM 1246 O O   . HOH E 3 .   ? -13.133 -9.214  0.347   1.00 26.24 ? 2062 HOH A O   1 
HETATM 1247 O O   . HOH E 3 .   ? -15.481 -6.671  -7.378  1.00 26.05 ? 2063 HOH A O   1 
HETATM 1248 O O   . HOH E 3 .   ? -12.687 -3.939  -8.870  1.00 33.78 ? 2064 HOH A O   1 
HETATM 1249 O O   . HOH E 3 .   ? -12.773 -10.024 -9.553  1.00 34.12 ? 2065 HOH A O   1 
HETATM 1250 O O   . HOH E 3 .   ? -11.318 -12.863 2.027   1.00 35.52 ? 2066 HOH A O   1 
HETATM 1251 O O   . HOH E 3 .   ? -15.376 -9.258  6.657   1.00 36.05 ? 2067 HOH A O   1 
HETATM 1252 O O   . HOH E 3 .   ? -15.376 -7.443  -0.359  1.00 42.28 ? 2068 HOH A O   1 
HETATM 1253 O O   . HOH E 3 .   ? -9.627  -6.480  15.846  1.00 37.63 ? 2069 HOH A O   1 
HETATM 1254 O O   . HOH E 3 .   ? -17.948 -1.285  7.453   1.00 35.91 ? 2070 HOH A O   1 
HETATM 1255 O O   . HOH E 3 .   ? -15.616 3.631   6.605   1.00 29.87 ? 2071 HOH A O   1 
HETATM 1256 O O   . HOH E 3 .   ? -15.156 4.619   9.098   1.00 46.68 ? 2072 HOH A O   1 
HETATM 1257 O O   . HOH E 3 .   ? -17.821 1.653   6.515   1.00 31.59 ? 2073 HOH A O   1 
HETATM 1258 O O   . HOH E 3 .   ? -14.717 -1.863  0.759   1.00 33.38 ? 2074 HOH A O   1 
HETATM 1259 O O   . HOH E 3 .   ? -13.367 4.400   11.150  1.00 39.91 ? 2075 HOH A O   1 
HETATM 1260 O O   . HOH E 3 .   ? -13.939 -0.912  -2.168  1.00 34.35 ? 2076 HOH A O   1 
HETATM 1261 O O   . HOH E 3 .   ? -11.622 -0.249  -4.896  1.00 15.76 ? 2077 HOH A O   1 
HETATM 1262 O O   . HOH E 3 .   ? -4.992  2.977   -8.539  1.00 14.55 ? 2078 HOH A O   1 
HETATM 1263 O O   . HOH E 3 .   ? -7.744  7.033   -13.427 1.00 35.34 ? 2079 HOH A O   1 
HETATM 1264 O O   . HOH E 3 .   ? -6.088  4.157   -15.523 1.00 39.56 ? 2080 HOH A O   1 
HETATM 1265 O O   . HOH E 3 .   ? -4.189  -2.031  -15.863 1.00 19.43 ? 2081 HOH A O   1 
HETATM 1266 O O   . HOH E 3 .   ? -1.465  -2.396  -15.521 1.00 30.50 ? 2082 HOH A O   1 
HETATM 1267 O O   . HOH E 3 .   ? -1.143  -8.164  -11.197 1.00 27.94 ? 2083 HOH A O   1 
HETATM 1268 O O   . HOH E 3 .   ? -12.380 -1.813  -7.115  1.00 30.51 ? 2084 HOH A O   1 
HETATM 1269 O O   . HOH E 3 .   ? 2.252   -13.949 -8.433  1.00 30.11 ? 2085 HOH A O   1 
HETATM 1270 O O   . HOH E 3 .   ? 3.804   -14.912 -4.582  1.00 39.44 ? 2086 HOH A O   1 
HETATM 1271 O O   . HOH E 3 .   ? 7.925   -15.536 -11.319 1.00 32.39 ? 2087 HOH A O   1 
HETATM 1272 O O   . HOH E 3 .   ? 9.630   -15.304 -13.970 1.00 38.75 ? 2088 HOH A O   1 
HETATM 1273 O O   . HOH E 3 .   ? 13.545  -12.804 -13.456 1.00 36.86 ? 2089 HOH A O   1 
HETATM 1274 O O   . HOH E 3 .   ? 9.018   -7.489  -15.723 1.00 34.67 ? 2090 HOH A O   1 
HETATM 1275 O O   . HOH E 3 .   ? 8.147   -5.063  -6.383  1.00 34.32 ? 2091 HOH A O   1 
HETATM 1276 O O   . HOH E 3 .   ? 4.836   -3.355  -14.994 1.00 22.99 ? 2092 HOH A O   1 
HETATM 1277 O O   . HOH E 3 .   ? 4.621   2.475   -13.956 1.00 28.86 ? 2093 HOH A O   1 
HETATM 1278 O O   . HOH E 3 .   ? 4.218   6.809   -8.491  1.00 38.13 ? 2094 HOH A O   1 
HETATM 1279 O O   . HOH E 3 .   ? 0.367   6.843   -13.900 1.00 33.60 ? 2095 HOH A O   1 
HETATM 1280 O O   . HOH E 3 .   ? 0.353   -0.586  -14.660 1.00 30.06 ? 2096 HOH A O   1 
HETATM 1281 O O   . HOH E 3 .   ? -6.642  8.980   -11.713 1.00 22.01 ? 2097 HOH A O   1 
HETATM 1282 O O   . HOH E 3 .   ? -5.027  10.163  -13.738 1.00 32.90 ? 2098 HOH A O   1 
HETATM 1283 O O   . HOH E 3 .   ? -10.126 11.298  -13.396 1.00 43.10 ? 2099 HOH A O   1 
HETATM 1284 O O   . HOH E 3 .   ? 5.213   -10.913 1.669   1.00 29.28 ? 2100 HOH A O   1 
# 
loop_
_pdbx_poly_seq_scheme.asym_id 
_pdbx_poly_seq_scheme.entity_id 
_pdbx_poly_seq_scheme.seq_id 
_pdbx_poly_seq_scheme.mon_id 
_pdbx_poly_seq_scheme.ndb_seq_num 
_pdbx_poly_seq_scheme.pdb_seq_num 
_pdbx_poly_seq_scheme.auth_seq_num 
_pdbx_poly_seq_scheme.pdb_mon_id 
_pdbx_poly_seq_scheme.auth_mon_id 
_pdbx_poly_seq_scheme.pdb_strand_id 
_pdbx_poly_seq_scheme.pdb_ins_code 
_pdbx_poly_seq_scheme.hetero 
A 1 1   MET 1   -26 ?   ?   ?   A . n 
A 1 2   LYS 2   -25 ?   ?   ?   A . n 
A 1 3   HIS 3   -24 ?   ?   ?   A . n 
A 1 4   HIS 4   -23 ?   ?   ?   A . n 
A 1 5   HIS 5   -22 ?   ?   ?   A . n 
A 1 6   HIS 6   -21 ?   ?   ?   A . n 
A 1 7   HIS 7   -20 ?   ?   ?   A . n 
A 1 8   HIS 8   -19 ?   ?   ?   A . n 
A 1 9   PRO 9   -18 ?   ?   ?   A . n 
A 1 10  MET 10  -17 ?   ?   ?   A . n 
A 1 11  SER 11  -16 ?   ?   ?   A . n 
A 1 12  ASP 12  -15 ?   ?   ?   A . n 
A 1 13  TYR 13  -14 ?   ?   ?   A . n 
A 1 14  ASP 14  -13 ?   ?   ?   A . n 
A 1 15  ILE 15  -12 ?   ?   ?   A . n 
A 1 16  PRO 16  -11 ?   ?   ?   A . n 
A 1 17  THR 17  -10 ?   ?   ?   A . n 
A 1 18  THR 18  -9  ?   ?   ?   A . n 
A 1 19  GLU 19  -8  ?   ?   ?   A . n 
A 1 20  ASN 20  -7  -7  ASN ASN A . n 
A 1 21  LEU 21  -6  -6  LEU LEU A . n 
A 1 22  TYR 22  -5  -5  TYR TYR A . n 
A 1 23  PHE 23  -4  -4  PHE PHE A . n 
A 1 24  GLN 24  -3  -3  GLN GLN A . n 
A 1 25  GLY 25  -2  -2  GLY GLY A . n 
A 1 26  ALA 26  -1  -1  ALA ALA A . n 
A 1 27  MET 27  1   1   MET MET A . n 
A 1 28  VAL 28  2   2   VAL VAL A . n 
A 1 29  ASN 29  3   3   ASN ASN A . n 
A 1 30  SER 30  4   4   SER SER A . n 
A 1 31  ILE 31  5   5   ILE ILE A . n 
A 1 32  LEU 32  6   6   LEU LEU A . n 
A 1 33  VAL 33  7   7   VAL VAL A . n 
A 1 34  VAL 34  8   8   VAL VAL A . n 
A 1 35  CYS 35  9   9   CYS CYS A . n 
A 1 36  ILE 36  10  10  ILE ILE A . n 
A 1 37  GLY 37  11  11  GLY GLY A . n 
A 1 38  ASN 38  12  12  ASN ASN A . n 
A 1 39  ILE 39  13  13  ILE ILE A . n 
A 1 40  CYS 40  14  14  CYS CYS A . n 
A 1 41  ARG 41  15  15  ARG ARG A . n 
A 1 42  SER 42  16  16  SER SER A . n 
A 1 43  PRO 43  17  17  PRO PRO A . n 
A 1 44  THR 44  18  18  THR THR A . n 
A 1 45  GLY 45  19  19  GLY GLY A . n 
A 1 46  GLU 46  20  20  GLU GLU A . n 
A 1 47  ARG 47  21  21  ARG ARG A . n 
A 1 48  LEU 48  22  22  LEU LEU A . n 
A 1 49  LEU 49  23  23  LEU LEU A . n 
A 1 50  LYS 50  24  24  LYS LYS A . n 
A 1 51  ALA 51  25  25  ALA ALA A . n 
A 1 52  ALA 52  26  26  ALA ALA A . n 
A 1 53  LEU 53  27  27  LEU LEU A . n 
A 1 54  PRO 54  28  28  PRO PRO A . n 
A 1 55  GLU 55  29  29  GLU GLU A . n 
A 1 56  ARG 56  30  30  ARG ARG A . n 
A 1 57  LYS 57  31  31  LYS LYS A . n 
A 1 58  ILE 58  32  32  ILE ILE A . n 
A 1 59  ALA 59  33  33  ALA ALA A . n 
A 1 60  SER 60  34  34  SER SER A . n 
A 1 61  ALA 61  35  35  ALA ALA A . n 
A 1 62  GLY 62  36  36  GLY GLY A . n 
A 1 63  LEU 63  37  37  LEU LEU A . n 
A 1 64  LYS 64  38  38  LYS LYS A . n 
A 1 65  ALA 65  39  39  ALA ALA A . n 
A 1 66  MET 66  40  40  MET MET A . n 
A 1 67  VAL 67  41  41  VAL VAL A . n 
A 1 68  GLY 68  42  42  GLY GLY A . n 
A 1 69  GLY 69  43  43  GLY GLY A . n 
A 1 70  SER 70  44  44  SER SER A . n 
A 1 71  ALA 71  45  45  ALA ALA A . n 
A 1 72  ASP 72  46  46  ASP ASP A . n 
A 1 73  GLU 73  47  47  GLU GLU A . n 
A 1 74  THR 74  48  48  THR THR A . n 
A 1 75  ALA 75  49  49  ALA ALA A . n 
A 1 76  SER 76  50  50  SER SER A . n 
A 1 77  ILE 77  51  51  ILE ILE A . n 
A 1 78  VAL 78  52  52  VAL VAL A . n 
A 1 79  ALA 79  53  53  ALA ALA A . n 
A 1 80  ASN 80  54  54  ASN ASN A . n 
A 1 81  GLU 81  55  55  GLU GLU A . n 
A 1 82  HIS 82  56  56  HIS HIS A . n 
A 1 83  GLY 83  57  57  GLY GLY A . n 
A 1 84  VAL 84  58  58  VAL VAL A . n 
A 1 85  SER 85  59  59  SER SER A . n 
A 1 86  LEU 86  60  60  LEU LEU A . n 
A 1 87  GLN 87  61  61  GLN GLN A . n 
A 1 88  ASP 88  62  62  ASP ASP A . n 
A 1 89  HIS 89  63  63  HIS HIS A . n 
A 1 90  VAL 90  64  64  VAL VAL A . n 
A 1 91  ALA 91  65  65  ALA ALA A . n 
A 1 92  GLN 92  66  66  GLN GLN A . n 
A 1 93  GLN 93  67  67  GLN GLN A . n 
A 1 94  LEU 94  68  68  LEU LEU A . n 
A 1 95  THR 95  69  69  THR THR A . n 
A 1 96  ALA 96  70  70  ALA ALA A . n 
A 1 97  ASP 97  71  71  ASP ASP A . n 
A 1 98  MET 98  72  72  MET MET A . n 
A 1 99  CYS 99  73  73  CYS CYS A . n 
A 1 100 ARG 100 74  74  ARG ARG A . n 
A 1 101 ASP 101 75  75  ASP ASP A . n 
A 1 102 SER 102 76  76  SER SER A . n 
A 1 103 ASP 103 77  77  ASP ASP A . n 
A 1 104 LEU 104 78  78  LEU LEU A . n 
A 1 105 ILE 105 79  79  ILE ILE A . n 
A 1 106 LEU 106 80  80  LEU LEU A . n 
A 1 107 VAL 107 81  81  VAL VAL A . n 
A 1 108 MET 108 82  82  MET MET A . n 
A 1 109 GLU 109 83  83  GLU GLU A . n 
A 1 110 LYS 110 84  84  LYS LYS A . n 
A 1 111 LYS 111 85  85  LYS LYS A . n 
A 1 112 HIS 112 86  86  HIS HIS A . n 
A 1 113 ILE 113 87  87  ILE ILE A . n 
A 1 114 ASP 114 88  88  ASP ASP A . n 
A 1 115 LEU 115 89  89  LEU LEU A . n 
A 1 116 VAL 116 90  90  VAL VAL A . n 
A 1 117 CYS 117 91  91  CYS CYS A . n 
A 1 118 ARG 118 92  92  ARG ARG A . n 
A 1 119 ILE 119 93  93  ILE ILE A . n 
A 1 120 ASN 120 94  94  ASN ASN A . n 
A 1 121 PRO 121 95  95  PRO PRO A . n 
A 1 122 SER 122 96  96  SER SER A . n 
A 1 123 VAL 123 97  97  VAL VAL A . n 
A 1 124 ARG 124 98  98  ARG ARG A . n 
A 1 125 GLY 125 99  99  GLY GLY A . n 
A 1 126 LYS 126 100 100 LYS LYS A . n 
A 1 127 THR 127 101 101 THR THR A . n 
A 1 128 MET 128 102 102 MET MET A . n 
A 1 129 LEU 129 103 103 LEU LEU A . n 
A 1 130 PHE 130 104 104 PHE PHE A . n 
A 1 131 GLY 131 105 105 GLY GLY A . n 
A 1 132 HIS 132 106 106 HIS HIS A . n 
A 1 133 TRP 133 107 107 TRP TRP A . n 
A 1 134 ILE 134 108 108 ILE ILE A . n 
A 1 135 ASN 135 109 109 ASN ASN A . n 
A 1 136 GLN 136 110 110 GLN GLN A . n 
A 1 137 GLN 137 111 111 GLN GLN A . n 
A 1 138 GLU 138 112 112 GLU GLU A . n 
A 1 139 ILE 139 113 113 ILE ILE A . n 
A 1 140 ALA 140 114 114 ALA ALA A . n 
A 1 141 ASP 141 115 115 ASP ASP A . n 
A 1 142 PRO 142 116 116 PRO PRO A . n 
A 1 143 TYR 143 117 117 TYR TYR A . n 
A 1 144 LYS 144 118 118 LYS LYS A . n 
A 1 145 LYS 145 119 119 LYS LYS A . n 
A 1 146 SER 146 120 120 SER SER A . n 
A 1 147 ARG 147 121 121 ARG ARG A . n 
A 1 148 ASP 148 122 122 ASP ASP A . n 
A 1 149 ALA 149 123 123 ALA ALA A . n 
A 1 150 PHE 150 124 124 PHE PHE A . n 
A 1 151 GLU 151 125 125 GLU GLU A . n 
A 1 152 ALA 152 126 126 ALA ALA A . n 
A 1 153 VAL 153 127 127 VAL VAL A . n 
A 1 154 TYR 154 128 128 TYR TYR A . n 
A 1 155 GLY 155 129 129 GLY GLY A . n 
A 1 156 VAL 156 130 130 VAL VAL A . n 
A 1 157 LEU 157 131 131 LEU LEU A . n 
A 1 158 GLU 158 132 132 GLU GLU A . n 
A 1 159 ASN 159 133 133 ASN ASN A . n 
A 1 160 ALA 160 134 134 ALA ALA A . n 
A 1 161 ALA 161 135 135 ALA ALA A . n 
A 1 162 GLN 162 136 136 GLN GLN A . n 
A 1 163 LYS 163 137 137 LYS LYS A . n 
A 1 164 TRP 164 138 138 TRP TRP A . n 
A 1 165 VAL 165 139 139 VAL VAL A . n 
A 1 166 ASN 166 140 140 ASN ASN A . n 
A 1 167 ALA 167 141 141 ALA ALA A . n 
A 1 168 LEU 168 142 142 LEU LEU A . n 
A 1 169 SER 169 143 143 SER SER A . n 
A 1 170 ARG 170 144 144 ARG ARG A . n 
# 
loop_
_pdbx_nonpoly_scheme.asym_id 
_pdbx_nonpoly_scheme.entity_id 
_pdbx_nonpoly_scheme.mon_id 
_pdbx_nonpoly_scheme.ndb_seq_num 
_pdbx_nonpoly_scheme.pdb_seq_num 
_pdbx_nonpoly_scheme.auth_seq_num 
_pdbx_nonpoly_scheme.pdb_mon_id 
_pdbx_nonpoly_scheme.auth_mon_id 
_pdbx_nonpoly_scheme.pdb_strand_id 
_pdbx_nonpoly_scheme.pdb_ins_code 
B 2 SO4 1   1145 1145 SO4 SO4 A . 
C 2 SO4 1   1146 1146 SO4 SO4 A . 
D 2 SO4 1   1147 1147 SO4 SO4 A . 
E 3 HOH 1   2001 2001 HOH HOH A . 
E 3 HOH 2   2002 2002 HOH HOH A . 
E 3 HOH 3   2003 2003 HOH HOH A . 
E 3 HOH 4   2004 2004 HOH HOH A . 
E 3 HOH 5   2005 2005 HOH HOH A . 
E 3 HOH 6   2006 2006 HOH HOH A . 
E 3 HOH 7   2007 2007 HOH HOH A . 
E 3 HOH 8   2008 2008 HOH HOH A . 
E 3 HOH 9   2009 2009 HOH HOH A . 
E 3 HOH 10  2010 2010 HOH HOH A . 
E 3 HOH 11  2011 2011 HOH HOH A . 
E 3 HOH 12  2012 2012 HOH HOH A . 
E 3 HOH 13  2013 2013 HOH HOH A . 
E 3 HOH 14  2014 2014 HOH HOH A . 
E 3 HOH 15  2015 2015 HOH HOH A . 
E 3 HOH 16  2016 2016 HOH HOH A . 
E 3 HOH 17  2017 2017 HOH HOH A . 
E 3 HOH 18  2018 2018 HOH HOH A . 
E 3 HOH 19  2019 2019 HOH HOH A . 
E 3 HOH 20  2020 2020 HOH HOH A . 
E 3 HOH 21  2021 2021 HOH HOH A . 
E 3 HOH 22  2022 2022 HOH HOH A . 
E 3 HOH 23  2023 2023 HOH HOH A . 
E 3 HOH 24  2024 2024 HOH HOH A . 
E 3 HOH 25  2025 2025 HOH HOH A . 
E 3 HOH 26  2026 2026 HOH HOH A . 
E 3 HOH 27  2027 2027 HOH HOH A . 
E 3 HOH 28  2028 2028 HOH HOH A . 
E 3 HOH 29  2029 2029 HOH HOH A . 
E 3 HOH 30  2030 2030 HOH HOH A . 
E 3 HOH 31  2031 2031 HOH HOH A . 
E 3 HOH 32  2032 2032 HOH HOH A . 
E 3 HOH 33  2033 2033 HOH HOH A . 
E 3 HOH 34  2034 2034 HOH HOH A . 
E 3 HOH 35  2035 2035 HOH HOH A . 
E 3 HOH 36  2036 2036 HOH HOH A . 
E 3 HOH 37  2037 2037 HOH HOH A . 
E 3 HOH 38  2038 2038 HOH HOH A . 
E 3 HOH 39  2039 2039 HOH HOH A . 
E 3 HOH 40  2040 2040 HOH HOH A . 
E 3 HOH 41  2041 2041 HOH HOH A . 
E 3 HOH 42  2042 2042 HOH HOH A . 
E 3 HOH 43  2043 2043 HOH HOH A . 
E 3 HOH 44  2044 2044 HOH HOH A . 
E 3 HOH 45  2045 2045 HOH HOH A . 
E 3 HOH 46  2046 2046 HOH HOH A . 
E 3 HOH 47  2047 2047 HOH HOH A . 
E 3 HOH 48  2048 2048 HOH HOH A . 
E 3 HOH 49  2049 2049 HOH HOH A . 
E 3 HOH 50  2050 2050 HOH HOH A . 
E 3 HOH 51  2051 2051 HOH HOH A . 
E 3 HOH 52  2052 2052 HOH HOH A . 
E 3 HOH 53  2053 2053 HOH HOH A . 
E 3 HOH 54  2054 2054 HOH HOH A . 
E 3 HOH 55  2055 2055 HOH HOH A . 
E 3 HOH 56  2056 2056 HOH HOH A . 
E 3 HOH 57  2057 2057 HOH HOH A . 
E 3 HOH 58  2058 2058 HOH HOH A . 
E 3 HOH 59  2059 2059 HOH HOH A . 
E 3 HOH 60  2060 2060 HOH HOH A . 
E 3 HOH 61  2061 2061 HOH HOH A . 
E 3 HOH 62  2062 2062 HOH HOH A . 
E 3 HOH 63  2063 2063 HOH HOH A . 
E 3 HOH 64  2064 2064 HOH HOH A . 
E 3 HOH 65  2065 2065 HOH HOH A . 
E 3 HOH 66  2066 2066 HOH HOH A . 
E 3 HOH 67  2067 2067 HOH HOH A . 
E 3 HOH 68  2068 2068 HOH HOH A . 
E 3 HOH 69  2069 2069 HOH HOH A . 
E 3 HOH 70  2070 2070 HOH HOH A . 
E 3 HOH 71  2071 2071 HOH HOH A . 
E 3 HOH 72  2072 2072 HOH HOH A . 
E 3 HOH 73  2073 2073 HOH HOH A . 
E 3 HOH 74  2074 2074 HOH HOH A . 
E 3 HOH 75  2075 2075 HOH HOH A . 
E 3 HOH 76  2076 2076 HOH HOH A . 
E 3 HOH 77  2077 2077 HOH HOH A . 
E 3 HOH 78  2078 2078 HOH HOH A . 
E 3 HOH 79  2079 2079 HOH HOH A . 
E 3 HOH 80  2080 2080 HOH HOH A . 
E 3 HOH 81  2081 2081 HOH HOH A . 
E 3 HOH 82  2082 2082 HOH HOH A . 
E 3 HOH 83  2083 2083 HOH HOH A . 
E 3 HOH 84  2084 2084 HOH HOH A . 
E 3 HOH 85  2085 2085 HOH HOH A . 
E 3 HOH 86  2086 2086 HOH HOH A . 
E 3 HOH 87  2087 2087 HOH HOH A . 
E 3 HOH 88  2088 2088 HOH HOH A . 
E 3 HOH 89  2089 2089 HOH HOH A . 
E 3 HOH 90  2090 2090 HOH HOH A . 
E 3 HOH 91  2091 2091 HOH HOH A . 
E 3 HOH 92  2092 2092 HOH HOH A . 
E 3 HOH 93  2093 2093 HOH HOH A . 
E 3 HOH 94  2094 2094 HOH HOH A . 
E 3 HOH 95  2095 2095 HOH HOH A . 
E 3 HOH 96  2096 2096 HOH HOH A . 
E 3 HOH 97  2097 2097 HOH HOH A . 
E 3 HOH 98  2098 2098 HOH HOH A . 
E 3 HOH 99  2099 2099 HOH HOH A . 
E 3 HOH 100 2100 2100 HOH HOH A . 
# 
_pdbx_struct_assembly.id                   1 
_pdbx_struct_assembly.details              author_and_software_defined_assembly 
_pdbx_struct_assembly.method_details       PISA 
_pdbx_struct_assembly.oligomeric_details   dimeric 
_pdbx_struct_assembly.oligomeric_count     2 
# 
_pdbx_struct_assembly_gen.assembly_id       1 
_pdbx_struct_assembly_gen.oper_expression   1,2 
_pdbx_struct_assembly_gen.asym_id_list      A,B,C,D,E 
# 
loop_
_pdbx_struct_assembly_prop.biol_id 
_pdbx_struct_assembly_prop.type 
_pdbx_struct_assembly_prop.value 
_pdbx_struct_assembly_prop.details 
1 'ABSA (A^2)' 2430  ? 
1 MORE         -93.1 ? 
1 'SSA (A^2)'  14010 ? 
# 
loop_
_pdbx_struct_oper_list.id 
_pdbx_struct_oper_list.type 
_pdbx_struct_oper_list.name 
_pdbx_struct_oper_list.symmetry_operation 
_pdbx_struct_oper_list.matrix[1][1] 
_pdbx_struct_oper_list.matrix[1][2] 
_pdbx_struct_oper_list.matrix[1][3] 
_pdbx_struct_oper_list.vector[1] 
_pdbx_struct_oper_list.matrix[2][1] 
_pdbx_struct_oper_list.matrix[2][2] 
_pdbx_struct_oper_list.matrix[2][3] 
_pdbx_struct_oper_list.vector[2] 
_pdbx_struct_oper_list.matrix[3][1] 
_pdbx_struct_oper_list.matrix[3][2] 
_pdbx_struct_oper_list.matrix[3][3] 
_pdbx_struct_oper_list.vector[3] 
1 'identity operation'         1_555 x,y,z          1.0000000000  0.0000000000 0.0000000000  0.0000000000   0.0000000000 1.0000000000  0.0000000000  0.0000000000 0.0000000000  0.0000000000  1.0000000000  0.0000000000   
2 'crystal symmetry operation' 6_554 -x,-x+y,-z-2/3 -0.6611806634 0.5519926014 -0.5080790277 -26.6915126272 0.5519926014 -0.1007129786 -0.8277445644 2.5509390981 -0.5080790277 -0.8277445644 -0.2381063579 -15.0281760832 
# 
loop_
_pdbx_audit_revision_history.ordinal 
_pdbx_audit_revision_history.data_content_type 
_pdbx_audit_revision_history.major_revision 
_pdbx_audit_revision_history.minor_revision 
_pdbx_audit_revision_history.revision_date 
1 'Structure model' 1 0 2016-01-20 
2 'Structure model' 1 1 2016-12-14 
3 'Structure model' 1 2 2018-03-07 
4 'Structure model' 1 3 2019-05-08 
5 'Structure model' 1 4 2023-12-20 
# 
_pdbx_audit_revision_details.ordinal             1 
_pdbx_audit_revision_details.revision_ordinal    1 
_pdbx_audit_revision_details.data_content_type   'Structure model' 
_pdbx_audit_revision_details.provider            repository 
_pdbx_audit_revision_details.type                'Initial release' 
_pdbx_audit_revision_details.description         ? 
_pdbx_audit_revision_details.details             ? 
# 
loop_
_pdbx_audit_revision_group.ordinal 
_pdbx_audit_revision_group.revision_ordinal 
_pdbx_audit_revision_group.data_content_type 
_pdbx_audit_revision_group.group 
1  2 'Structure model' 'Database references'      
2  3 'Structure model' 'Data collection'          
3  3 'Structure model' 'Source and taxonomy'      
4  4 'Structure model' 'Data collection'          
5  4 'Structure model' 'Experimental preparation' 
6  5 'Structure model' 'Data collection'          
7  5 'Structure model' 'Database references'      
8  5 'Structure model' 'Derived calculations'     
9  5 'Structure model' Other                      
10 5 'Structure model' 'Refinement description'   
# 
loop_
_pdbx_audit_revision_category.ordinal 
_pdbx_audit_revision_category.revision_ordinal 
_pdbx_audit_revision_category.data_content_type 
_pdbx_audit_revision_category.category 
1  3 'Structure model' diffrn_source                 
2  3 'Structure model' entity_src_gen                
3  4 'Structure model' exptl_crystal_grow            
4  4 'Structure model' struct_biol                   
5  5 'Structure model' chem_comp_atom                
6  5 'Structure model' chem_comp_bond                
7  5 'Structure model' database_2                    
8  5 'Structure model' pdbx_database_status          
9  5 'Structure model' pdbx_initial_refinement_model 
10 5 'Structure model' struct_site                   
# 
loop_
_pdbx_audit_revision_item.ordinal 
_pdbx_audit_revision_item.revision_ordinal 
_pdbx_audit_revision_item.data_content_type 
_pdbx_audit_revision_item.item 
1  3 'Structure model' '_diffrn_source.pdbx_synchrotron_site'          
2  3 'Structure model' '_entity_src_gen.pdbx_host_org_scientific_name' 
3  3 'Structure model' '_entity_src_gen.pdbx_host_org_strain'          
4  4 'Structure model' '_exptl_crystal_grow.method'                    
5  5 'Structure model' '_database_2.pdbx_DOI'                          
6  5 'Structure model' '_database_2.pdbx_database_accession'           
7  5 'Structure model' '_pdbx_database_status.status_code_sf'          
8  5 'Structure model' '_struct_site.pdbx_auth_asym_id'                
9  5 'Structure model' '_struct_site.pdbx_auth_comp_id'                
10 5 'Structure model' '_struct_site.pdbx_auth_seq_id'                 
# 
loop_
_software.name 
_software.classification 
_software.version 
_software.citation_id 
_software.pdbx_ordinal 
_software.date 
_software.type 
_software.location 
_software.language 
REFMAC refinement       5.7.0029 ? 1 ? ? ? ? 
XDS    'data reduction' .        ? 2 ? ? ? ? 
SCALA  'data scaling'   .        ? 3 ? ? ? ? 
BALBES phasing          .        ? 4 ? ? ? ? 
# 
loop_
_pdbx_validate_torsion.id 
_pdbx_validate_torsion.PDB_model_num 
_pdbx_validate_torsion.auth_comp_id 
_pdbx_validate_torsion.auth_asym_id 
_pdbx_validate_torsion.auth_seq_id 
_pdbx_validate_torsion.PDB_ins_code 
_pdbx_validate_torsion.label_alt_id 
_pdbx_validate_torsion.phi 
_pdbx_validate_torsion.psi 
1 1 CYS A 9   ? ? -138.12 -145.55 
2 1 ILE A 10  ? ? -94.98  -64.79  
3 1 CYS A 14  ? ? -127.57 -90.29  
4 1 CYS A 14  ? ? -126.16 -92.89  
5 1 GLN A 111 ? ? 70.95   -57.80  
# 
loop_
_pdbx_unobs_or_zero_occ_residues.id 
_pdbx_unobs_or_zero_occ_residues.PDB_model_num 
_pdbx_unobs_or_zero_occ_residues.polymer_flag 
_pdbx_unobs_or_zero_occ_residues.occupancy_flag 
_pdbx_unobs_or_zero_occ_residues.auth_asym_id 
_pdbx_unobs_or_zero_occ_residues.auth_comp_id 
_pdbx_unobs_or_zero_occ_residues.auth_seq_id 
_pdbx_unobs_or_zero_occ_residues.PDB_ins_code 
_pdbx_unobs_or_zero_occ_residues.label_asym_id 
_pdbx_unobs_or_zero_occ_residues.label_comp_id 
_pdbx_unobs_or_zero_occ_residues.label_seq_id 
1  1 Y 1 A MET -26 ? A MET 1  
2  1 Y 1 A LYS -25 ? A LYS 2  
3  1 Y 1 A HIS -24 ? A HIS 3  
4  1 Y 1 A HIS -23 ? A HIS 4  
5  1 Y 1 A HIS -22 ? A HIS 5  
6  1 Y 1 A HIS -21 ? A HIS 6  
7  1 Y 1 A HIS -20 ? A HIS 7  
8  1 Y 1 A HIS -19 ? A HIS 8  
9  1 Y 1 A PRO -18 ? A PRO 9  
10 1 Y 1 A MET -17 ? A MET 10 
11 1 Y 1 A SER -16 ? A SER 11 
12 1 Y 1 A ASP -15 ? A ASP 12 
13 1 Y 1 A TYR -14 ? A TYR 13 
14 1 Y 1 A ASP -13 ? A ASP 14 
15 1 Y 1 A ILE -12 ? A ILE 15 
16 1 Y 1 A PRO -11 ? A PRO 16 
17 1 Y 1 A THR -10 ? A THR 17 
18 1 Y 1 A THR -9  ? A THR 18 
19 1 Y 1 A GLU -8  ? A GLU 19 
# 
loop_
_chem_comp_atom.comp_id 
_chem_comp_atom.atom_id 
_chem_comp_atom.type_symbol 
_chem_comp_atom.pdbx_aromatic_flag 
_chem_comp_atom.pdbx_stereo_config 
_chem_comp_atom.pdbx_ordinal 
ALA N    N N N 1   
ALA CA   C N S 2   
ALA C    C N N 3   
ALA O    O N N 4   
ALA CB   C N N 5   
ALA OXT  O N N 6   
ALA H    H N N 7   
ALA H2   H N N 8   
ALA HA   H N N 9   
ALA HB1  H N N 10  
ALA HB2  H N N 11  
ALA HB3  H N N 12  
ALA HXT  H N N 13  
ARG N    N N N 14  
ARG CA   C N S 15  
ARG C    C N N 16  
ARG O    O N N 17  
ARG CB   C N N 18  
ARG CG   C N N 19  
ARG CD   C N N 20  
ARG NE   N N N 21  
ARG CZ   C N N 22  
ARG NH1  N N N 23  
ARG NH2  N N N 24  
ARG OXT  O N N 25  
ARG H    H N N 26  
ARG H2   H N N 27  
ARG HA   H N N 28  
ARG HB2  H N N 29  
ARG HB3  H N N 30  
ARG HG2  H N N 31  
ARG HG3  H N N 32  
ARG HD2  H N N 33  
ARG HD3  H N N 34  
ARG HE   H N N 35  
ARG HH11 H N N 36  
ARG HH12 H N N 37  
ARG HH21 H N N 38  
ARG HH22 H N N 39  
ARG HXT  H N N 40  
ASN N    N N N 41  
ASN CA   C N S 42  
ASN C    C N N 43  
ASN O    O N N 44  
ASN CB   C N N 45  
ASN CG   C N N 46  
ASN OD1  O N N 47  
ASN ND2  N N N 48  
ASN OXT  O N N 49  
ASN H    H N N 50  
ASN H2   H N N 51  
ASN HA   H N N 52  
ASN HB2  H N N 53  
ASN HB3  H N N 54  
ASN HD21 H N N 55  
ASN HD22 H N N 56  
ASN HXT  H N N 57  
ASP N    N N N 58  
ASP CA   C N S 59  
ASP C    C N N 60  
ASP O    O N N 61  
ASP CB   C N N 62  
ASP CG   C N N 63  
ASP OD1  O N N 64  
ASP OD2  O N N 65  
ASP OXT  O N N 66  
ASP H    H N N 67  
ASP H2   H N N 68  
ASP HA   H N N 69  
ASP HB2  H N N 70  
ASP HB3  H N N 71  
ASP HD2  H N N 72  
ASP HXT  H N N 73  
CYS N    N N N 74  
CYS CA   C N R 75  
CYS C    C N N 76  
CYS O    O N N 77  
CYS CB   C N N 78  
CYS SG   S N N 79  
CYS OXT  O N N 80  
CYS H    H N N 81  
CYS H2   H N N 82  
CYS HA   H N N 83  
CYS HB2  H N N 84  
CYS HB3  H N N 85  
CYS HG   H N N 86  
CYS HXT  H N N 87  
GLN N    N N N 88  
GLN CA   C N S 89  
GLN C    C N N 90  
GLN O    O N N 91  
GLN CB   C N N 92  
GLN CG   C N N 93  
GLN CD   C N N 94  
GLN OE1  O N N 95  
GLN NE2  N N N 96  
GLN OXT  O N N 97  
GLN H    H N N 98  
GLN H2   H N N 99  
GLN HA   H N N 100 
GLN HB2  H N N 101 
GLN HB3  H N N 102 
GLN HG2  H N N 103 
GLN HG3  H N N 104 
GLN HE21 H N N 105 
GLN HE22 H N N 106 
GLN HXT  H N N 107 
GLU N    N N N 108 
GLU CA   C N S 109 
GLU C    C N N 110 
GLU O    O N N 111 
GLU CB   C N N 112 
GLU CG   C N N 113 
GLU CD   C N N 114 
GLU OE1  O N N 115 
GLU OE2  O N N 116 
GLU OXT  O N N 117 
GLU H    H N N 118 
GLU H2   H N N 119 
GLU HA   H N N 120 
GLU HB2  H N N 121 
GLU HB3  H N N 122 
GLU HG2  H N N 123 
GLU HG3  H N N 124 
GLU HE2  H N N 125 
GLU HXT  H N N 126 
GLY N    N N N 127 
GLY CA   C N N 128 
GLY C    C N N 129 
GLY O    O N N 130 
GLY OXT  O N N 131 
GLY H    H N N 132 
GLY H2   H N N 133 
GLY HA2  H N N 134 
GLY HA3  H N N 135 
GLY HXT  H N N 136 
HIS N    N N N 137 
HIS CA   C N S 138 
HIS C    C N N 139 
HIS O    O N N 140 
HIS CB   C N N 141 
HIS CG   C Y N 142 
HIS ND1  N Y N 143 
HIS CD2  C Y N 144 
HIS CE1  C Y N 145 
HIS NE2  N Y N 146 
HIS OXT  O N N 147 
HIS H    H N N 148 
HIS H2   H N N 149 
HIS HA   H N N 150 
HIS HB2  H N N 151 
HIS HB3  H N N 152 
HIS HD1  H N N 153 
HIS HD2  H N N 154 
HIS HE1  H N N 155 
HIS HE2  H N N 156 
HIS HXT  H N N 157 
HOH O    O N N 158 
HOH H1   H N N 159 
HOH H2   H N N 160 
ILE N    N N N 161 
ILE CA   C N S 162 
ILE C    C N N 163 
ILE O    O N N 164 
ILE CB   C N S 165 
ILE CG1  C N N 166 
ILE CG2  C N N 167 
ILE CD1  C N N 168 
ILE OXT  O N N 169 
ILE H    H N N 170 
ILE H2   H N N 171 
ILE HA   H N N 172 
ILE HB   H N N 173 
ILE HG12 H N N 174 
ILE HG13 H N N 175 
ILE HG21 H N N 176 
ILE HG22 H N N 177 
ILE HG23 H N N 178 
ILE HD11 H N N 179 
ILE HD12 H N N 180 
ILE HD13 H N N 181 
ILE HXT  H N N 182 
LEU N    N N N 183 
LEU CA   C N S 184 
LEU C    C N N 185 
LEU O    O N N 186 
LEU CB   C N N 187 
LEU CG   C N N 188 
LEU CD1  C N N 189 
LEU CD2  C N N 190 
LEU OXT  O N N 191 
LEU H    H N N 192 
LEU H2   H N N 193 
LEU HA   H N N 194 
LEU HB2  H N N 195 
LEU HB3  H N N 196 
LEU HG   H N N 197 
LEU HD11 H N N 198 
LEU HD12 H N N 199 
LEU HD13 H N N 200 
LEU HD21 H N N 201 
LEU HD22 H N N 202 
LEU HD23 H N N 203 
LEU HXT  H N N 204 
LYS N    N N N 205 
LYS CA   C N S 206 
LYS C    C N N 207 
LYS O    O N N 208 
LYS CB   C N N 209 
LYS CG   C N N 210 
LYS CD   C N N 211 
LYS CE   C N N 212 
LYS NZ   N N N 213 
LYS OXT  O N N 214 
LYS H    H N N 215 
LYS H2   H N N 216 
LYS HA   H N N 217 
LYS HB2  H N N 218 
LYS HB3  H N N 219 
LYS HG2  H N N 220 
LYS HG3  H N N 221 
LYS HD2  H N N 222 
LYS HD3  H N N 223 
LYS HE2  H N N 224 
LYS HE3  H N N 225 
LYS HZ1  H N N 226 
LYS HZ2  H N N 227 
LYS HZ3  H N N 228 
LYS HXT  H N N 229 
MET N    N N N 230 
MET CA   C N S 231 
MET C    C N N 232 
MET O    O N N 233 
MET CB   C N N 234 
MET CG   C N N 235 
MET SD   S N N 236 
MET CE   C N N 237 
MET OXT  O N N 238 
MET H    H N N 239 
MET H2   H N N 240 
MET HA   H N N 241 
MET HB2  H N N 242 
MET HB3  H N N 243 
MET HG2  H N N 244 
MET HG3  H N N 245 
MET HE1  H N N 246 
MET HE2  H N N 247 
MET HE3  H N N 248 
MET HXT  H N N 249 
PHE N    N N N 250 
PHE CA   C N S 251 
PHE C    C N N 252 
PHE O    O N N 253 
PHE CB   C N N 254 
PHE CG   C Y N 255 
PHE CD1  C Y N 256 
PHE CD2  C Y N 257 
PHE CE1  C Y N 258 
PHE CE2  C Y N 259 
PHE CZ   C Y N 260 
PHE OXT  O N N 261 
PHE H    H N N 262 
PHE H2   H N N 263 
PHE HA   H N N 264 
PHE HB2  H N N 265 
PHE HB3  H N N 266 
PHE HD1  H N N 267 
PHE HD2  H N N 268 
PHE HE1  H N N 269 
PHE HE2  H N N 270 
PHE HZ   H N N 271 
PHE HXT  H N N 272 
PRO N    N N N 273 
PRO CA   C N S 274 
PRO C    C N N 275 
PRO O    O N N 276 
PRO CB   C N N 277 
PRO CG   C N N 278 
PRO CD   C N N 279 
PRO OXT  O N N 280 
PRO H    H N N 281 
PRO HA   H N N 282 
PRO HB2  H N N 283 
PRO HB3  H N N 284 
PRO HG2  H N N 285 
PRO HG3  H N N 286 
PRO HD2  H N N 287 
PRO HD3  H N N 288 
PRO HXT  H N N 289 
SER N    N N N 290 
SER CA   C N S 291 
SER C    C N N 292 
SER O    O N N 293 
SER CB   C N N 294 
SER OG   O N N 295 
SER OXT  O N N 296 
SER H    H N N 297 
SER H2   H N N 298 
SER HA   H N N 299 
SER HB2  H N N 300 
SER HB3  H N N 301 
SER HG   H N N 302 
SER HXT  H N N 303 
SO4 S    S N N 304 
SO4 O1   O N N 305 
SO4 O2   O N N 306 
SO4 O3   O N N 307 
SO4 O4   O N N 308 
THR N    N N N 309 
THR CA   C N S 310 
THR C    C N N 311 
THR O    O N N 312 
THR CB   C N R 313 
THR OG1  O N N 314 
THR CG2  C N N 315 
THR OXT  O N N 316 
THR H    H N N 317 
THR H2   H N N 318 
THR HA   H N N 319 
THR HB   H N N 320 
THR HG1  H N N 321 
THR HG21 H N N 322 
THR HG22 H N N 323 
THR HG23 H N N 324 
THR HXT  H N N 325 
TRP N    N N N 326 
TRP CA   C N S 327 
TRP C    C N N 328 
TRP O    O N N 329 
TRP CB   C N N 330 
TRP CG   C Y N 331 
TRP CD1  C Y N 332 
TRP CD2  C Y N 333 
TRP NE1  N Y N 334 
TRP CE2  C Y N 335 
TRP CE3  C Y N 336 
TRP CZ2  C Y N 337 
TRP CZ3  C Y N 338 
TRP CH2  C Y N 339 
TRP OXT  O N N 340 
TRP H    H N N 341 
TRP H2   H N N 342 
TRP HA   H N N 343 
TRP HB2  H N N 344 
TRP HB3  H N N 345 
TRP HD1  H N N 346 
TRP HE1  H N N 347 
TRP HE3  H N N 348 
TRP HZ2  H N N 349 
TRP HZ3  H N N 350 
TRP HH2  H N N 351 
TRP HXT  H N N 352 
TYR N    N N N 353 
TYR CA   C N S 354 
TYR C    C N N 355 
TYR O    O N N 356 
TYR CB   C N N 357 
TYR CG   C Y N 358 
TYR CD1  C Y N 359 
TYR CD2  C Y N 360 
TYR CE1  C Y N 361 
TYR CE2  C Y N 362 
TYR CZ   C Y N 363 
TYR OH   O N N 364 
TYR OXT  O N N 365 
TYR H    H N N 366 
TYR H2   H N N 367 
TYR HA   H N N 368 
TYR HB2  H N N 369 
TYR HB3  H N N 370 
TYR HD1  H N N 371 
TYR HD2  H N N 372 
TYR HE1  H N N 373 
TYR HE2  H N N 374 
TYR HH   H N N 375 
TYR HXT  H N N 376 
VAL N    N N N 377 
VAL CA   C N S 378 
VAL C    C N N 379 
VAL O    O N N 380 
VAL CB   C N N 381 
VAL CG1  C N N 382 
VAL CG2  C N N 383 
VAL OXT  O N N 384 
VAL H    H N N 385 
VAL H2   H N N 386 
VAL HA   H N N 387 
VAL HB   H N N 388 
VAL HG11 H N N 389 
VAL HG12 H N N 390 
VAL HG13 H N N 391 
VAL HG21 H N N 392 
VAL HG22 H N N 393 
VAL HG23 H N N 394 
VAL HXT  H N N 395 
# 
loop_
_chem_comp_bond.comp_id 
_chem_comp_bond.atom_id_1 
_chem_comp_bond.atom_id_2 
_chem_comp_bond.value_order 
_chem_comp_bond.pdbx_aromatic_flag 
_chem_comp_bond.pdbx_stereo_config 
_chem_comp_bond.pdbx_ordinal 
ALA N   CA   sing N N 1   
ALA N   H    sing N N 2   
ALA N   H2   sing N N 3   
ALA CA  C    sing N N 4   
ALA CA  CB   sing N N 5   
ALA CA  HA   sing N N 6   
ALA C   O    doub N N 7   
ALA C   OXT  sing N N 8   
ALA CB  HB1  sing N N 9   
ALA CB  HB2  sing N N 10  
ALA CB  HB3  sing N N 11  
ALA OXT HXT  sing N N 12  
ARG N   CA   sing N N 13  
ARG N   H    sing N N 14  
ARG N   H2   sing N N 15  
ARG CA  C    sing N N 16  
ARG CA  CB   sing N N 17  
ARG CA  HA   sing N N 18  
ARG C   O    doub N N 19  
ARG C   OXT  sing N N 20  
ARG CB  CG   sing N N 21  
ARG CB  HB2  sing N N 22  
ARG CB  HB3  sing N N 23  
ARG CG  CD   sing N N 24  
ARG CG  HG2  sing N N 25  
ARG CG  HG3  sing N N 26  
ARG CD  NE   sing N N 27  
ARG CD  HD2  sing N N 28  
ARG CD  HD3  sing N N 29  
ARG NE  CZ   sing N N 30  
ARG NE  HE   sing N N 31  
ARG CZ  NH1  sing N N 32  
ARG CZ  NH2  doub N N 33  
ARG NH1 HH11 sing N N 34  
ARG NH1 HH12 sing N N 35  
ARG NH2 HH21 sing N N 36  
ARG NH2 HH22 sing N N 37  
ARG OXT HXT  sing N N 38  
ASN N   CA   sing N N 39  
ASN N   H    sing N N 40  
ASN N   H2   sing N N 41  
ASN CA  C    sing N N 42  
ASN CA  CB   sing N N 43  
ASN CA  HA   sing N N 44  
ASN C   O    doub N N 45  
ASN C   OXT  sing N N 46  
ASN CB  CG   sing N N 47  
ASN CB  HB2  sing N N 48  
ASN CB  HB3  sing N N 49  
ASN CG  OD1  doub N N 50  
ASN CG  ND2  sing N N 51  
ASN ND2 HD21 sing N N 52  
ASN ND2 HD22 sing N N 53  
ASN OXT HXT  sing N N 54  
ASP N   CA   sing N N 55  
ASP N   H    sing N N 56  
ASP N   H2   sing N N 57  
ASP CA  C    sing N N 58  
ASP CA  CB   sing N N 59  
ASP CA  HA   sing N N 60  
ASP C   O    doub N N 61  
ASP C   OXT  sing N N 62  
ASP CB  CG   sing N N 63  
ASP CB  HB2  sing N N 64  
ASP CB  HB3  sing N N 65  
ASP CG  OD1  doub N N 66  
ASP CG  OD2  sing N N 67  
ASP OD2 HD2  sing N N 68  
ASP OXT HXT  sing N N 69  
CYS N   CA   sing N N 70  
CYS N   H    sing N N 71  
CYS N   H2   sing N N 72  
CYS CA  C    sing N N 73  
CYS CA  CB   sing N N 74  
CYS CA  HA   sing N N 75  
CYS C   O    doub N N 76  
CYS C   OXT  sing N N 77  
CYS CB  SG   sing N N 78  
CYS CB  HB2  sing N N 79  
CYS CB  HB3  sing N N 80  
CYS SG  HG   sing N N 81  
CYS OXT HXT  sing N N 82  
GLN N   CA   sing N N 83  
GLN N   H    sing N N 84  
GLN N   H2   sing N N 85  
GLN CA  C    sing N N 86  
GLN CA  CB   sing N N 87  
GLN CA  HA   sing N N 88  
GLN C   O    doub N N 89  
GLN C   OXT  sing N N 90  
GLN CB  CG   sing N N 91  
GLN CB  HB2  sing N N 92  
GLN CB  HB3  sing N N 93  
GLN CG  CD   sing N N 94  
GLN CG  HG2  sing N N 95  
GLN CG  HG3  sing N N 96  
GLN CD  OE1  doub N N 97  
GLN CD  NE2  sing N N 98  
GLN NE2 HE21 sing N N 99  
GLN NE2 HE22 sing N N 100 
GLN OXT HXT  sing N N 101 
GLU N   CA   sing N N 102 
GLU N   H    sing N N 103 
GLU N   H2   sing N N 104 
GLU CA  C    sing N N 105 
GLU CA  CB   sing N N 106 
GLU CA  HA   sing N N 107 
GLU C   O    doub N N 108 
GLU C   OXT  sing N N 109 
GLU CB  CG   sing N N 110 
GLU CB  HB2  sing N N 111 
GLU CB  HB3  sing N N 112 
GLU CG  CD   sing N N 113 
GLU CG  HG2  sing N N 114 
GLU CG  HG3  sing N N 115 
GLU CD  OE1  doub N N 116 
GLU CD  OE2  sing N N 117 
GLU OE2 HE2  sing N N 118 
GLU OXT HXT  sing N N 119 
GLY N   CA   sing N N 120 
GLY N   H    sing N N 121 
GLY N   H2   sing N N 122 
GLY CA  C    sing N N 123 
GLY CA  HA2  sing N N 124 
GLY CA  HA3  sing N N 125 
GLY C   O    doub N N 126 
GLY C   OXT  sing N N 127 
GLY OXT HXT  sing N N 128 
HIS N   CA   sing N N 129 
HIS N   H    sing N N 130 
HIS N   H2   sing N N 131 
HIS CA  C    sing N N 132 
HIS CA  CB   sing N N 133 
HIS CA  HA   sing N N 134 
HIS C   O    doub N N 135 
HIS C   OXT  sing N N 136 
HIS CB  CG   sing N N 137 
HIS CB  HB2  sing N N 138 
HIS CB  HB3  sing N N 139 
HIS CG  ND1  sing Y N 140 
HIS CG  CD2  doub Y N 141 
HIS ND1 CE1  doub Y N 142 
HIS ND1 HD1  sing N N 143 
HIS CD2 NE2  sing Y N 144 
HIS CD2 HD2  sing N N 145 
HIS CE1 NE2  sing Y N 146 
HIS CE1 HE1  sing N N 147 
HIS NE2 HE2  sing N N 148 
HIS OXT HXT  sing N N 149 
HOH O   H1   sing N N 150 
HOH O   H2   sing N N 151 
ILE N   CA   sing N N 152 
ILE N   H    sing N N 153 
ILE N   H2   sing N N 154 
ILE CA  C    sing N N 155 
ILE CA  CB   sing N N 156 
ILE CA  HA   sing N N 157 
ILE C   O    doub N N 158 
ILE C   OXT  sing N N 159 
ILE CB  CG1  sing N N 160 
ILE CB  CG2  sing N N 161 
ILE CB  HB   sing N N 162 
ILE CG1 CD1  sing N N 163 
ILE CG1 HG12 sing N N 164 
ILE CG1 HG13 sing N N 165 
ILE CG2 HG21 sing N N 166 
ILE CG2 HG22 sing N N 167 
ILE CG2 HG23 sing N N 168 
ILE CD1 HD11 sing N N 169 
ILE CD1 HD12 sing N N 170 
ILE CD1 HD13 sing N N 171 
ILE OXT HXT  sing N N 172 
LEU N   CA   sing N N 173 
LEU N   H    sing N N 174 
LEU N   H2   sing N N 175 
LEU CA  C    sing N N 176 
LEU CA  CB   sing N N 177 
LEU CA  HA   sing N N 178 
LEU C   O    doub N N 179 
LEU C   OXT  sing N N 180 
LEU CB  CG   sing N N 181 
LEU CB  HB2  sing N N 182 
LEU CB  HB3  sing N N 183 
LEU CG  CD1  sing N N 184 
LEU CG  CD2  sing N N 185 
LEU CG  HG   sing N N 186 
LEU CD1 HD11 sing N N 187 
LEU CD1 HD12 sing N N 188 
LEU CD1 HD13 sing N N 189 
LEU CD2 HD21 sing N N 190 
LEU CD2 HD22 sing N N 191 
LEU CD2 HD23 sing N N 192 
LEU OXT HXT  sing N N 193 
LYS N   CA   sing N N 194 
LYS N   H    sing N N 195 
LYS N   H2   sing N N 196 
LYS CA  C    sing N N 197 
LYS CA  CB   sing N N 198 
LYS CA  HA   sing N N 199 
LYS C   O    doub N N 200 
LYS C   OXT  sing N N 201 
LYS CB  CG   sing N N 202 
LYS CB  HB2  sing N N 203 
LYS CB  HB3  sing N N 204 
LYS CG  CD   sing N N 205 
LYS CG  HG2  sing N N 206 
LYS CG  HG3  sing N N 207 
LYS CD  CE   sing N N 208 
LYS CD  HD2  sing N N 209 
LYS CD  HD3  sing N N 210 
LYS CE  NZ   sing N N 211 
LYS CE  HE2  sing N N 212 
LYS CE  HE3  sing N N 213 
LYS NZ  HZ1  sing N N 214 
LYS NZ  HZ2  sing N N 215 
LYS NZ  HZ3  sing N N 216 
LYS OXT HXT  sing N N 217 
MET N   CA   sing N N 218 
MET N   H    sing N N 219 
MET N   H2   sing N N 220 
MET CA  C    sing N N 221 
MET CA  CB   sing N N 222 
MET CA  HA   sing N N 223 
MET C   O    doub N N 224 
MET C   OXT  sing N N 225 
MET CB  CG   sing N N 226 
MET CB  HB2  sing N N 227 
MET CB  HB3  sing N N 228 
MET CG  SD   sing N N 229 
MET CG  HG2  sing N N 230 
MET CG  HG3  sing N N 231 
MET SD  CE   sing N N 232 
MET CE  HE1  sing N N 233 
MET CE  HE2  sing N N 234 
MET CE  HE3  sing N N 235 
MET OXT HXT  sing N N 236 
PHE N   CA   sing N N 237 
PHE N   H    sing N N 238 
PHE N   H2   sing N N 239 
PHE CA  C    sing N N 240 
PHE CA  CB   sing N N 241 
PHE CA  HA   sing N N 242 
PHE C   O    doub N N 243 
PHE C   OXT  sing N N 244 
PHE CB  CG   sing N N 245 
PHE CB  HB2  sing N N 246 
PHE CB  HB3  sing N N 247 
PHE CG  CD1  doub Y N 248 
PHE CG  CD2  sing Y N 249 
PHE CD1 CE1  sing Y N 250 
PHE CD1 HD1  sing N N 251 
PHE CD2 CE2  doub Y N 252 
PHE CD2 HD2  sing N N 253 
PHE CE1 CZ   doub Y N 254 
PHE CE1 HE1  sing N N 255 
PHE CE2 CZ   sing Y N 256 
PHE CE2 HE2  sing N N 257 
PHE CZ  HZ   sing N N 258 
PHE OXT HXT  sing N N 259 
PRO N   CA   sing N N 260 
PRO N   CD   sing N N 261 
PRO N   H    sing N N 262 
PRO CA  C    sing N N 263 
PRO CA  CB   sing N N 264 
PRO CA  HA   sing N N 265 
PRO C   O    doub N N 266 
PRO C   OXT  sing N N 267 
PRO CB  CG   sing N N 268 
PRO CB  HB2  sing N N 269 
PRO CB  HB3  sing N N 270 
PRO CG  CD   sing N N 271 
PRO CG  HG2  sing N N 272 
PRO CG  HG3  sing N N 273 
PRO CD  HD2  sing N N 274 
PRO CD  HD3  sing N N 275 
PRO OXT HXT  sing N N 276 
SER N   CA   sing N N 277 
SER N   H    sing N N 278 
SER N   H2   sing N N 279 
SER CA  C    sing N N 280 
SER CA  CB   sing N N 281 
SER CA  HA   sing N N 282 
SER C   O    doub N N 283 
SER C   OXT  sing N N 284 
SER CB  OG   sing N N 285 
SER CB  HB2  sing N N 286 
SER CB  HB3  sing N N 287 
SER OG  HG   sing N N 288 
SER OXT HXT  sing N N 289 
SO4 S   O1   doub N N 290 
SO4 S   O2   doub N N 291 
SO4 S   O3   sing N N 292 
SO4 S   O4   sing N N 293 
THR N   CA   sing N N 294 
THR N   H    sing N N 295 
THR N   H2   sing N N 296 
THR CA  C    sing N N 297 
THR CA  CB   sing N N 298 
THR CA  HA   sing N N 299 
THR C   O    doub N N 300 
THR C   OXT  sing N N 301 
THR CB  OG1  sing N N 302 
THR CB  CG2  sing N N 303 
THR CB  HB   sing N N 304 
THR OG1 HG1  sing N N 305 
THR CG2 HG21 sing N N 306 
THR CG2 HG22 sing N N 307 
THR CG2 HG23 sing N N 308 
THR OXT HXT  sing N N 309 
TRP N   CA   sing N N 310 
TRP N   H    sing N N 311 
TRP N   H2   sing N N 312 
TRP CA  C    sing N N 313 
TRP CA  CB   sing N N 314 
TRP CA  HA   sing N N 315 
TRP C   O    doub N N 316 
TRP C   OXT  sing N N 317 
TRP CB  CG   sing N N 318 
TRP CB  HB2  sing N N 319 
TRP CB  HB3  sing N N 320 
TRP CG  CD1  doub Y N 321 
TRP CG  CD2  sing Y N 322 
TRP CD1 NE1  sing Y N 323 
TRP CD1 HD1  sing N N 324 
TRP CD2 CE2  doub Y N 325 
TRP CD2 CE3  sing Y N 326 
TRP NE1 CE2  sing Y N 327 
TRP NE1 HE1  sing N N 328 
TRP CE2 CZ2  sing Y N 329 
TRP CE3 CZ3  doub Y N 330 
TRP CE3 HE3  sing N N 331 
TRP CZ2 CH2  doub Y N 332 
TRP CZ2 HZ2  sing N N 333 
TRP CZ3 CH2  sing Y N 334 
TRP CZ3 HZ3  sing N N 335 
TRP CH2 HH2  sing N N 336 
TRP OXT HXT  sing N N 337 
TYR N   CA   sing N N 338 
TYR N   H    sing N N 339 
TYR N   H2   sing N N 340 
TYR CA  C    sing N N 341 
TYR CA  CB   sing N N 342 
TYR CA  HA   sing N N 343 
TYR C   O    doub N N 344 
TYR C   OXT  sing N N 345 
TYR CB  CG   sing N N 346 
TYR CB  HB2  sing N N 347 
TYR CB  HB3  sing N N 348 
TYR CG  CD1  doub Y N 349 
TYR CG  CD2  sing Y N 350 
TYR CD1 CE1  sing Y N 351 
TYR CD1 HD1  sing N N 352 
TYR CD2 CE2  doub Y N 353 
TYR CD2 HD2  sing N N 354 
TYR CE1 CZ   doub Y N 355 
TYR CE1 HE1  sing N N 356 
TYR CE2 CZ   sing Y N 357 
TYR CE2 HE2  sing N N 358 
TYR CZ  OH   sing N N 359 
TYR OH  HH   sing N N 360 
TYR OXT HXT  sing N N 361 
VAL N   CA   sing N N 362 
VAL N   H    sing N N 363 
VAL N   H2   sing N N 364 
VAL CA  C    sing N N 365 
VAL CA  CB   sing N N 366 
VAL CA  HA   sing N N 367 
VAL C   O    doub N N 368 
VAL C   OXT  sing N N 369 
VAL CB  CG1  sing N N 370 
VAL CB  CG2  sing N N 371 
VAL CB  HB   sing N N 372 
VAL CG1 HG11 sing N N 373 
VAL CG1 HG12 sing N N 374 
VAL CG1 HG13 sing N N 375 
VAL CG2 HG21 sing N N 376 
VAL CG2 HG22 sing N N 377 
VAL CG2 HG23 sing N N 378 
VAL OXT HXT  sing N N 379 
# 
loop_
_pdbx_entity_nonpoly.entity_id 
_pdbx_entity_nonpoly.name 
_pdbx_entity_nonpoly.comp_id 
2 'SULFATE ION' SO4 
3 water         HOH 
# 
_pdbx_initial_refinement_model.id               1 
_pdbx_initial_refinement_model.entity_id_list   ? 
_pdbx_initial_refinement_model.type             'experimental model' 
_pdbx_initial_refinement_model.source_name      PDB 
_pdbx_initial_refinement_model.accession_code   2WMY 
_pdbx_initial_refinement_model.details          'PDB ENTRY 2WMY' 
# 
